data_7DGD
#
_entry.id   7DGD
#
_cell.length_a   1.00
_cell.length_b   1.00
_cell.length_c   1.00
_cell.angle_alpha   90.00
_cell.angle_beta   90.00
_cell.angle_gamma   90.00
#
_symmetry.space_group_name_H-M   'P 1'
#
_entity_poly.entity_id   1
_entity_poly.type   'polypeptide(L)'
_entity_poly.pdbx_seq_one_letter_code
;GASSQRSVARMDGDVIIGALFSVHHQPPAEKVPERKCGEIREQYGIQRVEAMFHTLDKINADPVLLPNITLGSEIRDSCW
HSSVALEQSIEFIRDSLISIRDEKDGINRCLPDGQSLPPGRTKKPIAGVIGPGSSSVAIQVQNLLQLFDIPQIAYSATSI
DLSDKTLYKYFLRVVPSDTLQARAMLDIVKRYNWTYVSAVHTEGNYGESGMDAFKELAAQEGLCIAHSDKIYSNAGEKSF
DRLLRKLRERLPKARVVVCFCEGMTVRGLLSAMRRLGVVGEFSLIGSDGWADRDEVIEGYEVEANGGITIKLQSPEVRSF
DDYFLKLRLDTNTRNPWFPEFWQHRFQCRLPGHLLENPNFKRICTGNESLEENYVQDSKMGFVINAIYAMAHGLQNMHHA
LCPGHVGLCDAMKPIDGSKLLDFLIKSSFIGVSGEEVWFDEKGDAPGRYDIMNLQYTEANRYDYVHVGTWHEGVLNIDDY
KIQMNKSGVVRSVCSEPCLKGQIKVIRKGEVSCCWICTACKENEYVQDEFTCKACDLGWWPNADLTGCEPIPVRYLEWSN
IESIIAIAFSCLGILVTLFVTLIFVLYRDTPVVKSSSRELCYIILAGIFLGYVCPFTLIAKPTTTSCYLQRLLVGLSSAM
CYSALVTKTNRIARILAGSKKKICTRKPRFMSAWAQVIIASILISVQLTLVVTLIIMEPPMPILSYPSIKEVYLICNTSN
LGVVAPLGYNGLLIMSCTYYAFKTRNVPANFNEAKYIAFTMYTTCIIWLAFVPIYFGSNYKIITTCFAVSLSVTVALGCM
FTPKMYIIIAKPERNVRSAFTTSDVVRMHVGDG
;
_entity_poly.pdbx_strand_id   A,B
#
# COMPACT_ATOMS: atom_id res chain seq x y z
N GLN A 5 4.87 -18.43 63.82
CA GLN A 5 4.19 -17.27 63.17
C GLN A 5 5.33 -16.38 62.62
N ARG A 6 5.13 -15.84 61.40
CA ARG A 6 6.04 -14.89 60.76
C ARG A 6 6.00 -13.53 61.48
N SER A 7 7.19 -13.03 61.85
CA SER A 7 7.36 -11.80 62.61
C SER A 7 7.49 -10.57 61.71
N VAL A 8 7.17 -9.41 62.29
CA VAL A 8 7.10 -8.12 61.61
C VAL A 8 7.77 -7.07 62.50
N ALA A 9 8.35 -6.04 61.85
CA ALA A 9 8.81 -4.83 62.52
C ALA A 9 7.77 -3.73 62.32
N ARG A 10 7.52 -2.96 63.40
CA ARG A 10 6.44 -1.99 63.48
C ARG A 10 6.94 -0.77 64.27
N MET A 11 6.91 0.41 63.63
CA MET A 11 7.23 1.70 64.23
C MET A 11 5.95 2.52 64.30
N ASP A 12 5.67 3.07 65.49
CA ASP A 12 4.47 3.83 65.81
C ASP A 12 4.54 5.26 65.20
N GLY A 13 3.40 5.95 65.26
CA GLY A 13 3.20 7.28 64.71
C GLY A 13 1.69 7.48 64.55
N ASP A 14 1.33 8.25 63.52
CA ASP A 14 -0.04 8.64 63.16
C ASP A 14 -0.32 8.07 61.76
N VAL A 15 0.47 8.52 60.77
CA VAL A 15 0.37 8.07 59.39
C VAL A 15 1.50 7.06 59.16
N ILE A 16 1.15 5.78 59.27
CA ILE A 16 2.09 4.66 59.17
C ILE A 16 2.23 4.24 57.69
N ILE A 17 3.48 3.95 57.26
CA ILE A 17 3.80 3.59 55.87
C ILE A 17 4.40 2.17 55.84
N GLY A 18 3.92 1.34 54.91
CA GLY A 18 4.31 -0.06 54.79
C GLY A 18 5.49 -0.22 53.83
N ALA A 19 6.27 -1.30 53.98
CA ALA A 19 7.45 -1.61 53.17
C ALA A 19 7.63 -3.13 53.09
N LEU A 20 8.41 -3.57 52.10
CA LEU A 20 8.64 -4.99 51.83
C LEU A 20 10.04 -5.44 52.26
N PHE A 21 11.10 -4.87 51.66
CA PHE A 21 12.52 -5.05 52.06
C PHE A 21 12.93 -6.52 52.25
N SER A 22 13.20 -7.22 51.14
CA SER A 22 13.37 -8.68 51.04
C SER A 22 14.37 -9.28 52.07
N VAL A 23 13.86 -9.61 53.27
CA VAL A 23 14.62 -9.99 54.46
C VAL A 23 15.39 -11.29 54.25
N HIS A 24 14.65 -12.41 54.15
CA HIS A 24 15.15 -13.72 53.76
C HIS A 24 15.35 -13.79 52.24
N HIS A 25 16.00 -14.88 51.83
CA HIS A 25 16.10 -15.28 50.43
C HIS A 25 14.78 -15.89 49.94
N GLN A 26 14.79 -16.22 48.65
CA GLN A 26 13.84 -17.11 47.99
C GLN A 26 13.74 -18.44 48.79
N PRO A 27 12.50 -18.88 49.14
CA PRO A 27 12.26 -20.26 49.60
C PRO A 27 12.89 -21.32 48.66
N PRO A 28 13.24 -22.51 49.18
CA PRO A 28 13.74 -23.63 48.34
C PRO A 28 12.82 -23.93 47.14
N ALA A 29 13.44 -24.23 45.98
CA ALA A 29 12.79 -24.37 44.68
C ALA A 29 11.54 -25.28 44.63
N GLU A 30 11.49 -26.27 45.52
CA GLU A 30 10.44 -27.29 45.64
C GLU A 30 9.58 -27.17 46.90
N LYS A 31 9.95 -26.29 47.86
CA LYS A 31 9.20 -26.10 49.11
C LYS A 31 8.15 -24.98 49.04
N VAL A 32 7.93 -24.39 47.85
CA VAL A 32 6.89 -23.40 47.55
C VAL A 32 5.41 -23.77 47.85
N PRO A 33 4.96 -25.06 47.86
CA PRO A 33 3.62 -25.41 48.40
C PRO A 33 3.39 -25.09 49.89
N GLU A 34 4.45 -25.11 50.72
CA GLU A 34 4.44 -24.63 52.11
C GLU A 34 5.17 -23.29 52.29
N ARG A 35 5.85 -22.81 51.24
CA ARG A 35 6.53 -21.52 51.07
C ARG A 35 7.34 -21.05 52.28
N LYS A 36 8.17 -21.96 52.83
CA LYS A 36 9.04 -21.64 53.96
C LYS A 36 10.33 -20.97 53.47
N CYS A 37 10.51 -19.69 53.85
CA CYS A 37 11.65 -18.85 53.48
C CYS A 37 13.01 -19.40 53.93
N GLY A 38 14.04 -19.07 53.13
CA GLY A 38 15.41 -19.50 53.31
C GLY A 38 16.17 -18.60 54.30
N GLU A 39 17.46 -18.42 54.00
CA GLU A 39 18.48 -17.72 54.78
C GLU A 39 18.43 -16.19 54.62
N ILE A 40 18.87 -15.46 55.68
CA ILE A 40 19.00 -14.00 55.71
C ILE A 40 20.01 -13.47 54.64
N ARG A 41 19.73 -12.27 54.11
CA ARG A 41 20.46 -11.71 52.97
C ARG A 41 21.56 -10.71 53.35
N GLU A 42 21.31 -9.92 54.39
CA GLU A 42 22.27 -9.05 55.08
C GLU A 42 23.06 -8.02 54.23
N GLN A 43 22.59 -7.78 53.00
CA GLN A 43 22.91 -6.61 52.17
C GLN A 43 21.63 -5.84 51.79
N TYR A 44 20.55 -6.59 51.49
CA TYR A 44 19.23 -6.05 51.20
C TYR A 44 18.28 -6.16 52.41
N GLY A 45 18.59 -7.06 53.35
CA GLY A 45 17.74 -7.35 54.51
C GLY A 45 17.97 -6.28 55.58
N ILE A 46 19.02 -6.48 56.39
CA ILE A 46 19.24 -5.75 57.64
C ILE A 46 19.95 -4.38 57.47
N GLN A 47 20.50 -4.10 56.28
CA GLN A 47 20.93 -2.74 55.92
C GLN A 47 19.74 -1.82 55.60
N ARG A 48 18.70 -2.35 54.91
CA ARG A 48 17.51 -1.58 54.53
C ARG A 48 16.45 -1.44 55.62
N VAL A 49 16.31 -2.43 56.52
CA VAL A 49 15.34 -2.34 57.62
C VAL A 49 15.70 -1.21 58.60
N GLU A 50 17.01 -0.99 58.79
CA GLU A 50 17.62 0.10 59.56
C GLU A 50 17.57 1.46 58.85
N ALA A 51 17.37 1.47 57.51
CA ALA A 51 17.09 2.67 56.73
C ALA A 51 15.79 3.34 57.20
N MET A 52 14.72 2.53 57.30
CA MET A 52 13.40 2.90 57.82
C MET A 52 13.34 2.99 59.36
N PHE A 53 14.48 2.84 60.06
CA PHE A 53 14.57 3.02 61.51
C PHE A 53 15.38 4.26 61.93
N HIS A 54 16.15 4.88 61.03
CA HIS A 54 16.94 6.08 61.34
C HIS A 54 16.54 7.28 60.47
N THR A 55 16.14 7.03 59.20
CA THR A 55 15.55 8.07 58.34
C THR A 55 14.16 8.46 58.83
N LEU A 56 13.43 7.49 59.38
CA LEU A 56 12.16 7.73 60.06
C LEU A 56 12.34 8.33 61.48
N ASP A 57 13.59 8.50 61.94
CA ASP A 57 13.96 9.26 63.14
C ASP A 57 14.62 10.62 62.79
N LYS A 58 15.00 10.83 61.50
CA LYS A 58 15.32 12.16 60.96
C LYS A 58 14.03 12.96 60.73
N ILE A 59 13.12 12.41 59.90
CA ILE A 59 11.80 12.97 59.57
C ILE A 59 10.93 13.24 60.82
N ASN A 60 11.05 12.39 61.85
CA ASN A 60 10.38 12.51 63.15
C ASN A 60 10.59 13.89 63.80
N ALA A 61 11.86 14.29 63.92
CA ALA A 61 12.29 15.51 64.61
C ALA A 61 12.61 16.67 63.66
N ASP A 62 12.39 16.51 62.33
CA ASP A 62 12.63 17.56 61.32
C ASP A 62 11.42 18.52 61.33
N PRO A 63 11.65 19.82 61.65
CA PRO A 63 10.56 20.81 61.75
C PRO A 63 10.09 21.43 60.42
N VAL A 64 10.60 20.95 59.27
CA VAL A 64 10.23 21.47 57.94
C VAL A 64 9.48 20.42 57.11
N LEU A 65 9.76 19.14 57.31
CA LEU A 65 9.09 18.01 56.66
C LEU A 65 8.36 17.21 57.75
N LEU A 66 7.02 17.30 57.75
CA LEU A 66 6.10 16.85 58.79
C LEU A 66 6.35 17.51 60.16
N PRO A 67 6.07 18.83 60.29
CA PRO A 67 6.05 19.51 61.60
C PRO A 67 4.82 19.11 62.44
N ASN A 68 5.05 18.35 63.52
CA ASN A 68 4.02 17.92 64.50
C ASN A 68 2.98 16.92 63.93
N ILE A 69 3.39 16.14 62.91
CA ILE A 69 2.68 14.92 62.50
C ILE A 69 3.72 13.80 62.63
N THR A 70 3.44 12.84 63.52
CA THR A 70 4.31 11.69 63.79
C THR A 70 4.11 10.64 62.67
N LEU A 71 5.21 10.27 62.01
CA LEU A 71 5.21 9.28 60.92
C LEU A 71 5.56 7.89 61.51
N GLY A 72 5.09 6.81 60.87
CA GLY A 72 5.29 5.45 61.34
C GLY A 72 5.73 4.53 60.20
N SER A 73 6.07 3.28 60.57
CA SER A 73 6.58 2.23 59.68
C SER A 73 5.90 0.88 59.94
N GLU A 74 5.89 0.05 58.88
CA GLU A 74 5.70 -1.39 58.94
C GLU A 74 6.65 -2.01 57.92
N ILE A 75 7.27 -3.15 58.27
CA ILE A 75 8.13 -3.91 57.38
C ILE A 75 7.68 -5.37 57.43
N ARG A 76 7.26 -5.88 56.26
CA ARG A 76 6.78 -7.24 56.06
C ARG A 76 7.67 -7.89 55.00
N ASP A 77 8.44 -8.92 55.39
CA ASP A 77 9.35 -9.67 54.51
C ASP A 77 8.64 -10.20 53.24
N SER A 78 9.31 -10.12 52.10
CA SER A 78 8.78 -10.61 50.83
C SER A 78 9.44 -11.92 50.38
N CYS A 79 10.58 -12.29 51.01
CA CYS A 79 11.40 -13.48 50.75
C CYS A 79 11.77 -13.68 49.26
N TRP A 80 11.88 -12.58 48.49
CA TRP A 80 12.16 -12.56 47.04
C TRP A 80 11.19 -13.39 46.15
N HIS A 81 10.03 -13.82 46.68
CA HIS A 81 9.12 -14.75 46.01
C HIS A 81 7.69 -14.20 46.15
N SER A 82 7.02 -14.08 44.99
CA SER A 82 5.75 -13.38 44.83
C SER A 82 4.58 -13.90 45.69
N SER A 83 4.59 -15.20 46.02
CA SER A 83 3.61 -15.85 46.89
C SER A 83 3.60 -15.29 48.32
N VAL A 84 4.78 -15.15 48.93
CA VAL A 84 4.96 -14.61 50.29
C VAL A 84 4.71 -13.09 50.33
N ALA A 85 5.12 -12.36 49.28
CA ALA A 85 4.82 -10.94 49.09
C ALA A 85 3.32 -10.65 49.03
N LEU A 86 2.56 -11.54 48.37
CA LEU A 86 1.10 -11.46 48.20
C LEU A 86 0.31 -11.80 49.45
N GLU A 87 0.76 -12.81 50.23
CA GLU A 87 0.20 -13.13 51.54
C GLU A 87 0.35 -11.96 52.54
N GLN A 88 1.53 -11.31 52.53
CA GLN A 88 1.82 -10.16 53.37
C GLN A 88 1.10 -8.88 52.95
N SER A 89 0.85 -8.71 51.63
CA SER A 89 0.12 -7.56 51.08
C SER A 89 -1.33 -7.49 51.57
N ILE A 90 -2.02 -8.66 51.69
CA ILE A 90 -3.39 -8.72 52.19
C ILE A 90 -3.56 -8.35 53.68
N GLU A 91 -2.47 -8.35 54.47
CA GLU A 91 -2.48 -7.94 55.88
C GLU A 91 -2.57 -6.42 56.05
N PHE A 92 -1.82 -5.65 55.24
CA PHE A 92 -1.93 -4.19 55.16
C PHE A 92 -3.31 -3.75 54.69
N ILE A 93 -3.82 -4.45 53.66
CA ILE A 93 -5.11 -4.23 53.04
C ILE A 93 -6.26 -4.52 54.02
N ARG A 94 -6.22 -5.68 54.72
CA ARG A 94 -7.16 -6.09 55.77
C ARG A 94 -7.32 -5.05 56.89
N ASP A 95 -6.20 -4.68 57.53
CA ASP A 95 -6.20 -3.72 58.64
C ASP A 95 -6.56 -2.29 58.20
N SER A 96 -6.21 -1.91 56.96
CA SER A 96 -6.65 -0.64 56.36
C SER A 96 -8.17 -0.60 56.12
N LEU A 97 -8.75 -1.67 55.55
CA LEU A 97 -10.19 -1.75 55.24
C LEU A 97 -11.10 -1.97 56.46
N ILE A 98 -10.62 -2.66 57.50
CA ILE A 98 -11.31 -2.78 58.79
C ILE A 98 -11.23 -1.45 59.59
N SER A 99 -10.10 -0.74 59.52
CA SER A 99 -9.87 0.56 60.16
C SER A 99 -10.75 1.68 59.58
N ILE A 100 -10.77 1.84 58.25
CA ILE A 100 -11.59 2.85 57.56
C ILE A 100 -13.09 2.67 57.80
N ARG A 101 -13.55 1.40 57.96
CA ARG A 101 -14.93 1.10 58.31
C ARG A 101 -15.26 1.50 59.76
N ASP A 102 -14.45 1.02 60.72
CA ASP A 102 -14.61 1.25 62.16
C ASP A 102 -13.88 2.56 62.45
N THR A 122 -5.46 0.94 67.50
CA THR A 122 -4.44 -0.14 67.36
C THR A 122 -4.17 -0.48 65.87
N LYS A 123 -5.12 -0.16 64.97
CA LYS A 123 -5.05 -0.38 63.53
C LYS A 123 -5.36 0.96 62.86
N LYS A 124 -4.32 1.59 62.29
CA LYS A 124 -4.44 2.80 61.47
C LYS A 124 -4.24 2.43 59.98
N PRO A 125 -4.84 3.20 59.04
CA PRO A 125 -4.62 2.98 57.59
C PRO A 125 -3.15 3.19 57.16
N ILE A 126 -2.64 2.23 56.40
CA ILE A 126 -1.35 2.35 55.73
C ILE A 126 -1.53 3.18 54.44
N ALA A 127 -0.64 4.17 54.21
CA ALA A 127 -0.80 5.17 53.15
C ALA A 127 -0.14 4.80 51.81
N GLY A 128 0.92 3.99 51.83
CA GLY A 128 1.65 3.62 50.62
C GLY A 128 2.53 2.39 50.90
N VAL A 129 3.23 1.93 49.85
CA VAL A 129 4.17 0.79 49.92
C VAL A 129 5.54 1.21 49.37
N ILE A 130 6.61 1.05 50.17
CA ILE A 130 7.99 1.47 49.85
C ILE A 130 8.69 0.61 48.77
N GLY A 131 7.95 -0.27 48.08
CA GLY A 131 8.41 -0.94 46.88
C GLY A 131 8.78 -2.39 47.21
N PRO A 132 8.27 -3.37 46.43
CA PRO A 132 8.86 -4.70 46.30
C PRO A 132 10.29 -4.65 45.69
N GLY A 133 11.09 -5.68 46.01
CA GLY A 133 12.50 -5.80 45.62
C GLY A 133 12.68 -5.79 44.09
N SER A 134 12.24 -6.87 43.42
CA SER A 134 12.37 -7.04 41.96
C SER A 134 11.27 -6.30 41.16
N SER A 135 11.10 -6.68 39.89
CA SER A 135 10.10 -6.13 38.96
C SER A 135 8.95 -7.11 38.69
N SER A 136 9.23 -8.42 38.67
CA SER A 136 8.24 -9.49 38.44
C SER A 136 7.45 -9.88 39.71
N VAL A 137 7.72 -9.18 40.83
CA VAL A 137 6.85 -9.14 42.01
C VAL A 137 6.21 -7.72 42.18
N ALA A 138 6.73 -6.70 41.47
CA ALA A 138 6.12 -5.38 41.39
C ALA A 138 4.80 -5.36 40.60
N ILE A 139 4.73 -6.13 39.50
CA ILE A 139 3.49 -6.36 38.75
C ILE A 139 2.45 -7.12 39.59
N GLN A 140 2.90 -8.21 40.25
CA GLN A 140 2.06 -9.11 41.05
C GLN A 140 1.58 -8.56 42.39
N VAL A 141 2.17 -7.47 42.90
CA VAL A 141 1.68 -6.78 44.10
C VAL A 141 0.93 -5.48 43.74
N GLN A 142 1.21 -4.87 42.57
CA GLN A 142 0.46 -3.71 42.08
C GLN A 142 -0.94 -4.11 41.58
N ASN A 143 -1.11 -5.26 40.91
CA ASN A 143 -2.43 -5.78 40.50
C ASN A 143 -3.39 -5.98 41.69
N LEU A 144 -2.84 -6.20 42.89
CA LEU A 144 -3.57 -6.22 44.15
C LEU A 144 -3.87 -4.80 44.68
N LEU A 145 -2.85 -3.93 44.79
CA LEU A 145 -2.95 -2.59 45.41
C LEU A 145 -3.66 -1.52 44.56
N GLN A 146 -3.73 -1.72 43.24
CA GLN A 146 -4.49 -0.91 42.29
C GLN A 146 -6.00 -0.87 42.61
N LEU A 147 -6.50 -1.93 43.25
CA LEU A 147 -7.90 -2.14 43.61
C LEU A 147 -8.33 -1.40 44.88
N PHE A 148 -7.37 -0.96 45.71
CA PHE A 148 -7.63 -0.31 47.00
C PHE A 148 -7.19 1.14 47.05
N ASP A 149 -6.63 1.65 45.94
CA ASP A 149 -6.16 3.03 45.77
C ASP A 149 -5.08 3.37 46.80
N ILE A 150 -3.90 2.74 46.65
CA ILE A 150 -2.76 2.87 47.56
C ILE A 150 -1.50 2.84 46.65
N PRO A 151 -0.77 3.98 46.55
CA PRO A 151 0.42 4.05 45.67
C PRO A 151 1.61 3.29 46.26
N GLN A 152 2.18 2.39 45.45
CA GLN A 152 3.51 1.87 45.74
C GLN A 152 4.55 2.69 44.96
N ILE A 153 5.70 2.85 45.62
CA ILE A 153 6.82 3.65 45.17
C ILE A 153 8.08 2.77 45.16
N ALA A 154 8.38 2.19 43.98
CA ALA A 154 9.52 1.29 43.80
C ALA A 154 10.88 2.02 43.78
N TYR A 155 11.94 1.28 44.15
CA TYR A 155 13.31 1.80 44.24
C TYR A 155 14.31 1.01 43.39
N SER A 156 13.88 -0.11 42.77
CA SER A 156 14.74 -1.02 42.00
C SER A 156 14.07 -1.59 40.74
N ALA A 157 12.73 -1.45 40.61
CA ALA A 157 11.90 -2.11 39.59
C ALA A 157 12.07 -1.53 38.17
N THR A 158 13.23 -1.84 37.57
CA THR A 158 13.67 -1.35 36.27
C THR A 158 13.19 -2.31 35.15
N SER A 159 11.88 -2.25 34.87
CA SER A 159 11.22 -2.98 33.78
C SER A 159 10.27 -2.04 33.03
N ILE A 160 10.23 -2.17 31.69
CA ILE A 160 9.56 -1.23 30.80
C ILE A 160 8.03 -1.20 30.91
N ASP A 161 7.36 -2.37 31.01
CA ASP A 161 5.89 -2.47 30.93
C ASP A 161 5.18 -1.96 32.19
N LEU A 162 5.93 -1.60 33.25
CA LEU A 162 5.42 -0.91 34.42
C LEU A 162 5.23 0.60 34.21
N SER A 163 5.50 1.12 32.99
CA SER A 163 5.35 2.53 32.62
C SER A 163 3.97 2.88 32.05
N ASP A 164 3.23 1.94 31.44
CA ASP A 164 1.94 2.25 30.79
C ASP A 164 0.86 2.55 31.85
N LYS A 165 0.36 3.79 31.84
CA LYS A 165 -0.55 4.31 32.86
C LYS A 165 -2.03 3.99 32.60
N THR A 166 -2.31 3.10 31.63
CA THR A 166 -3.64 2.56 31.34
C THR A 166 -3.97 1.40 32.30
N LEU A 167 -3.09 0.39 32.37
CA LEU A 167 -3.15 -0.68 33.37
C LEU A 167 -2.65 -0.17 34.72
N TYR A 168 -1.46 0.46 34.73
CA TYR A 168 -0.67 0.64 35.94
C TYR A 168 -0.65 2.11 36.40
N LYS A 169 -1.63 2.50 37.24
CA LYS A 169 -1.69 3.86 37.81
C LYS A 169 -0.81 4.04 39.05
N TYR A 170 -0.93 3.13 40.02
CA TYR A 170 -0.41 3.26 41.39
C TYR A 170 1.06 2.79 41.53
N PHE A 171 1.90 3.23 40.57
CA PHE A 171 3.27 2.74 40.44
C PHE A 171 4.16 3.80 39.79
N LEU A 172 5.03 4.40 40.62
CA LEU A 172 6.04 5.37 40.23
C LEU A 172 7.35 5.00 40.94
N ARG A 173 8.48 5.44 40.38
CA ARG A 173 9.81 4.94 40.72
C ARG A 173 10.79 6.09 40.94
N VAL A 174 11.71 5.88 41.89
CA VAL A 174 12.89 6.71 42.13
C VAL A 174 14.17 6.10 41.50
N VAL A 175 13.97 5.18 40.54
CA VAL A 175 15.00 4.50 39.76
C VAL A 175 14.61 4.59 38.27
N PRO A 176 15.56 4.96 37.38
CA PRO A 176 15.26 5.18 35.94
C PRO A 176 14.81 3.92 35.19
N SER A 177 13.95 4.15 34.18
CA SER A 177 13.38 3.14 33.28
C SER A 177 14.41 2.65 32.23
N ASP A 178 14.03 1.64 31.44
CA ASP A 178 14.89 0.95 30.46
C ASP A 178 15.00 1.64 29.10
N THR A 179 14.06 2.54 28.76
CA THR A 179 14.15 3.39 27.57
C THR A 179 15.33 4.40 27.65
N LEU A 180 15.71 4.78 28.89
CA LEU A 180 16.87 5.63 29.18
C LEU A 180 18.20 4.89 28.95
N GLN A 181 18.30 3.62 29.37
CA GLN A 181 19.47 2.77 29.10
C GLN A 181 19.67 2.49 27.62
N ALA A 182 18.57 2.21 26.91
CA ALA A 182 18.50 2.07 25.47
C ALA A 182 19.00 3.32 24.74
N ARG A 183 18.55 4.51 25.18
CA ARG A 183 18.98 5.79 24.62
C ARG A 183 20.44 6.14 24.93
N ALA A 184 20.94 5.78 26.13
CA ALA A 184 22.33 5.98 26.54
C ALA A 184 23.33 5.14 25.72
N MET A 185 22.93 3.89 25.39
CA MET A 185 23.66 2.99 24.49
C MET A 185 23.67 3.49 23.04
N LEU A 186 22.54 4.08 22.57
CA LEU A 186 22.46 4.77 21.28
C LEU A 186 23.38 6.00 21.22
N ASP A 187 23.43 6.79 22.31
CA ASP A 187 24.26 7.98 22.40
C ASP A 187 25.76 7.66 22.36
N ILE A 188 26.22 6.63 23.09
CA ILE A 188 27.61 6.16 23.04
C ILE A 188 28.03 5.68 21.64
N VAL A 189 27.19 4.82 21.03
CA VAL A 189 27.39 4.25 19.70
C VAL A 189 27.42 5.32 18.59
N LYS A 190 26.47 6.28 18.64
CA LYS A 190 26.36 7.35 17.65
C LYS A 190 27.31 8.55 17.92
N ARG A 191 28.04 8.56 19.05
CA ARG A 191 29.06 9.58 19.37
C ARG A 191 30.46 9.21 18.82
N TYR A 192 30.64 7.96 18.36
CA TYR A 192 31.86 7.48 17.68
C TYR A 192 31.61 7.13 16.20
N ASN A 193 30.50 7.64 15.61
CA ASN A 193 30.08 7.38 14.22
C ASN A 193 29.85 5.89 13.91
N TRP A 194 29.58 5.06 14.93
CA TRP A 194 29.15 3.67 14.77
C TRP A 194 27.64 3.65 14.42
N THR A 195 27.31 2.94 13.34
CA THR A 195 26.03 3.01 12.63
C THR A 195 25.59 1.64 12.03
N TYR A 196 26.25 0.54 12.41
CA TYR A 196 25.98 -0.82 11.93
C TYR A 196 26.70 -1.80 12.85
N VAL A 197 25.91 -2.42 13.73
CA VAL A 197 26.38 -3.10 14.93
C VAL A 197 25.68 -4.45 15.05
N SER A 198 26.37 -5.46 15.60
CA SER A 198 25.73 -6.68 16.07
C SER A 198 25.04 -6.45 17.43
N ALA A 199 24.01 -7.25 17.71
CA ALA A 199 23.18 -7.14 18.91
C ALA A 199 22.97 -8.51 19.54
N VAL A 200 23.00 -8.55 20.87
CA VAL A 200 22.73 -9.71 21.70
C VAL A 200 21.87 -9.26 22.88
N HIS A 201 20.99 -10.16 23.34
CA HIS A 201 20.23 -9.96 24.57
C HIS A 201 19.76 -11.32 25.11
N THR A 202 19.73 -11.41 26.45
CA THR A 202 19.20 -12.56 27.17
C THR A 202 17.66 -12.63 27.03
N GLU A 203 17.14 -13.86 26.85
CA GLU A 203 15.71 -14.17 26.80
C GLU A 203 14.97 -13.86 28.11
N GLY A 204 13.68 -13.53 28.01
CA GLY A 204 12.85 -13.06 29.12
C GLY A 204 12.39 -11.64 28.80
N ASN A 205 11.90 -10.90 29.80
CA ASN A 205 11.45 -9.52 29.63
C ASN A 205 12.61 -8.51 29.55
N TYR A 206 13.63 -8.60 30.41
CA TYR A 206 14.73 -7.62 30.53
C TYR A 206 15.45 -7.30 29.21
N GLY A 207 16.13 -8.31 28.66
CA GLY A 207 17.00 -8.15 27.49
C GLY A 207 16.18 -7.85 26.23
N GLU A 208 15.06 -8.58 26.06
CA GLU A 208 14.09 -8.43 24.97
C GLU A 208 13.53 -7.00 24.87
N SER A 209 12.97 -6.50 25.98
CA SER A 209 12.39 -5.16 26.10
C SER A 209 13.38 -4.04 25.79
N GLY A 210 14.58 -4.16 26.37
CA GLY A 210 15.66 -3.18 26.22
C GLY A 210 16.19 -3.16 24.79
N MET A 211 16.36 -4.35 24.16
CA MET A 211 16.75 -4.47 22.76
C MET A 211 15.67 -3.97 21.79
N ASP A 212 14.38 -4.25 22.05
CA ASP A 212 13.25 -3.70 21.28
C ASP A 212 13.17 -2.17 21.32
N ALA A 213 13.38 -1.57 22.51
CA ALA A 213 13.48 -0.13 22.70
C ALA A 213 14.66 0.47 21.92
N PHE A 214 15.88 -0.04 22.15
CA PHE A 214 17.10 0.39 21.47
C PHE A 214 17.09 0.21 19.94
N LYS A 215 16.61 -0.95 19.46
CA LYS A 215 16.45 -1.29 18.04
C LYS A 215 15.48 -0.35 17.31
N GLU A 216 14.41 0.06 18.00
CA GLU A 216 13.47 1.07 17.52
C GLU A 216 14.15 2.43 17.38
N LEU A 217 14.78 2.93 18.46
CA LEU A 217 15.48 4.21 18.49
C LEU A 217 16.65 4.31 17.47
N ALA A 218 17.31 3.18 17.19
CA ALA A 218 18.31 3.00 16.15
C ALA A 218 17.75 3.24 14.73
N ALA A 219 16.54 2.73 14.46
CA ALA A 219 15.86 2.83 13.15
C ALA A 219 15.41 4.24 12.71
N GLN A 220 15.60 5.27 13.56
CA GLN A 220 15.31 6.67 13.23
C GLN A 220 16.53 7.49 12.79
N GLU A 221 17.76 6.95 12.92
CA GLU A 221 19.01 7.63 12.56
C GLU A 221 19.91 6.81 11.63
N GLY A 222 19.31 5.85 10.90
CA GLY A 222 19.98 5.11 9.83
C GLY A 222 20.91 3.99 10.35
N LEU A 223 20.84 3.64 11.65
CA LEU A 223 21.51 2.46 12.20
C LEU A 223 20.85 1.19 11.64
N CYS A 224 21.69 0.23 11.21
CA CYS A 224 21.25 -1.03 10.64
C CYS A 224 21.93 -2.14 11.44
N ILE A 225 21.17 -2.77 12.34
CA ILE A 225 21.66 -3.82 13.24
C ILE A 225 22.01 -5.08 12.43
N ALA A 226 23.32 -5.27 12.20
CA ALA A 226 23.95 -6.32 11.37
C ALA A 226 23.54 -7.75 11.73
N HIS A 227 23.28 -7.99 13.03
CA HIS A 227 22.94 -9.29 13.55
C HIS A 227 22.06 -9.12 14.78
N SER A 228 20.73 -9.28 14.59
CA SER A 228 19.78 -9.52 15.68
C SER A 228 19.97 -10.96 16.22
N ASP A 229 19.91 -11.13 17.55
CA ASP A 229 20.22 -12.41 18.19
C ASP A 229 19.48 -12.50 19.53
N LYS A 230 19.29 -13.75 19.98
CA LYS A 230 18.71 -14.16 21.25
C LYS A 230 19.48 -15.38 21.77
N ILE A 231 19.57 -15.50 23.10
CA ILE A 231 20.11 -16.68 23.76
C ILE A 231 19.60 -16.74 25.20
N TYR A 232 19.40 -17.96 25.72
CA TYR A 232 19.05 -18.18 27.13
C TYR A 232 20.32 -18.37 27.99
N SER A 233 20.23 -17.96 29.26
CA SER A 233 21.35 -17.87 30.20
C SER A 233 21.97 -19.22 30.62
N ASN A 234 21.15 -20.27 30.80
CA ASN A 234 21.62 -21.63 31.14
C ASN A 234 21.50 -22.58 29.94
N ALA A 235 21.42 -22.04 28.72
CA ALA A 235 21.51 -22.81 27.48
C ALA A 235 22.89 -23.44 27.33
N GLY A 236 22.97 -24.55 26.56
CA GLY A 236 24.17 -25.38 26.42
C GLY A 236 25.39 -24.61 25.92
N GLU A 237 26.60 -25.16 26.14
CA GLU A 237 27.87 -24.59 25.68
C GLU A 237 27.94 -24.50 24.15
N LYS A 238 27.25 -25.41 23.45
CA LYS A 238 26.97 -25.36 22.01
C LYS A 238 26.22 -24.11 21.57
N SER A 239 25.29 -23.60 22.41
CA SER A 239 24.50 -22.41 22.12
C SER A 239 25.34 -21.10 22.21
N PHE A 240 26.29 -21.04 23.17
CA PHE A 240 27.26 -19.94 23.26
C PHE A 240 28.36 -20.06 22.18
N ASP A 241 28.66 -21.30 21.78
CA ASP A 241 29.67 -21.64 20.78
C ASP A 241 29.18 -21.29 19.36
N ARG A 242 27.93 -21.63 19.02
CA ARG A 242 27.28 -21.25 17.75
C ARG A 242 27.04 -19.72 17.67
N LEU A 243 26.71 -19.09 18.82
CA LEU A 243 26.57 -17.64 18.99
C LEU A 243 27.88 -16.93 18.64
N LEU A 244 29.00 -17.53 19.06
CA LEU A 244 30.35 -17.10 18.72
C LEU A 244 30.59 -17.15 17.21
N ARG A 245 30.35 -18.29 16.54
CA ARG A 245 30.50 -18.45 15.09
C ARG A 245 29.72 -17.42 14.27
N LYS A 246 28.44 -17.22 14.64
CA LYS A 246 27.49 -16.27 14.06
C LYS A 246 27.98 -14.82 14.12
N LEU A 247 28.30 -14.34 15.34
CA LEU A 247 28.79 -12.99 15.60
C LEU A 247 30.22 -12.74 15.08
N ARG A 248 31.08 -13.77 15.15
CA ARG A 248 32.46 -13.77 14.65
C ARG A 248 32.56 -14.00 13.13
N GLU A 249 31.44 -13.86 12.41
CA GLU A 249 31.40 -13.72 10.97
C GLU A 249 31.06 -12.25 10.68
N ARG A 250 31.55 -11.72 9.55
CA ARG A 250 31.49 -10.29 9.16
C ARG A 250 32.39 -9.40 10.05
N LEU A 251 33.51 -9.94 10.58
CA LEU A 251 34.46 -9.25 11.45
C LEU A 251 35.03 -7.90 10.91
N PRO A 252 35.38 -7.79 9.60
CA PRO A 252 35.77 -6.48 9.03
C PRO A 252 34.64 -5.44 8.90
N LYS A 253 33.37 -5.82 9.18
CA LYS A 253 32.18 -5.02 8.90
C LYS A 253 31.62 -4.37 10.18
N ALA A 254 31.57 -5.13 11.28
CA ALA A 254 31.06 -4.68 12.58
C ALA A 254 31.86 -5.35 13.70
N ARG A 255 32.35 -4.54 14.65
CA ARG A 255 33.09 -5.01 15.83
C ARG A 255 32.45 -4.58 17.16
N VAL A 256 31.55 -3.59 17.14
CA VAL A 256 30.84 -3.17 18.34
C VAL A 256 29.55 -3.95 18.50
N VAL A 257 29.62 -5.03 19.29
CA VAL A 257 28.47 -5.82 19.70
C VAL A 257 27.81 -5.17 20.93
N VAL A 258 26.63 -4.60 20.73
CA VAL A 258 25.77 -4.10 21.80
C VAL A 258 25.16 -5.31 22.54
N CYS A 259 25.47 -5.44 23.83
CA CYS A 259 25.05 -6.57 24.64
C CYS A 259 24.09 -6.02 25.71
N PHE A 260 22.78 -6.13 25.45
CA PHE A 260 21.72 -5.82 26.42
C PHE A 260 21.50 -7.06 27.31
N CYS A 261 22.57 -7.42 28.03
CA CYS A 261 22.79 -8.76 28.57
C CYS A 261 22.80 -8.75 30.10
N GLU A 262 22.73 -9.96 30.65
CA GLU A 262 22.95 -10.28 32.05
C GLU A 262 24.39 -10.83 32.17
N GLY A 263 24.96 -10.77 33.39
CA GLY A 263 26.35 -11.16 33.69
C GLY A 263 26.71 -12.60 33.30
N MET A 264 25.81 -13.59 33.49
CA MET A 264 26.08 -15.01 33.22
C MET A 264 26.10 -15.36 31.71
N THR A 265 25.30 -14.65 30.90
CA THR A 265 25.32 -14.75 29.44
C THR A 265 26.65 -14.23 28.84
N VAL A 266 27.16 -13.12 29.40
CA VAL A 266 28.44 -12.50 29.00
C VAL A 266 29.64 -13.32 29.51
N ARG A 267 29.57 -13.88 30.73
CA ARG A 267 30.56 -14.82 31.27
C ARG A 267 30.71 -16.07 30.37
N GLY A 268 29.58 -16.56 29.83
CA GLY A 268 29.52 -17.66 28.87
C GLY A 268 30.17 -17.27 27.53
N LEU A 269 29.90 -16.06 27.01
CA LEU A 269 30.45 -15.57 25.74
C LEU A 269 31.96 -15.27 25.81
N LEU A 270 32.46 -14.83 26.98
CA LEU A 270 33.89 -14.67 27.25
C LEU A 270 34.59 -16.03 27.43
N SER A 271 33.92 -17.02 28.03
CA SER A 271 34.40 -18.39 28.19
C SER A 271 34.49 -19.15 26.86
N ALA A 272 33.51 -18.92 25.98
CA ALA A 272 33.51 -19.43 24.60
C ALA A 272 34.66 -18.85 23.78
N MET A 273 34.93 -17.53 23.95
CA MET A 273 35.98 -16.80 23.25
C MET A 273 37.38 -17.16 23.75
N ARG A 274 37.49 -17.61 25.01
CA ARG A 274 38.68 -18.25 25.57
C ARG A 274 38.97 -19.60 24.89
N ARG A 275 37.94 -20.47 24.77
CA ARG A 275 38.04 -21.83 24.22
C ARG A 275 38.58 -21.85 22.78
N LEU A 276 37.95 -21.06 21.89
CA LEU A 276 38.40 -20.92 20.50
C LEU A 276 39.49 -19.84 20.30
N GLY A 277 39.85 -19.11 21.38
CA GLY A 277 41.01 -18.21 21.46
C GLY A 277 40.97 -17.06 20.45
N VAL A 278 39.84 -16.33 20.38
CA VAL A 278 39.65 -15.17 19.50
C VAL A 278 39.50 -13.90 20.36
N VAL A 279 40.38 -13.83 21.36
CA VAL A 279 40.39 -12.92 22.50
C VAL A 279 40.43 -11.41 22.10
N GLY A 280 41.41 -11.05 21.28
CA GLY A 280 41.66 -9.67 20.87
C GLY A 280 41.16 -9.46 19.45
N GLU A 281 39.84 -9.46 19.25
CA GLU A 281 39.19 -9.18 17.97
C GLU A 281 38.31 -7.93 18.06
N PHE A 282 37.17 -8.03 18.75
CA PHE A 282 36.10 -7.05 18.69
C PHE A 282 35.75 -6.48 20.07
N SER A 283 35.22 -5.24 20.06
CA SER A 283 35.00 -4.42 21.25
C SER A 283 33.52 -4.41 21.64
N LEU A 284 33.12 -5.38 22.47
CA LEU A 284 31.78 -5.42 23.07
C LEU A 284 31.53 -4.23 24.00
N ILE A 285 30.28 -3.74 24.01
CA ILE A 285 29.81 -2.78 25.00
C ILE A 285 28.59 -3.37 25.71
N GLY A 286 28.61 -3.26 27.04
CA GLY A 286 27.69 -3.93 27.95
C GLY A 286 26.45 -3.11 28.22
N SER A 287 25.65 -3.65 29.15
CA SER A 287 24.50 -3.01 29.77
C SER A 287 24.59 -3.22 31.29
N ASP A 288 23.62 -2.64 32.01
CA ASP A 288 23.46 -2.56 33.47
C ASP A 288 23.66 -3.89 34.23
N GLY A 289 23.42 -5.03 33.57
CA GLY A 289 23.68 -6.38 34.07
C GLY A 289 25.07 -6.55 34.66
N TRP A 290 26.14 -5.99 34.05
CA TRP A 290 27.52 -6.16 34.50
C TRP A 290 28.22 -4.79 34.57
N ALA A 291 27.76 -3.96 35.53
CA ALA A 291 28.27 -2.63 35.86
C ALA A 291 29.78 -2.59 36.15
N ASP A 292 30.17 -3.07 37.34
CA ASP A 292 31.56 -3.15 37.80
C ASP A 292 31.86 -4.45 38.56
N ARG A 293 30.85 -5.31 38.75
CA ARG A 293 30.97 -6.58 39.45
C ARG A 293 31.84 -7.57 38.65
N ASP A 294 32.66 -8.35 39.38
CA ASP A 294 33.76 -9.12 38.81
C ASP A 294 33.43 -10.58 38.50
N GLU A 295 32.26 -11.09 38.92
CA GLU A 295 31.80 -12.45 38.57
C GLU A 295 31.62 -12.66 37.06
N VAL A 296 31.31 -11.57 36.32
CA VAL A 296 31.25 -11.53 34.86
C VAL A 296 32.60 -11.78 34.16
N ILE A 297 33.72 -11.38 34.81
CA ILE A 297 35.04 -11.28 34.17
C ILE A 297 36.08 -12.25 34.74
N GLU A 298 35.99 -12.67 36.01
CA GLU A 298 36.97 -13.50 36.73
C GLU A 298 37.34 -14.80 35.98
N GLY A 299 38.61 -14.88 35.58
CA GLY A 299 39.21 -15.95 34.79
C GLY A 299 39.32 -15.58 33.29
N TYR A 300 38.60 -14.54 32.83
CA TYR A 300 38.50 -14.10 31.44
C TYR A 300 38.90 -12.62 31.27
N GLU A 301 39.85 -12.14 32.10
CA GLU A 301 40.29 -10.74 32.16
C GLU A 301 40.91 -10.19 30.86
N VAL A 302 41.43 -11.09 30.01
CA VAL A 302 42.13 -10.75 28.78
C VAL A 302 41.18 -10.45 27.58
N GLU A 303 39.97 -11.05 27.56
CA GLU A 303 38.99 -10.89 26.47
C GLU A 303 38.24 -9.54 26.46
N ALA A 304 38.10 -8.88 27.63
CA ALA A 304 37.18 -7.76 27.81
C ALA A 304 37.83 -6.37 27.86
N ASN A 305 39.17 -6.28 27.81
CA ASN A 305 39.92 -5.02 27.91
C ASN A 305 39.50 -3.99 26.84
N GLY A 306 39.20 -2.75 27.26
CA GLY A 306 38.60 -1.75 26.38
C GLY A 306 37.12 -2.04 26.15
N GLY A 307 36.38 -2.44 27.21
CA GLY A 307 34.97 -2.76 27.16
C GLY A 307 34.22 -1.75 28.02
N ILE A 308 33.34 -0.96 27.38
CA ILE A 308 32.43 0.00 28.02
C ILE A 308 31.20 -0.73 28.60
N THR A 309 30.68 -0.20 29.70
CA THR A 309 29.38 -0.57 30.28
C THR A 309 28.55 0.72 30.44
N ILE A 310 27.32 0.57 30.95
CA ILE A 310 26.68 1.66 31.70
C ILE A 310 26.17 1.06 33.01
N LYS A 311 26.19 1.89 34.06
CA LYS A 311 25.65 1.56 35.37
C LYS A 311 24.81 2.74 35.85
N LEU A 312 24.01 2.49 36.88
CA LEU A 312 23.29 3.54 37.62
C LEU A 312 24.27 4.29 38.54
N GLN A 313 23.97 5.57 38.80
CA GLN A 313 24.63 6.35 39.82
C GLN A 313 23.75 6.33 41.06
N SER A 314 24.05 5.41 41.98
CA SER A 314 23.45 5.34 43.31
C SER A 314 24.59 5.62 44.29
N PRO A 315 24.78 6.91 44.70
CA PRO A 315 25.87 7.28 45.61
C PRO A 315 25.68 6.65 46.99
N GLU A 316 26.76 6.02 47.49
CA GLU A 316 26.83 5.48 48.85
C GLU A 316 26.54 6.60 49.87
N VAL A 317 25.59 6.33 50.78
CA VAL A 317 25.13 7.31 51.75
C VAL A 317 26.02 7.22 53.00
N ARG A 318 26.83 8.26 53.23
CA ARG A 318 27.70 8.33 54.39
C ARG A 318 26.93 8.53 55.71
N SER A 319 25.71 9.13 55.66
CA SER A 319 24.83 9.32 56.83
C SER A 319 24.32 8.03 57.49
N PHE A 320 24.59 6.85 56.91
CA PHE A 320 24.15 5.56 57.43
C PHE A 320 25.27 4.73 58.08
N ASP A 321 26.49 4.75 57.52
CA ASP A 321 27.64 3.96 58.00
C ASP A 321 27.98 4.24 59.47
N ASP A 322 27.81 5.51 59.89
CA ASP A 322 27.87 5.93 61.29
C ASP A 322 26.87 5.17 62.17
N TYR A 323 25.58 5.20 61.81
CA TYR A 323 24.48 4.59 62.55
C TYR A 323 24.59 3.06 62.67
N PHE A 324 24.68 2.35 61.53
CA PHE A 324 24.65 0.90 61.47
C PHE A 324 25.79 0.19 62.20
N LEU A 325 27.00 0.73 62.03
CA LEU A 325 28.24 0.15 62.56
C LEU A 325 28.50 0.48 64.03
N LYS A 326 27.62 1.27 64.66
CA LYS A 326 27.58 1.50 66.11
C LYS A 326 26.47 0.67 66.80
N LEU A 327 25.69 -0.10 66.03
CA LEU A 327 24.64 -0.98 66.55
C LEU A 327 25.23 -2.22 67.23
N ARG A 328 24.50 -2.77 68.21
CA ARG A 328 24.88 -3.95 68.98
C ARG A 328 23.65 -4.85 69.15
N LEU A 329 23.87 -6.17 69.19
CA LEU A 329 22.85 -7.21 69.41
C LEU A 329 21.96 -6.97 70.64
N ASP A 330 22.59 -6.57 71.75
CA ASP A 330 21.99 -6.44 73.07
C ASP A 330 21.11 -5.19 73.27
N THR A 331 21.21 -4.18 72.38
CA THR A 331 20.52 -2.90 72.50
C THR A 331 19.80 -2.52 71.18
N ASN A 332 19.13 -3.51 70.55
CA ASN A 332 18.26 -3.30 69.40
C ASN A 332 17.08 -4.26 69.51
N THR A 333 15.96 -3.74 70.02
CA THR A 333 14.73 -4.49 70.32
C THR A 333 13.58 -4.16 69.34
N ARG A 334 13.81 -3.23 68.39
CA ARG A 334 12.85 -2.84 67.35
C ARG A 334 13.04 -3.61 66.03
N ASN A 335 14.07 -4.47 65.95
CA ASN A 335 14.38 -5.30 64.80
C ASN A 335 14.41 -6.78 65.23
N PRO A 336 13.25 -7.49 65.15
CA PRO A 336 13.29 -8.95 64.94
C PRO A 336 13.94 -9.29 63.57
N TRP A 337 14.54 -10.49 63.47
CA TRP A 337 15.48 -10.95 62.42
C TRP A 337 16.95 -10.56 62.72
N PHE A 338 17.17 -9.63 63.66
CA PHE A 338 18.49 -9.20 64.10
C PHE A 338 19.33 -10.23 64.90
N PRO A 339 18.74 -11.13 65.74
CA PRO A 339 19.55 -12.14 66.44
C PRO A 339 20.06 -13.24 65.49
N GLU A 340 19.24 -13.62 64.50
CA GLU A 340 19.62 -14.52 63.42
C GLU A 340 20.68 -13.90 62.46
N PHE A 341 20.59 -12.58 62.22
CA PHE A 341 21.63 -11.83 61.49
C PHE A 341 23.01 -11.87 62.16
N TRP A 342 23.04 -11.73 63.50
CA TRP A 342 24.27 -11.80 64.28
C TRP A 342 24.89 -13.20 64.23
N GLN A 343 24.05 -14.22 64.44
CA GLN A 343 24.43 -15.64 64.35
C GLN A 343 24.92 -16.07 62.97
N HIS A 344 24.29 -15.56 61.89
CA HIS A 344 24.69 -15.80 60.50
C HIS A 344 25.95 -15.03 60.08
N ARG A 345 26.20 -13.87 60.70
CA ARG A 345 27.37 -13.03 60.43
C ARG A 345 28.63 -13.52 61.17
N PHE A 346 28.46 -14.03 62.40
CA PHE A 346 29.55 -14.26 63.35
C PHE A 346 29.74 -15.73 63.73
N GLN A 347 29.01 -16.68 63.11
CA GLN A 347 29.17 -18.14 63.27
C GLN A 347 28.94 -18.65 64.70
N CYS A 348 28.29 -17.85 65.56
CA CYS A 348 28.23 -18.07 66.99
C CYS A 348 26.79 -18.11 67.48
N ARG A 349 26.34 -19.32 67.81
CA ARG A 349 25.10 -19.63 68.52
C ARG A 349 25.08 -18.91 69.87
N LEU A 350 24.02 -18.12 70.10
CA LEU A 350 23.84 -17.35 71.33
C LEU A 350 22.61 -17.91 72.04
N PRO A 351 22.80 -18.84 73.00
CA PRO A 351 21.68 -19.46 73.74
C PRO A 351 21.09 -18.57 74.86
N GLY A 352 21.60 -17.34 75.04
CA GLY A 352 21.10 -16.35 75.98
C GLY A 352 19.68 -15.92 75.59
N HIS A 353 19.51 -15.43 74.35
CA HIS A 353 18.21 -15.26 73.71
C HIS A 353 17.82 -16.54 72.96
N LEU A 354 16.51 -16.73 72.72
CA LEU A 354 15.95 -17.86 72.00
C LEU A 354 16.26 -17.81 70.49
N LEU A 355 15.98 -18.94 69.81
CA LEU A 355 16.12 -19.16 68.36
C LEU A 355 17.58 -19.13 67.91
N GLU A 356 18.38 -20.01 68.52
CA GLU A 356 19.80 -20.18 68.26
C GLU A 356 20.03 -21.45 67.42
N ASN A 357 20.73 -21.27 66.28
CA ASN A 357 21.00 -22.33 65.30
C ASN A 357 22.05 -23.34 65.83
N PRO A 358 21.89 -24.64 65.52
CA PRO A 358 22.76 -25.70 66.05
C PRO A 358 24.14 -25.80 65.37
N ASN A 359 24.21 -25.51 64.05
CA ASN A 359 25.41 -25.61 63.21
C ASN A 359 26.53 -24.63 63.62
N PHE A 360 26.14 -23.56 64.34
CA PHE A 360 27.05 -22.60 64.92
C PHE A 360 27.49 -23.11 66.31
N LYS A 361 28.79 -23.36 66.45
CA LYS A 361 29.45 -23.55 67.75
C LYS A 361 30.12 -22.22 68.15
N ARG A 362 31.14 -22.27 69.03
CA ARG A 362 31.96 -21.13 69.50
C ARG A 362 31.12 -19.91 69.94
N ILE A 363 30.34 -20.08 71.02
CA ILE A 363 29.47 -19.07 71.62
C ILE A 363 30.24 -17.77 71.92
N CYS A 364 29.64 -16.63 71.53
CA CYS A 364 30.29 -15.33 71.51
C CYS A 364 29.62 -14.34 72.46
N THR A 365 30.09 -13.09 72.39
CA THR A 365 29.59 -11.93 73.13
C THR A 365 28.86 -10.97 72.16
N GLY A 366 28.50 -9.76 72.64
CA GLY A 366 27.91 -8.70 71.82
C GLY A 366 28.98 -7.72 71.31
N ASN A 367 30.21 -7.76 71.85
CA ASN A 367 31.35 -6.90 71.53
C ASN A 367 32.08 -7.36 70.25
N GLU A 368 31.34 -7.43 69.14
CA GLU A 368 31.87 -7.80 67.82
C GLU A 368 31.94 -6.56 66.92
N SER A 369 32.91 -6.62 66.00
CA SER A 369 33.04 -5.69 64.90
C SER A 369 32.07 -6.05 63.76
N LEU A 370 31.07 -5.18 63.55
CA LEU A 370 30.21 -5.16 62.36
C LEU A 370 30.97 -4.66 61.11
N GLU A 371 32.27 -4.34 61.26
CA GLU A 371 33.16 -3.74 60.29
C GLU A 371 33.78 -4.78 59.34
N GLU A 372 33.80 -6.07 59.74
CA GLU A 372 34.38 -7.21 59.02
C GLU A 372 33.85 -7.33 57.59
N ASN A 373 34.62 -6.83 56.61
CA ASN A 373 34.26 -6.77 55.19
C ASN A 373 32.93 -6.01 54.97
N TYR A 374 32.66 -4.97 55.77
CA TYR A 374 31.49 -4.12 55.59
C TYR A 374 31.57 -3.37 54.26
N VAL A 375 30.49 -3.49 53.49
CA VAL A 375 30.28 -2.78 52.25
C VAL A 375 28.86 -2.21 52.34
N GLN A 376 28.77 -0.87 52.21
CA GLN A 376 27.51 -0.15 52.07
C GLN A 376 26.80 -0.58 50.77
N ASP A 377 25.49 -0.87 50.86
CA ASP A 377 24.65 -1.32 49.73
C ASP A 377 24.76 -0.32 48.56
N SER A 378 24.74 -0.86 47.33
CA SER A 378 24.59 -0.10 46.10
C SER A 378 23.30 0.74 46.13
N LYS A 379 22.16 0.05 46.30
CA LYS A 379 20.82 0.64 46.26
C LYS A 379 20.27 0.87 47.68
N MET A 380 20.93 1.75 48.43
CA MET A 380 20.45 2.28 49.71
C MET A 380 20.38 3.82 49.72
N GLY A 381 20.93 4.49 48.69
CA GLY A 381 20.58 5.89 48.38
C GLY A 381 19.12 5.98 47.92
N PHE A 382 18.62 4.94 47.22
CA PHE A 382 17.28 4.86 46.66
C PHE A 382 16.14 4.65 47.68
N VAL A 383 16.40 3.97 48.81
CA VAL A 383 15.36 3.77 49.84
C VAL A 383 14.99 5.09 50.55
N ILE A 384 15.99 5.98 50.71
CA ILE A 384 15.87 7.23 51.44
C ILE A 384 15.52 8.42 50.51
N ASN A 385 15.72 8.28 49.20
CA ASN A 385 15.06 9.11 48.19
C ASN A 385 13.56 8.75 48.09
N ALA A 386 13.23 7.45 48.17
CA ALA A 386 11.87 6.91 48.07
C ALA A 386 10.94 7.34 49.22
N ILE A 387 11.39 7.18 50.49
CA ILE A 387 10.60 7.58 51.66
C ILE A 387 10.32 9.09 51.70
N TYR A 388 11.28 9.91 51.25
CA TYR A 388 11.18 11.37 51.18
C TYR A 388 10.20 11.86 50.10
N ALA A 389 10.14 11.13 48.97
CA ALA A 389 9.10 11.32 47.96
C ALA A 389 7.68 11.05 48.49
N MET A 390 7.54 10.10 49.42
CA MET A 390 6.31 9.74 50.11
C MET A 390 5.99 10.62 51.33
N ALA A 391 6.97 11.39 51.83
CA ALA A 391 6.81 12.26 52.99
C ALA A 391 6.59 13.74 52.61
N HIS A 392 6.73 14.09 51.31
CA HIS A 392 6.33 15.39 50.76
C HIS A 392 4.97 15.38 50.05
N GLY A 393 4.41 14.18 49.77
CA GLY A 393 3.00 14.04 49.42
C GLY A 393 2.12 14.40 50.64
N LEU A 394 2.60 14.08 51.85
CA LEU A 394 2.02 14.45 53.15
C LEU A 394 2.38 15.88 53.61
N GLN A 395 3.01 16.69 52.76
CA GLN A 395 3.25 18.11 53.02
C GLN A 395 2.41 18.95 52.04
N ASN A 396 2.33 18.53 50.77
CA ASN A 396 1.41 19.06 49.75
C ASN A 396 -0.05 18.87 50.18
N MET A 397 -0.40 17.68 50.69
CA MET A 397 -1.73 17.37 51.23
C MET A 397 -2.04 18.16 52.51
N HIS A 398 -1.08 18.18 53.46
CA HIS A 398 -1.24 18.83 54.77
C HIS A 398 -1.40 20.36 54.73
N HIS A 399 -1.05 21.00 53.60
CA HIS A 399 -1.16 22.46 53.44
C HIS A 399 -2.20 22.87 52.40
N ALA A 400 -2.47 22.03 51.38
CA ALA A 400 -3.50 22.30 50.37
C ALA A 400 -4.92 21.93 50.83
N LEU A 401 -5.04 20.89 51.68
CA LEU A 401 -6.31 20.33 52.15
C LEU A 401 -6.55 20.58 53.65
N CYS A 402 -5.48 20.86 54.43
CA CYS A 402 -5.57 21.25 55.85
C CYS A 402 -4.80 22.58 56.11
N PRO A 403 -5.18 23.70 55.45
CA PRO A 403 -4.46 24.97 55.55
C PRO A 403 -4.50 25.58 56.97
N GLY A 404 -3.30 25.78 57.55
CA GLY A 404 -3.11 26.37 58.87
C GLY A 404 -3.59 25.44 59.98
N HIS A 405 -2.93 24.28 60.13
CA HIS A 405 -3.22 23.31 61.19
C HIS A 405 -1.91 22.64 61.65
N VAL A 406 -1.87 22.35 62.97
CA VAL A 406 -0.83 21.54 63.61
C VAL A 406 -1.47 20.17 63.96
N GLY A 407 -0.93 19.11 63.34
CA GLY A 407 -1.60 17.81 63.28
C GLY A 407 -2.58 17.79 62.08
N LEU A 408 -3.15 16.61 61.81
CA LEU A 408 -4.08 16.37 60.71
C LEU A 408 -5.48 16.96 61.01
N CYS A 409 -6.03 17.72 60.06
CA CYS A 409 -7.44 18.12 60.05
C CYS A 409 -8.34 16.95 59.63
N ASP A 410 -9.66 17.13 59.77
CA ASP A 410 -10.67 16.07 59.67
C ASP A 410 -10.78 15.42 58.28
N ALA A 411 -10.74 16.24 57.21
CA ALA A 411 -10.85 15.78 55.82
C ALA A 411 -9.68 14.92 55.32
N MET A 412 -8.52 15.00 56.00
CA MET A 412 -7.32 14.23 55.69
C MET A 412 -7.18 12.96 56.53
N LYS A 413 -7.86 12.92 57.69
CA LYS A 413 -7.63 11.99 58.80
C LYS A 413 -7.77 10.48 58.47
N PRO A 414 -8.81 10.04 57.71
CA PRO A 414 -8.91 8.65 57.27
C PRO A 414 -8.35 8.48 55.85
N ILE A 415 -7.02 8.66 55.72
CA ILE A 415 -6.29 9.01 54.49
C ILE A 415 -6.62 8.13 53.25
N ASP A 416 -6.91 8.80 52.13
CA ASP A 416 -7.25 8.24 50.82
C ASP A 416 -5.96 7.89 50.02
N GLY A 417 -6.11 7.67 48.69
CA GLY A 417 -4.99 7.42 47.78
C GLY A 417 -5.16 8.14 46.43
N SER A 418 -6.40 8.47 46.01
CA SER A 418 -6.69 9.03 44.69
C SER A 418 -6.17 10.46 44.49
N LYS A 419 -6.33 11.31 45.53
CA LYS A 419 -5.77 12.65 45.61
C LYS A 419 -4.30 12.64 46.05
N LEU A 420 -3.95 11.69 46.92
CA LEU A 420 -2.60 11.49 47.45
C LEU A 420 -1.58 11.10 46.37
N LEU A 421 -2.00 10.31 45.37
CA LEU A 421 -1.19 9.96 44.20
C LEU A 421 -0.84 11.17 43.32
N ASP A 422 -1.78 12.12 43.13
CA ASP A 422 -1.51 13.39 42.44
C ASP A 422 -0.57 14.31 43.22
N PHE A 423 -0.72 14.36 44.55
CA PHE A 423 0.21 15.07 45.43
C PHE A 423 1.62 14.45 45.50
N LEU A 424 1.77 13.19 45.08
CA LEU A 424 3.07 12.54 44.81
C LEU A 424 3.59 12.83 43.40
N ILE A 425 2.75 12.69 42.35
CA ILE A 425 3.20 12.77 40.94
C ILE A 425 3.69 14.18 40.54
N LYS A 426 3.25 15.21 41.28
CA LYS A 426 3.72 16.59 41.19
C LYS A 426 4.73 16.97 42.29
N SER A 427 5.11 16.04 43.18
CA SER A 427 6.17 16.26 44.16
C SER A 427 7.55 16.21 43.49
N SER A 428 8.41 17.13 43.96
CA SER A 428 9.84 17.16 43.73
C SER A 428 10.51 17.60 45.04
N PHE A 429 11.82 17.39 45.12
CA PHE A 429 12.60 17.67 46.31
C PHE A 429 14.08 17.75 45.94
N ILE A 430 14.95 17.79 46.96
CA ILE A 430 16.36 17.42 46.83
C ILE A 430 16.55 16.12 47.63
N GLY A 431 17.38 15.21 47.12
CA GLY A 431 17.67 13.91 47.75
C GLY A 431 18.64 14.08 48.92
N VAL A 432 19.31 12.98 49.28
CA VAL A 432 20.34 12.97 50.33
C VAL A 432 21.77 13.10 49.76
N SER A 433 21.93 12.92 48.44
CA SER A 433 23.21 13.00 47.73
C SER A 433 23.31 14.23 46.80
N GLY A 434 22.53 15.29 47.10
CA GLY A 434 22.55 16.57 46.40
C GLY A 434 21.69 16.58 45.13
N GLU A 435 21.54 15.44 44.45
CA GLU A 435 20.66 15.25 43.29
C GLU A 435 19.20 15.18 43.73
N GLU A 436 18.31 15.75 42.90
CA GLU A 436 16.88 15.81 43.15
C GLU A 436 16.13 14.53 42.73
N VAL A 437 15.07 14.21 43.49
CA VAL A 437 14.06 13.23 43.12
C VAL A 437 12.84 13.99 42.60
N TRP A 438 12.36 13.62 41.41
CA TRP A 438 11.20 14.22 40.75
C TRP A 438 10.65 13.20 39.76
N PHE A 439 9.31 13.18 39.64
CA PHE A 439 8.59 12.23 38.79
C PHE A 439 8.03 12.99 37.60
N ASP A 440 8.25 12.45 36.39
CA ASP A 440 7.54 12.90 35.20
C ASP A 440 6.13 12.27 35.15
N GLU A 441 5.47 12.44 34.00
CA GLU A 441 4.07 12.11 33.72
C GLU A 441 3.71 10.61 33.79
N LYS A 442 4.70 9.71 33.91
CA LYS A 442 4.49 8.27 33.92
C LYS A 442 5.34 7.54 34.98
N GLY A 443 5.75 8.29 36.02
CA GLY A 443 6.41 7.76 37.22
C GLY A 443 7.89 7.42 37.00
N ASP A 444 8.48 7.83 35.88
CA ASP A 444 9.88 7.58 35.55
C ASP A 444 10.78 8.66 36.19
N ALA A 445 11.68 8.21 37.07
CA ALA A 445 12.73 9.04 37.67
C ALA A 445 13.81 9.46 36.64
N PRO A 446 14.61 10.50 36.98
CA PRO A 446 15.65 11.02 36.08
C PRO A 446 16.82 10.03 35.85
N GLY A 447 17.29 9.99 34.60
CA GLY A 447 18.38 9.12 34.16
C GLY A 447 19.71 9.86 34.31
N ARG A 448 20.37 9.68 35.46
CA ARG A 448 21.75 10.09 35.73
C ARG A 448 22.58 8.79 35.81
N TYR A 449 23.18 8.43 34.67
CA TYR A 449 23.95 7.19 34.49
C TYR A 449 25.43 7.47 34.36
N ASP A 450 26.24 6.58 34.94
CA ASP A 450 27.70 6.56 34.78
C ASP A 450 28.08 5.66 33.59
N ILE A 451 29.35 5.77 33.20
CA ILE A 451 30.01 4.90 32.25
C ILE A 451 31.29 4.39 32.91
N MET A 452 31.57 3.09 32.73
CA MET A 452 32.77 2.44 33.23
C MET A 452 33.38 1.59 32.13
N ASN A 453 34.50 2.09 31.56
CA ASN A 453 35.46 1.26 30.82
C ASN A 453 36.22 0.37 31.80
N LEU A 454 36.58 -0.85 31.36
CA LEU A 454 37.43 -1.76 32.10
C LEU A 454 38.78 -1.90 31.39
N GLN A 455 39.85 -1.77 32.19
CA GLN A 455 41.24 -1.78 31.74
C GLN A 455 42.16 -2.00 32.96
N TYR A 456 43.34 -2.60 32.73
CA TYR A 456 44.35 -2.76 33.76
C TYR A 456 45.33 -1.57 33.70
N THR A 457 45.37 -0.83 34.82
CA THR A 457 46.10 0.44 34.94
C THR A 457 47.54 0.21 35.43
N GLU A 458 47.70 -0.41 36.62
CA GLU A 458 48.97 -0.88 37.16
C GLU A 458 49.22 -2.34 36.71
N ALA A 459 50.19 -3.02 37.33
CA ALA A 459 50.62 -4.38 37.02
C ALA A 459 49.49 -5.43 37.14
N ASN A 460 48.95 -5.83 35.98
CA ASN A 460 47.95 -6.89 35.73
C ASN A 460 46.54 -6.67 36.34
N ARG A 461 46.34 -5.59 37.11
CA ARG A 461 45.13 -5.36 37.90
C ARG A 461 44.01 -4.72 37.06
N TYR A 462 43.21 -5.58 36.40
CA TYR A 462 42.01 -5.23 35.64
C TYR A 462 40.90 -4.70 36.57
N ASP A 463 40.54 -3.43 36.36
CA ASP A 463 39.51 -2.72 37.13
C ASP A 463 38.61 -1.91 36.21
N TYR A 464 37.45 -1.52 36.75
CA TYR A 464 36.51 -0.58 36.14
C TYR A 464 36.87 0.84 36.56
N VAL A 465 37.23 1.66 35.57
CA VAL A 465 37.55 3.07 35.74
C VAL A 465 36.39 3.93 35.23
N HIS A 466 35.97 4.91 36.05
CA HIS A 466 34.99 5.92 35.66
C HIS A 466 35.62 6.89 34.65
N VAL A 467 34.87 7.14 33.56
CA VAL A 467 35.33 7.89 32.39
C VAL A 467 34.32 8.96 31.94
N GLY A 468 33.46 9.41 32.86
CA GLY A 468 32.44 10.42 32.60
C GLY A 468 31.05 9.81 32.77
N THR A 469 30.03 10.64 32.53
CA THR A 469 28.63 10.28 32.73
C THR A 469 27.81 10.64 31.48
N TRP A 470 26.79 9.83 31.21
CA TRP A 470 25.53 10.27 30.63
C TRP A 470 24.81 11.19 31.64
N HIS A 471 24.09 12.21 31.15
CA HIS A 471 23.38 13.11 32.05
C HIS A 471 22.19 13.76 31.33
N GLU A 472 21.08 12.99 31.25
CA GLU A 472 19.78 13.41 30.70
C GLU A 472 19.89 13.84 29.23
N GLY A 473 20.51 12.96 28.41
CA GLY A 473 20.78 13.20 26.99
C GLY A 473 22.12 13.91 26.78
N VAL A 474 22.73 14.52 27.81
CA VAL A 474 24.02 15.21 27.72
C VAL A 474 25.14 14.19 28.04
N LEU A 475 25.63 13.52 26.98
CA LEU A 475 26.80 12.64 27.06
C LEU A 475 28.08 13.49 27.10
N ASN A 476 28.91 13.24 28.12
CA ASN A 476 30.13 14.00 28.41
C ASN A 476 31.31 13.06 28.69
N ILE A 477 31.43 12.00 27.88
CA ILE A 477 32.49 11.00 27.93
C ILE A 477 33.91 11.63 27.77
N ASP A 478 34.79 11.29 28.72
CA ASP A 478 36.16 11.79 28.82
C ASP A 478 37.07 10.88 27.98
N ASP A 479 37.46 11.38 26.80
CA ASP A 479 38.31 10.68 25.83
C ASP A 479 39.80 10.57 26.24
N TYR A 480 40.22 11.34 27.26
CA TYR A 480 41.55 11.20 27.89
C TYR A 480 41.68 9.98 28.82
N LYS A 481 40.58 9.25 29.07
CA LYS A 481 40.56 8.04 29.90
C LYS A 481 39.81 6.87 29.25
N ILE A 482 39.12 7.10 28.11
CA ILE A 482 38.16 6.18 27.53
C ILE A 482 38.68 4.78 27.14
N GLN A 483 39.80 4.73 26.42
CA GLN A 483 40.33 3.50 25.85
C GLN A 483 41.81 3.38 26.18
N MET A 484 42.65 4.15 25.48
CA MET A 484 44.11 3.98 25.41
C MET A 484 44.54 2.57 24.96
N ASN A 485 43.65 1.95 24.16
CA ASN A 485 43.81 0.65 23.53
C ASN A 485 44.49 0.87 22.16
N LYS A 486 44.05 0.13 21.14
CA LYS A 486 44.38 0.40 19.73
C LYS A 486 43.86 1.79 19.31
N SER A 487 44.45 2.36 18.23
CA SER A 487 43.99 3.57 17.52
C SER A 487 42.51 3.51 17.12
N GLY A 488 41.93 4.67 16.73
CA GLY A 488 40.54 4.94 16.33
C GLY A 488 39.84 3.73 15.72
N VAL A 489 39.20 2.92 16.59
CA VAL A 489 38.71 1.57 16.34
C VAL A 489 37.82 1.53 15.10
N VAL A 490 38.11 0.60 14.17
CA VAL A 490 37.42 0.45 12.88
C VAL A 490 35.91 0.48 13.10
N ARG A 491 35.25 1.43 12.42
CA ARG A 491 33.90 1.84 12.77
C ARG A 491 32.86 0.77 12.41
N SER A 492 31.64 1.21 12.14
CA SER A 492 30.66 0.41 11.44
C SER A 492 30.93 0.56 9.94
N VAL A 493 32.03 -0.09 9.49
CA VAL A 493 32.66 0.06 8.19
C VAL A 493 32.46 -1.22 7.35
N CYS A 494 31.24 -1.35 6.80
CA CYS A 494 30.89 -2.39 5.86
C CYS A 494 30.92 -1.81 4.43
N SER A 495 30.24 -0.67 4.24
CA SER A 495 30.28 0.18 3.07
C SER A 495 30.53 1.59 3.59
N GLU A 496 31.73 2.11 3.29
CA GLU A 496 32.22 3.42 3.69
C GLU A 496 31.36 4.57 3.11
N PRO A 497 31.51 5.80 3.65
CA PRO A 497 31.01 7.03 3.02
C PRO A 497 31.82 7.38 1.75
N CYS A 498 31.56 6.61 0.68
CA CYS A 498 32.26 6.68 -0.60
C CYS A 498 31.75 7.80 -1.51
N LEU A 499 30.90 8.71 -1.01
CA LEU A 499 30.27 9.81 -1.74
C LEU A 499 31.24 10.90 -2.22
N LYS A 500 32.20 10.49 -3.08
CA LYS A 500 33.11 11.33 -3.83
C LYS A 500 32.36 12.06 -4.96
N GLY A 501 33.13 12.77 -5.80
CA GLY A 501 32.65 13.37 -7.03
C GLY A 501 32.08 12.28 -7.95
N GLN A 502 30.88 12.54 -8.50
CA GLN A 502 30.17 11.72 -9.47
C GLN A 502 29.50 10.46 -8.89
N ILE A 503 29.56 10.20 -7.57
CA ILE A 503 29.12 8.94 -6.97
C ILE A 503 27.62 8.91 -6.62
N LYS A 504 27.01 7.73 -6.87
CA LYS A 504 25.71 7.30 -6.36
C LYS A 504 25.88 6.18 -5.31
N VAL A 505 24.92 6.15 -4.37
CA VAL A 505 24.76 5.14 -3.34
C VAL A 505 23.70 4.13 -3.80
N ILE A 506 24.12 2.91 -4.15
CA ILE A 506 23.31 1.88 -4.82
C ILE A 506 22.21 1.24 -3.95
N ARG A 507 22.35 1.33 -2.62
CA ARG A 507 21.44 0.91 -1.57
C ARG A 507 21.38 -0.60 -1.33
N LYS A 508 21.67 -1.44 -2.33
CA LYS A 508 21.71 -2.91 -2.27
C LYS A 508 20.45 -3.49 -1.61
N GLY A 509 19.30 -3.32 -2.30
CA GLY A 509 17.89 -3.51 -1.93
C GLY A 509 17.60 -4.12 -0.56
N GLU A 510 18.09 -5.36 -0.33
CA GLU A 510 18.01 -6.16 0.88
C GLU A 510 18.44 -5.46 2.19
N VAL A 511 19.64 -4.84 2.21
CA VAL A 511 20.22 -4.16 3.38
C VAL A 511 20.18 -2.63 3.15
N SER A 512 20.23 -1.83 4.23
CA SER A 512 20.23 -0.36 4.15
C SER A 512 21.67 0.21 4.18
N CYS A 513 22.44 -0.11 5.24
CA CYS A 513 23.75 0.47 5.52
C CYS A 513 24.84 0.08 4.50
N CYS A 514 24.83 -1.18 4.04
CA CYS A 514 25.84 -1.74 3.14
C CYS A 514 25.53 -1.47 1.66
N TRP A 515 25.33 -0.19 1.34
CA TRP A 515 24.68 0.28 0.13
C TRP A 515 25.37 -0.08 -1.21
N ILE A 516 26.68 0.12 -1.31
CA ILE A 516 27.57 0.00 -2.48
C ILE A 516 27.88 1.34 -3.17
N CYS A 517 29.21 1.53 -3.33
CA CYS A 517 29.91 2.72 -3.76
C CYS A 517 30.12 2.65 -5.29
N THR A 518 29.40 3.49 -6.06
CA THR A 518 29.41 3.39 -7.53
C THR A 518 29.28 4.78 -8.18
N ALA A 519 30.09 5.04 -9.22
CA ALA A 519 30.00 6.24 -10.04
C ALA A 519 28.75 6.26 -10.94
N CYS A 520 28.24 7.47 -11.19
CA CYS A 520 27.22 7.74 -12.20
C CYS A 520 27.92 8.01 -13.55
N LYS A 521 27.18 7.82 -14.66
CA LYS A 521 27.62 8.16 -16.01
C LYS A 521 27.85 9.67 -16.19
N GLU A 522 28.54 10.07 -17.27
CA GLU A 522 28.85 11.47 -17.58
C GLU A 522 27.59 12.35 -17.66
N ASN A 523 26.59 11.96 -18.49
CA ASN A 523 25.33 12.68 -18.64
C ASN A 523 24.52 12.83 -17.34
N GLU A 524 24.65 11.86 -16.43
CA GLU A 524 23.99 11.81 -15.13
C GLU A 524 24.47 12.94 -14.21
N TYR A 525 23.54 13.72 -13.64
CA TYR A 525 23.82 14.74 -12.62
C TYR A 525 23.33 14.26 -11.25
N VAL A 526 24.06 14.59 -10.18
CA VAL A 526 23.73 14.27 -8.78
C VAL A 526 22.49 15.05 -8.25
N GLN A 527 21.30 14.63 -8.72
CA GLN A 527 20.00 14.99 -8.15
C GLN A 527 19.86 14.50 -6.70
N ASP A 528 19.84 13.16 -6.56
CA ASP A 528 20.02 12.48 -5.29
C ASP A 528 21.48 12.03 -5.20
N GLU A 529 21.99 11.94 -3.96
CA GLU A 529 23.25 11.28 -3.64
C GLU A 529 23.11 9.75 -3.85
N PHE A 530 21.88 9.23 -3.80
CA PHE A 530 21.58 7.81 -3.99
C PHE A 530 21.38 7.42 -5.46
N THR A 531 20.96 8.36 -6.31
CA THR A 531 20.70 8.12 -7.72
C THR A 531 20.88 9.45 -8.44
N CYS A 532 21.77 9.47 -9.44
CA CYS A 532 21.89 10.56 -10.40
C CYS A 532 20.81 10.40 -11.51
N LYS A 533 20.54 11.47 -12.27
CA LYS A 533 19.67 11.44 -13.45
C LYS A 533 20.39 12.10 -14.63
N ALA A 534 20.37 11.43 -15.80
CA ALA A 534 20.82 11.97 -17.07
C ALA A 534 19.96 13.15 -17.50
N CYS A 535 20.43 14.38 -17.22
CA CYS A 535 19.71 15.61 -17.59
C CYS A 535 19.55 15.75 -19.11
N ASP A 536 18.52 16.51 -19.48
CA ASP A 536 18.00 16.69 -20.82
C ASP A 536 19.09 17.04 -21.85
N LEU A 537 18.88 16.62 -23.10
CA LEU A 537 19.69 17.04 -24.25
C LEU A 537 19.63 18.57 -24.40
N GLY A 538 20.80 19.15 -24.75
CA GLY A 538 21.10 20.56 -24.48
C GLY A 538 22.14 20.64 -23.36
N TRP A 539 22.21 19.60 -22.49
CA TRP A 539 22.98 19.60 -21.25
C TRP A 539 23.59 18.24 -20.92
N TRP A 540 24.70 18.33 -20.19
CA TRP A 540 25.35 17.31 -19.36
C TRP A 540 26.05 18.15 -18.27
N PRO A 541 26.14 17.65 -17.03
CA PRO A 541 26.65 18.43 -15.90
C PRO A 541 28.15 18.74 -15.92
N ASN A 542 28.55 19.56 -14.93
CA ASN A 542 29.92 19.99 -14.69
C ASN A 542 30.75 18.87 -14.02
N ALA A 543 31.93 19.25 -13.49
CA ALA A 543 32.73 18.44 -12.58
C ALA A 543 31.95 18.08 -11.31
N ASP A 544 32.06 16.81 -10.88
CA ASP A 544 31.31 16.22 -9.76
C ASP A 544 29.79 16.10 -10.00
N LEU A 545 29.36 16.33 -11.25
CA LEU A 545 28.00 16.13 -11.76
C LEU A 545 26.94 17.05 -11.11
N THR A 546 27.33 18.21 -10.56
CA THR A 546 26.45 19.04 -9.73
C THR A 546 25.31 19.75 -10.49
N GLY A 547 25.65 20.54 -11.51
CA GLY A 547 24.69 21.38 -12.24
C GLY A 547 24.90 21.21 -13.73
N CYS A 548 23.79 21.08 -14.46
CA CYS A 548 23.68 20.95 -15.92
C CYS A 548 23.79 22.31 -16.60
N GLU A 549 24.98 22.59 -17.17
CA GLU A 549 25.36 23.85 -17.83
C GLU A 549 25.19 23.75 -19.37
N PRO A 550 24.85 24.87 -20.07
CA PRO A 550 24.73 24.93 -21.55
C PRO A 550 26.07 24.65 -22.26
N ILE A 551 26.32 23.34 -22.48
CA ILE A 551 27.63 22.77 -22.67
C ILE A 551 28.33 23.11 -24.00
N PRO A 552 27.73 22.79 -25.16
CA PRO A 552 28.40 23.01 -26.44
C PRO A 552 27.90 24.36 -26.98
N VAL A 553 28.78 25.37 -26.91
CA VAL A 553 28.57 26.68 -27.51
C VAL A 553 29.47 26.81 -28.76
N ARG A 554 29.95 25.65 -29.27
CA ARG A 554 30.81 25.43 -30.44
C ARG A 554 30.40 26.26 -31.65
N TYR A 555 31.40 26.97 -32.20
CA TYR A 555 31.20 28.03 -33.19
C TYR A 555 31.29 27.51 -34.62
N LEU A 556 30.51 28.14 -35.52
CA LEU A 556 30.41 27.81 -36.94
C LEU A 556 30.57 29.04 -37.83
N GLU A 557 30.37 30.26 -37.28
CA GLU A 557 30.15 31.49 -38.07
C GLU A 557 31.27 31.79 -39.05
N TRP A 558 32.45 32.13 -38.51
CA TRP A 558 33.55 32.63 -39.31
C TRP A 558 34.09 31.58 -40.27
N SER A 559 34.47 30.43 -39.69
CA SER A 559 34.99 29.26 -40.38
C SER A 559 35.25 28.15 -39.34
N ASN A 560 35.54 26.95 -39.86
CA ASN A 560 36.53 26.04 -39.27
C ASN A 560 37.88 26.33 -39.96
N ILE A 561 39.01 26.09 -39.28
CA ILE A 561 40.35 26.21 -39.86
C ILE A 561 40.60 25.28 -41.07
N GLU A 562 39.91 24.12 -41.10
CA GLU A 562 39.86 23.21 -42.25
C GLU A 562 39.02 23.82 -43.39
N SER A 563 37.94 24.53 -43.09
CA SER A 563 37.11 25.22 -44.08
C SER A 563 37.75 26.50 -44.67
N ILE A 564 38.90 26.95 -44.15
CA ILE A 564 39.67 28.09 -44.68
C ILE A 564 40.21 27.85 -46.10
N ILE A 565 40.50 26.59 -46.48
CA ILE A 565 40.82 26.25 -47.87
C ILE A 565 39.59 26.39 -48.81
N ALA A 566 38.38 26.04 -48.34
CA ALA A 566 37.13 26.30 -49.06
C ALA A 566 36.78 27.79 -49.17
N ILE A 567 37.12 28.60 -48.15
CA ILE A 567 37.06 30.06 -48.18
C ILE A 567 38.04 30.66 -49.21
N ALA A 568 39.27 30.15 -49.24
CA ALA A 568 40.30 30.54 -50.21
C ALA A 568 39.91 30.16 -51.65
N PHE A 569 39.28 28.99 -51.86
CA PHE A 569 38.73 28.58 -53.15
C PHE A 569 37.53 29.42 -53.64
N SER A 570 36.70 29.94 -52.71
CA SER A 570 35.65 30.89 -53.05
C SER A 570 36.22 32.27 -53.43
N CYS A 571 37.31 32.68 -52.77
CA CYS A 571 38.07 33.90 -53.08
C CYS A 571 38.73 33.80 -54.46
N LEU A 572 39.43 32.68 -54.75
CA LEU A 572 40.01 32.32 -56.04
C LEU A 572 38.97 32.24 -57.17
N GLY A 573 37.73 31.85 -56.82
CA GLY A 573 36.57 31.91 -57.68
C GLY A 573 36.30 33.36 -58.07
N ILE A 574 36.13 34.25 -57.09
CA ILE A 574 35.88 35.68 -57.31
C ILE A 574 37.00 36.37 -58.11
N LEU A 575 38.26 35.92 -57.95
CA LEU A 575 39.39 36.33 -58.79
C LEU A 575 39.23 35.94 -60.26
N VAL A 576 38.79 34.70 -60.56
CA VAL A 576 38.62 34.24 -61.95
C VAL A 576 37.42 34.90 -62.69
N THR A 577 36.36 35.30 -61.96
CA THR A 577 35.27 36.10 -62.54
C THR A 577 35.71 37.53 -62.89
N LEU A 578 36.58 38.14 -62.06
CA LEU A 578 37.19 39.45 -62.31
C LEU A 578 38.21 39.41 -63.45
N PHE A 579 38.90 38.26 -63.65
CA PHE A 579 39.78 37.99 -64.79
C PHE A 579 39.01 37.90 -66.12
N VAL A 580 37.84 37.23 -66.11
CA VAL A 580 36.96 37.12 -67.27
C VAL A 580 36.30 38.47 -67.62
N THR A 581 35.94 39.27 -66.59
CA THR A 581 35.40 40.63 -66.74
C THR A 581 36.42 41.62 -67.32
N LEU A 582 37.71 41.43 -66.98
CA LEU A 582 38.86 42.17 -67.52
C LEU A 582 39.08 41.95 -69.04
N ILE A 583 38.52 40.87 -69.60
CA ILE A 583 38.58 40.55 -71.03
C ILE A 583 37.21 40.70 -71.73
N PHE A 584 36.09 40.78 -71.00
CA PHE A 584 34.75 40.76 -71.60
C PHE A 584 34.05 42.13 -71.64
N VAL A 585 33.80 42.74 -70.48
CA VAL A 585 32.87 43.87 -70.38
C VAL A 585 33.43 45.18 -70.99
N LEU A 586 34.64 45.58 -70.56
CA LEU A 586 35.34 46.76 -71.06
C LEU A 586 36.14 46.50 -72.36
N TYR A 587 36.23 45.24 -72.80
CA TYR A 587 36.80 44.85 -74.09
C TYR A 587 35.68 44.20 -74.92
N ARG A 588 34.88 45.05 -75.55
CA ARG A 588 33.77 44.69 -76.45
C ARG A 588 34.25 44.43 -77.89
N ASP A 589 35.56 44.62 -78.15
CA ASP A 589 36.25 44.46 -79.43
C ASP A 589 36.50 42.98 -79.77
N THR A 590 35.42 42.26 -80.09
CA THR A 590 35.46 40.87 -80.52
C THR A 590 34.22 40.58 -81.40
N PRO A 591 34.41 40.12 -82.66
CA PRO A 591 33.30 39.83 -83.59
C PRO A 591 32.23 38.83 -83.14
N VAL A 592 32.60 37.85 -82.29
CA VAL A 592 31.68 36.82 -81.81
C VAL A 592 30.59 37.34 -80.86
N VAL A 593 30.94 38.27 -79.95
CA VAL A 593 30.01 38.96 -79.04
C VAL A 593 29.26 40.10 -79.75
N LYS A 594 29.72 40.52 -80.94
CA LYS A 594 29.06 41.50 -81.79
C LYS A 594 27.94 40.86 -82.64
N SER A 595 28.13 39.60 -83.07
CA SER A 595 27.17 38.82 -83.86
C SER A 595 26.18 38.01 -83.01
N SER A 596 26.62 37.54 -81.83
CA SER A 596 25.78 36.87 -80.83
C SER A 596 25.35 37.91 -79.78
N SER A 597 24.14 37.74 -79.21
CA SER A 597 23.58 38.69 -78.24
C SER A 597 24.42 38.82 -76.96
N ARG A 598 24.49 40.06 -76.44
CA ARG A 598 25.35 40.46 -75.32
C ARG A 598 24.67 40.19 -73.98
N GLU A 599 23.33 40.33 -73.92
CA GLU A 599 22.49 40.10 -72.74
C GLU A 599 22.59 38.67 -72.21
N LEU A 600 22.79 37.71 -73.12
CA LEU A 600 23.15 36.32 -72.86
C LEU A 600 24.37 36.19 -71.93
N CYS A 601 25.46 36.85 -72.32
CA CYS A 601 26.74 36.89 -71.63
C CYS A 601 26.68 37.72 -70.33
N TYR A 602 25.83 38.76 -70.29
CA TYR A 602 25.58 39.58 -69.09
C TYR A 602 24.82 38.82 -68.00
N ILE A 603 23.89 37.93 -68.40
CA ILE A 603 23.10 37.13 -67.46
C ILE A 603 23.87 35.91 -66.92
N ILE A 604 24.79 35.31 -67.71
CA ILE A 604 25.68 34.25 -67.20
C ILE A 604 26.78 34.78 -66.26
N LEU A 605 27.35 35.97 -66.53
CA LEU A 605 28.33 36.58 -65.63
C LEU A 605 27.69 37.08 -64.33
N ALA A 606 26.43 37.55 -64.39
CA ALA A 606 25.62 37.90 -63.22
C ALA A 606 25.20 36.67 -62.40
N GLY A 607 24.93 35.55 -63.09
CA GLY A 607 24.63 34.24 -62.51
C GLY A 607 25.83 33.73 -61.72
N ILE A 608 26.98 33.59 -62.40
CA ILE A 608 28.26 33.19 -61.83
C ILE A 608 28.72 34.11 -60.68
N PHE A 609 28.54 35.43 -60.80
CA PHE A 609 28.85 36.41 -59.75
C PHE A 609 28.03 36.19 -58.46
N LEU A 610 26.73 35.90 -58.60
CA LEU A 610 25.82 35.56 -57.50
C LEU A 610 26.17 34.22 -56.83
N GLY A 611 26.53 33.21 -57.64
CA GLY A 611 26.95 31.89 -57.16
C GLY A 611 28.35 31.87 -56.53
N TYR A 612 29.10 32.99 -56.58
CA TYR A 612 30.48 33.11 -56.10
C TYR A 612 30.59 34.04 -54.88
N VAL A 613 29.68 35.02 -54.73
CA VAL A 613 29.49 35.72 -53.47
C VAL A 613 28.76 34.83 -52.44
N CYS A 614 27.96 33.87 -52.93
CA CYS A 614 27.21 32.89 -52.15
C CYS A 614 28.07 32.09 -51.14
N PRO A 615 29.09 31.30 -51.55
CA PRO A 615 29.95 30.53 -50.62
C PRO A 615 30.54 31.28 -49.40
N PHE A 616 30.87 32.57 -49.55
CA PHE A 616 31.32 33.42 -48.43
C PHE A 616 30.20 33.75 -47.41
N THR A 617 28.96 33.87 -47.90
CA THR A 617 27.74 34.04 -47.09
C THR A 617 27.15 32.70 -46.57
N LEU A 618 27.67 31.54 -47.03
CA LEU A 618 27.18 30.23 -46.60
C LEU A 618 27.67 29.86 -45.19
N ILE A 619 29.00 29.91 -45.00
CA ILE A 619 29.61 29.63 -43.71
C ILE A 619 29.30 30.81 -42.76
N ALA A 620 28.43 30.49 -41.80
CA ALA A 620 27.73 31.44 -40.95
C ALA A 620 27.04 30.65 -39.84
N LYS A 621 26.79 31.33 -38.71
CA LYS A 621 25.88 30.88 -37.66
C LYS A 621 24.48 31.20 -38.16
N PRO A 622 23.70 30.16 -38.57
CA PRO A 622 22.37 30.40 -39.11
C PRO A 622 21.43 31.02 -38.06
N THR A 623 20.79 32.11 -38.48
CA THR A 623 19.73 32.83 -37.77
C THR A 623 18.45 32.73 -38.63
N THR A 624 17.40 33.51 -38.33
CA THR A 624 16.21 33.57 -39.17
C THR A 624 16.48 34.23 -40.54
N THR A 625 17.11 35.42 -40.53
CA THR A 625 17.49 36.15 -41.74
C THR A 625 18.72 35.54 -42.43
N SER A 626 19.64 34.95 -41.66
CA SER A 626 20.79 34.19 -42.19
C SER A 626 20.37 32.83 -42.75
N CYS A 627 19.24 32.25 -42.29
CA CYS A 627 18.62 31.08 -42.92
C CYS A 627 17.94 31.45 -44.24
N TYR A 628 17.35 32.66 -44.34
CA TYR A 628 16.79 33.21 -45.58
C TYR A 628 17.90 33.38 -46.63
N LEU A 629 19.05 33.93 -46.20
CA LEU A 629 20.29 34.05 -46.96
C LEU A 629 20.82 32.70 -47.45
N GLN A 630 20.81 31.66 -46.59
CA GLN A 630 21.30 30.31 -46.89
C GLN A 630 20.41 29.49 -47.84
N ARG A 631 19.08 29.71 -47.82
CA ARG A 631 18.17 29.07 -48.76
C ARG A 631 18.02 29.85 -50.06
N LEU A 632 18.17 31.19 -50.00
CA LEU A 632 18.32 32.07 -51.15
C LEU A 632 19.60 31.71 -51.92
N LEU A 633 20.66 31.41 -51.16
CA LEU A 633 21.91 30.85 -51.64
C LEU A 633 21.70 29.56 -52.45
N VAL A 634 21.32 28.43 -51.81
CA VAL A 634 21.18 27.16 -52.53
C VAL A 634 20.11 27.20 -53.65
N GLY A 635 18.92 27.75 -53.36
CA GLY A 635 17.79 27.80 -54.27
C GLY A 635 18.07 28.75 -55.44
N LEU A 636 18.11 30.07 -55.18
CA LEU A 636 18.26 31.09 -56.22
C LEU A 636 19.61 31.05 -56.93
N SER A 637 20.74 30.77 -56.25
CA SER A 637 22.05 30.76 -56.92
C SER A 637 22.17 29.63 -57.96
N SER A 638 21.92 28.37 -57.57
CA SER A 638 21.99 27.21 -58.46
C SER A 638 21.00 27.30 -59.63
N ALA A 639 19.75 27.70 -59.33
CA ALA A 639 18.68 27.83 -60.30
C ALA A 639 18.90 28.98 -61.28
N MET A 640 19.35 30.14 -60.79
CA MET A 640 19.61 31.33 -61.61
C MET A 640 20.91 31.21 -62.43
N CYS A 641 21.94 30.54 -61.89
CA CYS A 641 23.18 30.15 -62.60
C CYS A 641 22.86 29.27 -63.82
N TYR A 642 22.04 28.22 -63.61
CA TYR A 642 21.68 27.30 -64.68
C TYR A 642 20.59 27.85 -65.60
N SER A 643 19.71 28.76 -65.11
CA SER A 643 18.77 29.50 -65.95
C SER A 643 19.49 30.42 -66.94
N ALA A 644 20.61 31.03 -66.50
CA ALA A 644 21.48 31.84 -67.32
C ALA A 644 22.21 31.02 -68.40
N LEU A 645 22.73 29.84 -68.00
CA LEU A 645 23.39 28.91 -68.91
C LEU A 645 22.42 28.35 -69.97
N VAL A 646 21.17 28.04 -69.56
CA VAL A 646 20.15 27.55 -70.47
C VAL A 646 19.53 28.67 -71.33
N THR A 647 19.66 29.98 -71.01
CA THR A 647 19.21 31.04 -71.92
C THR A 647 20.02 31.05 -73.23
N LYS A 648 21.34 30.79 -73.12
CA LYS A 648 22.24 30.62 -74.24
C LYS A 648 21.98 29.31 -75.00
N THR A 649 21.80 28.21 -74.25
CA THR A 649 21.61 26.91 -74.89
C THR A 649 20.21 26.76 -75.51
N ASN A 650 19.19 27.48 -74.98
CA ASN A 650 17.83 27.57 -75.50
C ASN A 650 17.79 28.38 -76.81
N ARG A 651 18.61 29.46 -76.90
CA ARG A 651 18.72 30.27 -78.11
C ARG A 651 19.28 29.47 -79.30
N ILE A 652 20.32 28.65 -79.05
CA ILE A 652 20.85 27.72 -80.06
C ILE A 652 19.96 26.48 -80.25
N ALA A 653 19.27 26.00 -79.19
CA ALA A 653 18.34 24.87 -79.25
C ALA A 653 17.15 25.12 -80.18
N ARG A 654 16.64 26.36 -80.15
CA ARG A 654 15.57 26.84 -81.01
C ARG A 654 15.95 26.83 -82.49
N ILE A 655 17.21 27.20 -82.77
CA ILE A 655 17.84 27.11 -84.09
C ILE A 655 18.01 25.64 -84.49
N LEU A 656 18.71 24.83 -83.67
CA LEU A 656 18.98 23.41 -83.94
C LEU A 656 17.72 22.56 -84.19
N ALA A 657 16.62 22.81 -83.47
CA ALA A 657 15.38 22.07 -83.61
C ALA A 657 14.39 22.65 -84.66
N GLY A 658 14.64 23.87 -85.15
CA GLY A 658 13.69 24.59 -85.99
C GLY A 658 14.29 25.11 -87.31
N SER A 659 15.55 24.77 -87.64
CA SER A 659 16.25 25.29 -88.82
C SER A 659 16.37 24.27 -89.97
N LYS A 660 16.98 23.10 -89.72
CA LYS A 660 17.52 22.27 -90.82
C LYS A 660 17.69 20.77 -90.53
N LYS A 661 17.44 20.28 -89.29
CA LYS A 661 17.71 18.88 -88.95
C LYS A 661 16.55 18.15 -88.22
N LYS A 662 15.69 18.88 -87.49
CA LYS A 662 14.49 18.32 -86.88
C LYS A 662 13.29 18.91 -87.62
N ILE A 663 12.64 18.07 -88.43
CA ILE A 663 11.48 18.45 -89.25
C ILE A 663 10.21 18.43 -88.38
N CYS A 664 9.75 19.64 -88.03
CA CYS A 664 8.56 19.90 -87.22
C CYS A 664 7.76 21.04 -87.88
N THR A 665 6.43 20.94 -87.83
CA THR A 665 5.50 21.85 -88.52
C THR A 665 5.29 23.20 -87.81
N ARG A 666 5.25 23.21 -86.47
CA ARG A 666 4.91 24.41 -85.69
C ARG A 666 6.12 25.34 -85.52
N LYS A 667 5.85 26.66 -85.56
CA LYS A 667 6.83 27.73 -85.41
C LYS A 667 6.35 28.69 -84.29
N PRO A 668 6.55 28.31 -83.00
CA PRO A 668 6.13 29.14 -81.86
C PRO A 668 7.25 30.11 -81.42
N ARG A 669 7.58 31.08 -82.28
CA ARG A 669 8.60 32.09 -81.99
C ARG A 669 8.23 33.45 -82.60
N PHE A 670 8.82 34.50 -82.04
CA PHE A 670 8.61 35.89 -82.44
C PHE A 670 9.63 36.29 -83.53
N MET A 671 9.42 37.51 -84.06
CA MET A 671 10.08 38.05 -85.25
C MET A 671 11.24 39.01 -84.90
N SER A 672 11.96 38.75 -83.79
CA SER A 672 13.09 39.56 -83.35
C SER A 672 14.05 38.71 -82.50
N ALA A 673 15.35 39.03 -82.59
CA ALA A 673 16.41 38.46 -81.76
C ALA A 673 16.32 38.89 -80.29
N TRP A 674 15.90 40.14 -80.03
CA TRP A 674 15.59 40.63 -78.68
C TRP A 674 14.37 39.92 -78.07
N ALA A 675 13.34 39.66 -78.89
CA ALA A 675 12.16 38.89 -78.47
C ALA A 675 12.47 37.42 -78.16
N GLN A 676 13.43 36.81 -78.89
CA GLN A 676 13.94 35.46 -78.60
C GLN A 676 14.77 35.39 -77.30
N VAL A 677 15.54 36.44 -77.01
CA VAL A 677 16.29 36.61 -75.76
C VAL A 677 15.35 36.83 -74.56
N ILE A 678 14.25 37.57 -74.77
CA ILE A 678 13.16 37.73 -73.79
C ILE A 678 12.39 36.42 -73.56
N ILE A 679 12.16 35.60 -74.61
CA ILE A 679 11.55 34.27 -74.49
C ILE A 679 12.44 33.28 -73.70
N ALA A 680 13.75 33.33 -73.94
CA ALA A 680 14.76 32.60 -73.16
C ALA A 680 14.85 33.08 -71.69
N SER A 681 14.49 34.36 -71.45
CA SER A 681 14.44 34.97 -70.12
C SER A 681 13.14 34.66 -69.34
N ILE A 682 12.07 34.17 -70.00
CA ILE A 682 10.80 33.80 -69.35
C ILE A 682 10.97 32.66 -68.33
N LEU A 683 11.83 31.68 -68.66
CA LEU A 683 12.13 30.54 -67.80
C LEU A 683 12.90 30.88 -66.52
N ILE A 684 13.60 32.02 -66.47
CA ILE A 684 14.42 32.45 -65.33
C ILE A 684 13.59 32.65 -64.06
N SER A 685 12.49 33.40 -64.18
CA SER A 685 11.60 33.79 -63.08
C SER A 685 10.78 32.65 -62.47
N VAL A 686 10.58 31.52 -63.19
CA VAL A 686 9.74 30.40 -62.72
C VAL A 686 10.35 29.66 -61.51
N GLN A 687 11.69 29.55 -61.47
CA GLN A 687 12.43 28.99 -60.34
C GLN A 687 12.45 29.94 -59.14
N LEU A 688 12.40 31.26 -59.39
CA LEU A 688 12.22 32.30 -58.39
C LEU A 688 10.82 32.24 -57.74
N THR A 689 9.76 31.93 -58.52
CA THR A 689 8.43 31.69 -57.96
C THR A 689 8.36 30.39 -57.14
N LEU A 690 9.03 29.31 -57.56
CA LEU A 690 9.12 28.03 -56.83
C LEU A 690 9.71 28.21 -55.43
N VAL A 691 10.89 28.83 -55.35
CA VAL A 691 11.59 29.04 -54.08
C VAL A 691 10.84 30.03 -53.15
N VAL A 692 10.15 31.05 -53.69
CA VAL A 692 9.26 31.92 -52.91
C VAL A 692 8.05 31.18 -52.31
N THR A 693 7.42 30.27 -53.07
CA THR A 693 6.33 29.39 -52.58
C THR A 693 6.80 28.34 -51.56
N LEU A 694 8.09 27.95 -51.60
CA LEU A 694 8.68 27.00 -50.66
C LEU A 694 9.16 27.69 -49.36
N ILE A 695 9.47 28.99 -49.43
CA ILE A 695 9.87 29.83 -48.29
C ILE A 695 8.67 30.34 -47.48
N ILE A 696 7.59 30.75 -48.17
CA ILE A 696 6.35 31.20 -47.52
C ILE A 696 5.61 30.04 -46.80
N MET A 697 5.79 28.79 -47.30
CA MET A 697 5.26 27.58 -46.68
C MET A 697 5.96 27.26 -45.34
N GLU A 698 7.27 26.98 -45.41
CA GLU A 698 8.08 26.65 -44.24
C GLU A 698 9.16 27.74 -44.10
N PRO A 699 9.12 28.53 -42.99
CA PRO A 699 9.92 29.76 -42.90
C PRO A 699 11.43 29.48 -42.72
N PRO A 700 12.28 30.48 -43.05
CA PRO A 700 13.72 30.42 -42.75
C PRO A 700 13.98 30.65 -41.26
N MET A 701 14.29 29.56 -40.55
CA MET A 701 14.51 29.53 -39.10
C MET A 701 15.72 28.64 -38.78
N PRO A 702 16.53 29.03 -37.76
CA PRO A 702 17.62 28.18 -37.27
C PRO A 702 17.08 27.08 -36.34
N ILE A 703 17.65 25.86 -36.45
CA ILE A 703 17.34 24.76 -35.55
C ILE A 703 18.63 24.25 -34.89
N LEU A 704 18.58 24.10 -33.56
CA LEU A 704 19.62 23.45 -32.79
C LEU A 704 19.57 21.93 -33.04
N SER A 705 20.68 21.39 -33.55
CA SER A 705 20.82 19.99 -33.91
C SER A 705 21.63 19.27 -32.83
N TYR A 706 21.07 18.18 -32.28
CA TYR A 706 21.72 17.28 -31.32
C TYR A 706 21.79 15.85 -31.88
N PRO A 707 22.69 15.59 -32.86
CA PRO A 707 23.05 14.21 -33.25
C PRO A 707 23.97 13.49 -32.23
N SER A 708 24.55 14.23 -31.27
CA SER A 708 25.28 13.71 -30.12
C SER A 708 25.26 14.74 -28.97
N ILE A 709 25.72 14.29 -27.80
CA ILE A 709 25.78 15.05 -26.54
C ILE A 709 26.78 16.24 -26.51
N LYS A 710 27.66 16.39 -27.52
CA LYS A 710 28.68 17.43 -27.62
C LYS A 710 28.63 18.17 -28.97
N GLU A 711 27.47 18.19 -29.63
CA GLU A 711 27.36 18.60 -31.04
C GLU A 711 26.12 19.46 -31.23
N VAL A 712 26.35 20.67 -31.79
CA VAL A 712 25.41 21.79 -31.81
C VAL A 712 25.57 22.58 -33.11
N TYR A 713 25.51 21.90 -34.26
CA TYR A 713 25.71 22.51 -35.58
C TYR A 713 24.84 23.74 -35.89
N LEU A 714 23.66 23.86 -35.24
CA LEU A 714 22.76 25.01 -35.30
C LEU A 714 22.31 25.32 -36.74
N ILE A 715 22.19 24.27 -37.58
CA ILE A 715 21.86 24.37 -38.99
C ILE A 715 20.48 25.03 -39.20
N CYS A 716 20.39 25.85 -40.25
CA CYS A 716 19.15 26.42 -40.78
C CYS A 716 18.17 25.32 -41.21
N ASN A 717 16.88 25.64 -41.16
CA ASN A 717 15.80 24.88 -41.79
C ASN A 717 16.10 24.77 -43.29
N THR A 718 16.53 23.57 -43.70
CA THR A 718 16.86 23.24 -45.08
C THR A 718 16.67 21.72 -45.15
N SER A 719 15.40 21.32 -45.32
CA SER A 719 15.00 19.92 -45.48
C SER A 719 15.49 19.36 -46.82
N ASN A 720 15.40 18.03 -46.95
CA ASN A 720 15.69 17.31 -48.19
C ASN A 720 14.76 17.68 -49.36
N LEU A 721 13.55 18.21 -49.09
CA LEU A 721 12.61 18.74 -50.09
C LEU A 721 13.19 19.96 -50.84
N GLY A 722 13.82 20.88 -50.09
CA GLY A 722 14.35 22.13 -50.62
C GLY A 722 15.67 21.96 -51.38
N VAL A 723 16.34 20.80 -51.28
CA VAL A 723 17.58 20.50 -52.01
C VAL A 723 17.37 19.46 -53.13
N VAL A 724 16.21 18.79 -53.21
CA VAL A 724 15.88 17.89 -54.33
C VAL A 724 14.97 18.56 -55.37
N ALA A 725 14.12 19.53 -54.98
CA ALA A 725 13.18 20.18 -55.89
C ALA A 725 13.86 21.15 -56.88
N PRO A 726 14.56 22.22 -56.44
CA PRO A 726 15.21 23.16 -57.37
C PRO A 726 16.39 22.55 -58.14
N LEU A 727 17.15 21.66 -57.46
CA LEU A 727 18.32 20.98 -58.03
C LEU A 727 17.92 19.85 -59.00
N GLY A 728 16.79 19.18 -58.75
CA GLY A 728 16.20 18.21 -59.68
C GLY A 728 15.65 18.92 -60.92
N TYR A 729 15.20 20.18 -60.78
CA TYR A 729 14.72 21.02 -61.88
C TYR A 729 15.86 21.60 -62.72
N ASN A 730 17.05 21.78 -62.14
CA ASN A 730 18.26 22.11 -62.88
C ASN A 730 18.81 20.86 -63.61
N GLY A 731 18.59 19.67 -63.04
CA GLY A 731 18.99 18.38 -63.58
C GLY A 731 18.20 18.04 -64.86
N LEU A 732 16.87 18.26 -64.87
CA LEU A 732 16.04 18.10 -66.07
C LEU A 732 16.28 19.21 -67.12
N LEU A 733 16.83 20.36 -66.69
CA LEU A 733 17.25 21.45 -67.56
C LEU A 733 18.60 21.14 -68.26
N ILE A 734 19.47 20.34 -67.62
CA ILE A 734 20.66 19.75 -68.25
C ILE A 734 20.27 18.65 -69.26
N MET A 735 19.21 17.88 -68.96
CA MET A 735 18.63 16.91 -69.89
C MET A 735 18.01 17.59 -71.14
N SER A 736 17.37 18.75 -70.96
CA SER A 736 16.89 19.59 -72.06
C SER A 736 18.05 20.10 -72.93
N CYS A 737 19.17 20.51 -72.32
CA CYS A 737 20.37 20.89 -73.05
C CYS A 737 20.99 19.71 -73.82
N THR A 738 21.07 18.53 -73.19
CA THR A 738 21.65 17.31 -73.77
C THR A 738 20.90 16.81 -75.01
N TYR A 739 19.57 16.90 -75.01
CA TYR A 739 18.71 16.58 -76.17
C TYR A 739 18.97 17.53 -77.36
N TYR A 740 19.14 18.83 -77.07
CA TYR A 740 19.41 19.88 -78.05
C TYR A 740 20.92 20.17 -78.17
N ALA A 741 21.78 19.21 -77.81
CA ALA A 741 23.23 19.28 -77.95
C ALA A 741 23.81 17.90 -78.30
N PHE A 742 23.22 17.24 -79.32
CA PHE A 742 23.59 15.91 -79.76
C PHE A 742 24.67 15.99 -80.86
N LYS A 743 24.30 16.53 -82.03
CA LYS A 743 25.17 16.67 -83.21
C LYS A 743 26.11 17.89 -83.13
N THR A 744 26.03 18.64 -82.02
CA THR A 744 26.94 19.74 -81.67
C THR A 744 28.43 19.33 -81.59
N ARG A 745 28.72 18.03 -81.44
CA ARG A 745 30.08 17.50 -81.45
C ARG A 745 30.82 17.62 -82.80
N ASN A 746 30.10 17.50 -83.92
CA ASN A 746 30.67 17.45 -85.28
C ASN A 746 30.08 18.52 -86.22
N VAL A 747 29.21 19.42 -85.74
CA VAL A 747 28.64 20.50 -86.55
C VAL A 747 29.71 21.58 -86.89
N PRO A 748 29.84 22.00 -88.17
CA PRO A 748 30.61 23.20 -88.57
C PRO A 748 30.01 24.57 -88.13
N ALA A 749 29.66 24.71 -86.83
CA ALA A 749 29.17 25.94 -86.22
C ALA A 749 30.30 26.96 -85.97
N ASN A 750 30.06 27.94 -85.08
CA ASN A 750 31.09 28.84 -84.56
C ASN A 750 32.21 28.05 -83.85
N PHE A 751 33.46 28.42 -84.16
CA PHE A 751 34.78 27.93 -83.72
C PHE A 751 34.83 26.78 -82.70
N ASN A 752 34.22 25.63 -83.05
CA ASN A 752 34.14 24.40 -82.26
C ASN A 752 33.39 24.55 -80.92
N GLU A 753 32.68 25.66 -80.67
CA GLU A 753 32.02 25.97 -79.40
C GLU A 753 30.98 24.94 -78.96
N ALA A 754 30.20 24.45 -79.94
CA ALA A 754 29.11 23.51 -79.76
C ALA A 754 29.54 22.17 -79.10
N LYS A 755 30.72 21.62 -79.47
CA LYS A 755 31.23 20.39 -78.85
C LYS A 755 31.66 20.60 -77.38
N TYR A 756 32.11 21.82 -77.06
CA TYR A 756 32.41 22.25 -75.71
C TYR A 756 31.14 22.54 -74.89
N ILE A 757 30.00 22.87 -75.52
CA ILE A 757 28.69 22.98 -74.84
C ILE A 757 28.23 21.60 -74.36
N ALA A 758 28.38 20.57 -75.20
CA ALA A 758 28.11 19.17 -74.85
C ALA A 758 29.03 18.66 -73.73
N PHE A 759 30.34 18.97 -73.81
CA PHE A 759 31.33 18.64 -72.77
C PHE A 759 31.03 19.34 -71.43
N THR A 760 30.60 20.62 -71.48
CA THR A 760 30.18 21.40 -70.31
C THR A 760 29.00 20.74 -69.58
N MET A 761 28.00 20.26 -70.33
CA MET A 761 26.85 19.56 -69.76
C MET A 761 27.18 18.17 -69.20
N TYR A 762 28.12 17.45 -69.83
CA TYR A 762 28.63 16.18 -69.31
C TYR A 762 29.42 16.35 -68.01
N THR A 763 30.36 17.32 -67.96
CA THR A 763 31.17 17.60 -66.77
C THR A 763 30.38 18.22 -65.59
N THR A 764 29.25 18.91 -65.85
CA THR A 764 28.34 19.33 -64.79
C THR A 764 27.48 18.15 -64.30
N CYS A 765 26.86 17.37 -65.21
CA CYS A 765 25.91 16.30 -64.85
C CYS A 765 26.53 15.10 -64.11
N ILE A 766 27.81 14.77 -64.36
CA ILE A 766 28.50 13.66 -63.70
C ILE A 766 28.74 13.90 -62.19
N ILE A 767 29.18 15.11 -61.83
CA ILE A 767 29.34 15.52 -60.43
C ILE A 767 28.00 15.92 -59.77
N TRP A 768 27.00 16.29 -60.58
CA TRP A 768 25.63 16.56 -60.14
C TRP A 768 24.95 15.30 -59.57
N LEU A 769 25.19 14.16 -60.23
CA LEU A 769 24.71 12.84 -59.83
C LEU A 769 25.55 12.24 -58.69
N ALA A 770 26.87 12.52 -58.67
CA ALA A 770 27.80 12.06 -57.63
C ALA A 770 27.70 12.85 -56.31
N PHE A 771 27.11 14.06 -56.36
CA PHE A 771 26.87 14.93 -55.21
C PHE A 771 25.93 14.32 -54.16
N VAL A 772 24.71 13.94 -54.59
CA VAL A 772 23.61 13.49 -53.74
C VAL A 772 23.91 12.30 -52.78
N PRO A 773 24.58 11.21 -53.22
CA PRO A 773 24.92 10.09 -52.30
C PRO A 773 25.93 10.47 -51.20
N ILE A 774 26.98 11.23 -51.56
CA ILE A 774 27.97 11.75 -50.62
C ILE A 774 27.38 12.83 -49.69
N TYR A 775 26.48 13.68 -50.22
CA TYR A 775 25.72 14.69 -49.48
C TYR A 775 24.89 14.09 -48.33
N PHE A 776 24.04 13.10 -48.64
CA PHE A 776 23.21 12.41 -47.66
C PHE A 776 24.00 11.68 -46.56
N GLY A 777 25.10 11.01 -46.95
CA GLY A 777 25.93 10.21 -46.04
C GLY A 777 26.79 11.10 -45.12
N SER A 778 27.30 12.23 -45.62
CA SER A 778 28.14 13.17 -44.87
C SER A 778 27.32 14.05 -43.89
N ASN A 779 28.00 14.47 -42.81
CA ASN A 779 27.44 15.24 -41.69
C ASN A 779 27.51 16.75 -41.92
N TYR A 780 28.73 17.27 -42.17
CA TYR A 780 29.02 18.68 -42.48
C TYR A 780 28.89 18.96 -44.00
N LYS A 781 27.86 18.33 -44.60
CA LYS A 781 27.48 18.35 -46.00
C LYS A 781 27.27 19.76 -46.62
N ILE A 782 27.24 20.82 -45.81
CA ILE A 782 27.22 22.21 -46.23
C ILE A 782 28.54 22.65 -46.91
N ILE A 783 29.70 22.11 -46.46
CA ILE A 783 30.99 22.29 -47.14
C ILE A 783 31.05 21.48 -48.45
N THR A 784 30.40 20.31 -48.47
CA THR A 784 30.20 19.52 -49.69
C THR A 784 29.34 20.27 -50.74
N THR A 785 28.29 21.01 -50.30
CA THR A 785 27.47 21.85 -51.19
C THR A 785 28.24 23.05 -51.77
N CYS A 786 29.03 23.77 -50.94
CA CYS A 786 29.79 24.95 -51.39
C CYS A 786 30.91 24.58 -52.37
N PHE A 787 31.58 23.44 -52.13
CA PHE A 787 32.68 22.96 -52.95
C PHE A 787 32.16 22.31 -54.24
N ALA A 788 31.01 21.60 -54.17
CA ALA A 788 30.33 21.01 -55.32
C ALA A 788 29.74 22.05 -56.28
N VAL A 789 29.08 23.10 -55.75
CA VAL A 789 28.54 24.18 -56.58
C VAL A 789 29.68 25.02 -57.21
N SER A 790 30.75 25.30 -56.45
CA SER A 790 31.93 26.06 -56.89
C SER A 790 32.76 25.33 -57.97
N LEU A 791 32.89 24.00 -57.86
CA LEU A 791 33.64 23.20 -58.82
C LEU A 791 32.86 22.97 -60.13
N SER A 792 31.52 22.80 -60.05
CA SER A 792 30.65 22.58 -61.21
C SER A 792 30.47 23.84 -62.09
N VAL A 793 30.45 25.02 -61.47
CA VAL A 793 30.34 26.30 -62.16
C VAL A 793 31.70 26.79 -62.74
N THR A 794 32.83 26.49 -62.09
CA THR A 794 34.16 26.89 -62.59
C THR A 794 34.66 26.01 -63.75
N VAL A 795 34.26 24.71 -63.80
CA VAL A 795 34.52 23.83 -64.94
C VAL A 795 33.64 24.20 -66.15
N ALA A 796 32.40 24.65 -65.90
CA ALA A 796 31.50 25.18 -66.92
C ALA A 796 32.00 26.51 -67.51
N LEU A 797 32.43 27.44 -66.64
CA LEU A 797 33.07 28.72 -66.96
C LEU A 797 34.35 28.52 -67.79
N GLY A 798 35.23 27.62 -67.31
CA GLY A 798 36.53 27.30 -67.91
C GLY A 798 36.35 26.73 -69.32
N CYS A 799 35.59 25.63 -69.44
CA CYS A 799 35.29 24.95 -70.70
C CYS A 799 34.65 25.87 -71.76
N MET A 800 33.68 26.71 -71.34
CA MET A 800 32.97 27.60 -72.24
C MET A 800 33.76 28.82 -72.67
N PHE A 801 34.58 29.39 -71.78
CA PHE A 801 35.23 30.67 -72.05
C PHE A 801 36.66 30.49 -72.55
N THR A 802 37.49 29.65 -71.92
CA THR A 802 38.93 29.63 -72.19
C THR A 802 39.38 29.32 -73.65
N PRO A 803 38.62 28.53 -74.46
CA PRO A 803 38.91 28.48 -75.90
C PRO A 803 38.42 29.74 -76.62
N LYS A 804 37.18 30.20 -76.33
CA LYS A 804 36.53 31.35 -76.98
C LYS A 804 37.12 32.72 -76.65
N MET A 805 37.98 32.82 -75.63
CA MET A 805 38.75 34.02 -75.31
C MET A 805 40.21 33.90 -75.80
N TYR A 806 40.75 32.67 -75.92
CA TYR A 806 42.16 32.43 -76.29
C TYR A 806 42.38 32.29 -77.81
N ILE A 807 41.37 31.84 -78.58
CA ILE A 807 41.48 31.66 -80.04
C ILE A 807 41.16 32.96 -80.82
N ILE A 808 40.54 33.95 -80.17
CA ILE A 808 40.11 35.22 -80.75
C ILE A 808 41.12 36.38 -80.54
N ILE A 809 42.35 36.06 -80.13
CA ILE A 809 43.46 36.98 -79.81
C ILE A 809 44.06 37.56 -81.07
N GLN B 5 -19.87 -4.69 59.52
CA GLN B 5 -20.12 -6.03 60.14
C GLN B 5 -21.32 -6.65 59.39
N ARG B 6 -21.19 -6.83 58.05
CA ARG B 6 -22.12 -7.62 57.24
C ARG B 6 -21.94 -9.12 57.54
N SER B 7 -23.08 -9.83 57.54
CA SER B 7 -23.18 -11.25 57.90
C SER B 7 -22.99 -12.18 56.69
N VAL B 8 -22.85 -13.48 57.01
CA VAL B 8 -22.58 -14.56 56.08
C VAL B 8 -23.46 -15.77 56.47
N ALA B 9 -24.10 -16.38 55.47
CA ALA B 9 -24.76 -17.67 55.60
C ALA B 9 -23.72 -18.75 55.32
N ARG B 10 -23.60 -19.72 56.25
CA ARG B 10 -22.63 -20.80 56.15
C ARG B 10 -23.33 -22.14 56.42
N MET B 11 -22.86 -23.18 55.72
CA MET B 11 -23.16 -24.57 56.02
C MET B 11 -21.88 -25.39 56.01
N ASP B 12 -21.83 -26.35 56.94
CA ASP B 12 -20.75 -27.30 57.18
C ASP B 12 -20.59 -28.31 56.03
N GLY B 13 -19.39 -28.90 55.98
CA GLY B 13 -19.03 -29.88 54.98
C GLY B 13 -17.51 -30.10 55.07
N ASP B 14 -16.97 -30.73 54.02
CA ASP B 14 -15.57 -31.10 53.86
C ASP B 14 -14.92 -30.23 52.77
N VAL B 15 -15.64 -30.00 51.65
CA VAL B 15 -15.19 -29.14 50.55
C VAL B 15 -16.22 -28.00 50.41
N ILE B 16 -15.81 -26.81 50.85
CA ILE B 16 -16.68 -25.64 50.93
C ILE B 16 -16.60 -24.85 49.60
N ILE B 17 -17.73 -24.25 49.17
CA ILE B 17 -17.82 -23.43 47.96
C ILE B 17 -18.43 -22.06 48.29
N GLY B 18 -17.77 -20.99 47.83
CA GLY B 18 -18.18 -19.61 48.03
C GLY B 18 -19.09 -19.13 46.90
N ALA B 19 -19.83 -18.04 47.15
CA ALA B 19 -20.63 -17.33 46.15
C ALA B 19 -20.91 -15.88 46.57
N LEU B 20 -21.17 -15.05 45.55
CA LEU B 20 -21.43 -13.61 45.69
C LEU B 20 -22.81 -13.26 45.11
N PHE B 21 -23.85 -13.91 45.64
CA PHE B 21 -25.26 -13.57 45.39
C PHE B 21 -25.54 -12.19 45.99
N SER B 22 -25.95 -11.25 45.13
CA SER B 22 -26.20 -9.84 45.46
C SER B 22 -27.46 -9.65 46.34
N VAL B 23 -27.29 -9.89 47.65
CA VAL B 23 -28.36 -9.86 48.67
C VAL B 23 -29.08 -8.51 48.70
N HIS B 24 -28.34 -7.45 49.08
CA HIS B 24 -28.82 -6.09 49.12
C HIS B 24 -28.71 -5.38 47.76
N HIS B 25 -29.30 -4.18 47.69
CA HIS B 25 -29.22 -3.27 46.55
C HIS B 25 -27.91 -2.48 46.55
N GLN B 26 -27.52 -2.03 45.34
CA GLN B 26 -26.50 -1.01 45.04
C GLN B 26 -26.76 0.25 45.87
N PRO B 27 -25.98 0.51 46.94
CA PRO B 27 -26.28 1.64 47.82
C PRO B 27 -25.64 2.94 47.30
N PRO B 28 -26.46 3.93 46.87
CA PRO B 28 -25.96 5.30 46.72
C PRO B 28 -26.11 6.11 48.03
N ALA B 29 -26.28 5.41 49.17
CA ALA B 29 -26.77 5.90 50.47
C ALA B 29 -26.24 7.29 50.88
N GLU B 30 -24.91 7.43 50.85
CA GLU B 30 -24.23 8.71 50.68
C GLU B 30 -23.30 8.59 49.45
N LYS B 31 -22.26 7.75 49.55
CA LYS B 31 -21.33 7.40 48.47
C LYS B 31 -20.86 5.95 48.66
N VAL B 32 -19.57 5.66 48.37
CA VAL B 32 -18.91 4.42 48.78
C VAL B 32 -18.54 4.43 50.29
N PRO B 33 -17.80 5.42 50.83
CA PRO B 33 -17.05 5.27 52.10
C PRO B 33 -17.79 4.83 53.38
N GLU B 34 -19.11 5.04 53.48
CA GLU B 34 -19.92 4.52 54.59
C GLU B 34 -20.21 3.01 54.46
N ARG B 35 -20.32 2.51 53.21
CA ARG B 35 -20.46 1.11 52.80
C ARG B 35 -21.79 0.43 53.22
N LYS B 36 -22.71 1.20 53.82
CA LYS B 36 -24.06 0.78 54.21
C LYS B 36 -24.87 0.37 52.97
N CYS B 37 -25.49 -0.81 53.02
CA CYS B 37 -26.21 -1.39 51.88
C CYS B 37 -27.71 -1.04 51.91
N GLY B 38 -28.38 -1.27 50.77
CA GLY B 38 -29.78 -0.91 50.53
C GLY B 38 -30.75 -1.96 51.09
N GLU B 39 -31.78 -2.34 50.30
CA GLU B 39 -32.82 -3.30 50.66
C GLU B 39 -32.52 -4.68 50.07
N ILE B 40 -32.99 -5.74 50.77
CA ILE B 40 -32.90 -7.14 50.32
C ILE B 40 -33.75 -7.32 49.06
N ARG B 41 -33.08 -7.56 47.92
CA ARG B 41 -33.66 -7.54 46.58
C ARG B 41 -34.84 -8.49 46.39
N GLU B 42 -34.73 -9.70 46.97
CA GLU B 42 -35.78 -10.72 47.08
C GLU B 42 -36.18 -11.36 45.73
N GLN B 43 -35.84 -10.69 44.60
CA GLN B 43 -35.87 -11.24 43.25
C GLN B 43 -34.43 -11.54 42.78
N TYR B 44 -33.39 -11.18 43.55
CA TYR B 44 -31.98 -11.50 43.27
C TYR B 44 -31.20 -11.92 44.52
N GLY B 45 -31.75 -11.70 45.72
CA GLY B 45 -31.06 -11.89 46.99
C GLY B 45 -31.47 -13.25 47.57
N ILE B 46 -32.33 -13.20 48.60
CA ILE B 46 -32.79 -14.34 49.38
C ILE B 46 -33.39 -15.51 48.57
N GLN B 47 -34.05 -15.20 47.43
CA GLN B 47 -34.61 -16.18 46.50
C GLN B 47 -33.59 -17.22 45.99
N ARG B 48 -32.32 -16.84 45.78
CA ARG B 48 -31.27 -17.75 45.30
C ARG B 48 -30.33 -18.26 46.41
N VAL B 49 -30.49 -17.80 47.67
CA VAL B 49 -29.71 -18.33 48.79
C VAL B 49 -30.21 -19.73 49.19
N GLU B 50 -31.55 -19.91 49.27
CA GLU B 50 -32.14 -21.23 49.49
C GLU B 50 -32.06 -22.11 48.23
N ALA B 51 -31.83 -21.52 47.04
CA ALA B 51 -31.55 -22.27 45.83
C ALA B 51 -30.19 -22.98 45.90
N MET B 52 -29.16 -22.31 46.44
CA MET B 52 -27.87 -22.92 46.71
C MET B 52 -27.97 -24.04 47.77
N PHE B 53 -28.73 -23.81 48.85
CA PHE B 53 -28.94 -24.81 49.90
C PHE B 53 -29.77 -26.02 49.43
N HIS B 54 -30.81 -25.79 48.63
CA HIS B 54 -31.60 -26.84 47.97
C HIS B 54 -30.75 -27.70 47.03
N THR B 55 -29.93 -27.02 46.21
CA THR B 55 -29.00 -27.63 45.25
C THR B 55 -27.96 -28.53 45.93
N LEU B 56 -27.41 -28.08 47.07
CA LEU B 56 -26.49 -28.85 47.90
C LEU B 56 -27.18 -29.99 48.67
N ASP B 57 -28.46 -29.80 49.05
CA ASP B 57 -29.31 -30.81 49.69
C ASP B 57 -29.92 -31.82 48.71
N LYS B 58 -29.64 -31.69 47.39
CA LYS B 58 -29.80 -32.77 46.43
C LYS B 58 -28.49 -33.55 46.20
N ILE B 59 -27.33 -33.03 46.69
CA ILE B 59 -26.00 -33.59 46.42
C ILE B 59 -25.36 -34.30 47.62
N ASN B 60 -25.68 -33.87 48.85
CA ASN B 60 -25.26 -34.54 50.09
C ASN B 60 -26.02 -35.86 50.37
N ALA B 61 -26.96 -36.24 49.48
CA ALA B 61 -27.93 -37.30 49.70
C ALA B 61 -28.07 -38.31 48.54
N ASP B 62 -27.53 -38.04 47.34
CA ASP B 62 -27.53 -39.03 46.23
C ASP B 62 -26.10 -39.61 46.10
N PRO B 63 -25.97 -40.96 46.03
CA PRO B 63 -24.65 -41.62 45.96
C PRO B 63 -23.98 -41.61 44.56
N VAL B 64 -24.55 -40.90 43.57
CA VAL B 64 -23.99 -40.77 42.22
C VAL B 64 -23.02 -39.58 42.08
N LEU B 65 -23.28 -38.48 42.81
CA LEU B 65 -22.48 -37.25 42.75
C LEU B 65 -22.07 -36.87 44.17
N LEU B 66 -20.76 -36.98 44.44
CA LEU B 66 -20.11 -36.85 45.75
C LEU B 66 -20.67 -37.85 46.79
N PRO B 67 -20.46 -39.18 46.60
CA PRO B 67 -20.67 -40.18 47.65
C PRO B 67 -19.60 -40.08 48.75
N ASN B 68 -20.04 -39.87 50.00
CA ASN B 68 -19.24 -39.73 51.23
C ASN B 68 -18.36 -38.47 51.32
N ILE B 69 -18.30 -37.65 50.25
CA ILE B 69 -17.74 -36.31 50.30
C ILE B 69 -18.91 -35.36 50.54
N THR B 70 -18.80 -34.56 51.61
CA THR B 70 -19.83 -33.60 52.01
C THR B 70 -19.43 -32.21 51.51
N LEU B 71 -20.32 -31.56 50.75
CA LEU B 71 -20.15 -30.16 50.35
C LEU B 71 -20.61 -29.24 51.48
N GLY B 72 -19.92 -28.10 51.62
CA GLY B 72 -20.33 -26.99 52.46
C GLY B 72 -20.49 -25.76 51.58
N SER B 73 -20.80 -24.61 52.21
CA SER B 73 -21.05 -23.37 51.50
C SER B 73 -20.78 -22.11 52.32
N GLU B 74 -20.51 -21.01 51.59
CA GLU B 74 -20.34 -19.66 52.11
C GLU B 74 -21.03 -18.67 51.17
N ILE B 75 -22.21 -18.21 51.56
CA ILE B 75 -22.95 -17.18 50.83
C ILE B 75 -22.63 -15.83 51.48
N ARG B 76 -22.15 -14.89 50.67
CA ARG B 76 -21.89 -13.53 51.07
C ARG B 76 -22.52 -12.55 50.07
N ASP B 77 -22.62 -11.30 50.53
CA ASP B 77 -23.27 -10.18 49.86
C ASP B 77 -22.24 -9.37 49.07
N SER B 78 -22.64 -8.97 47.85
CA SER B 78 -21.89 -8.04 47.00
C SER B 78 -22.48 -6.62 47.03
N CYS B 79 -23.73 -6.49 47.54
CA CYS B 79 -24.57 -5.28 47.56
C CYS B 79 -24.64 -4.56 46.19
N TRP B 80 -24.57 -5.31 45.08
CA TRP B 80 -24.51 -4.86 43.69
C TRP B 80 -23.52 -3.69 43.45
N HIS B 81 -22.31 -3.79 44.01
CA HIS B 81 -21.31 -2.73 43.97
C HIS B 81 -19.91 -3.29 43.75
N SER B 82 -19.12 -2.55 42.96
CA SER B 82 -17.71 -2.81 42.65
C SER B 82 -16.78 -2.75 43.88
N SER B 83 -17.19 -2.03 44.94
CA SER B 83 -16.38 -1.77 46.12
C SER B 83 -17.09 -2.24 47.42
N VAL B 84 -17.81 -3.37 47.36
CA VAL B 84 -18.30 -4.09 48.54
C VAL B 84 -18.00 -5.60 48.40
N ALA B 85 -18.10 -6.12 47.17
CA ALA B 85 -17.61 -7.45 46.78
C ALA B 85 -16.09 -7.60 46.97
N LEU B 86 -15.34 -6.52 46.71
CA LEU B 86 -13.88 -6.47 46.82
C LEU B 86 -13.35 -6.52 48.25
N GLU B 87 -14.12 -5.97 49.21
CA GLU B 87 -13.84 -6.10 50.64
C GLU B 87 -14.17 -7.52 51.13
N GLN B 88 -15.34 -8.04 50.72
CA GLN B 88 -15.84 -9.34 51.16
C GLN B 88 -15.08 -10.57 50.67
N SER B 89 -14.46 -10.48 49.48
CA SER B 89 -13.70 -11.58 48.87
C SER B 89 -12.47 -11.99 49.68
N ILE B 90 -11.92 -11.05 50.46
CA ILE B 90 -10.74 -11.22 51.31
C ILE B 90 -10.87 -12.27 52.42
N GLU B 91 -12.09 -12.61 52.84
CA GLU B 91 -12.37 -13.66 53.82
C GLU B 91 -12.40 -15.09 53.22
N PHE B 92 -12.34 -15.22 51.88
CA PHE B 92 -12.14 -16.49 51.19
C PHE B 92 -10.65 -16.70 50.88
N ILE B 93 -9.95 -15.61 50.52
CA ILE B 93 -8.49 -15.57 50.30
C ILE B 93 -7.71 -15.14 51.56
N ARG B 94 -8.34 -15.29 52.75
CA ARG B 94 -7.68 -15.35 54.05
C ARG B 94 -8.24 -16.53 54.86
N ASP B 95 -8.79 -17.54 54.15
CA ASP B 95 -9.05 -18.87 54.66
C ASP B 95 -8.15 -19.88 53.95
N SER B 96 -7.98 -19.76 52.61
CA SER B 96 -7.06 -20.60 51.84
C SER B 96 -5.60 -20.51 52.35
N LEU B 97 -5.14 -19.27 52.63
CA LEU B 97 -3.80 -18.95 53.12
C LEU B 97 -3.51 -19.49 54.53
N ILE B 98 -4.44 -19.23 55.47
CA ILE B 98 -4.28 -19.56 56.87
C ILE B 98 -4.55 -21.05 57.13
N SER B 99 -5.51 -21.66 56.41
CA SER B 99 -5.81 -23.09 56.50
C SER B 99 -4.74 -24.00 55.84
N ILE B 100 -3.88 -23.47 54.95
CA ILE B 100 -2.75 -24.24 54.40
C ILE B 100 -1.48 -24.09 55.26
N ARG B 101 -1.23 -22.93 55.89
CA ARG B 101 -0.15 -22.78 56.89
C ARG B 101 -0.49 -23.51 58.19
N ASP B 102 -1.67 -23.23 58.77
CA ASP B 102 -2.15 -23.78 60.03
C ASP B 102 -3.17 -24.80 59.57
N THR B 122 -13.13 -24.43 63.35
CA THR B 122 -11.97 -24.43 62.45
C THR B 122 -12.28 -23.62 61.16
N LYS B 123 -11.25 -23.48 60.31
CA LYS B 123 -11.28 -22.84 59.00
C LYS B 123 -10.71 -23.80 57.96
N LYS B 124 -11.30 -23.79 56.75
CA LYS B 124 -10.98 -24.72 55.67
C LYS B 124 -10.93 -24.00 54.31
N PRO B 125 -10.17 -24.56 53.32
CA PRO B 125 -10.00 -23.94 51.99
C PRO B 125 -11.31 -23.87 51.18
N ILE B 126 -11.59 -22.68 50.62
CA ILE B 126 -12.67 -22.47 49.66
C ILE B 126 -12.10 -22.74 48.24
N ALA B 127 -12.81 -23.55 47.47
CA ALA B 127 -12.33 -24.11 46.20
C ALA B 127 -12.64 -23.26 44.95
N GLY B 128 -13.74 -22.48 44.97
CA GLY B 128 -14.18 -21.70 43.84
C GLY B 128 -15.14 -20.60 44.32
N VAL B 129 -15.29 -19.55 43.50
CA VAL B 129 -16.26 -18.47 43.69
C VAL B 129 -17.35 -18.58 42.61
N ILE B 130 -18.55 -19.00 43.02
CA ILE B 130 -19.73 -18.98 42.15
C ILE B 130 -20.22 -17.53 41.96
N GLY B 131 -20.61 -17.22 40.72
CA GLY B 131 -20.76 -15.92 40.09
C GLY B 131 -21.17 -14.73 40.97
N PRO B 132 -20.48 -13.58 40.86
CA PRO B 132 -21.12 -12.28 41.12
C PRO B 132 -22.02 -11.89 39.93
N GLY B 133 -23.19 -11.29 40.24
CA GLY B 133 -24.25 -10.95 39.29
C GLY B 133 -23.77 -9.98 38.21
N SER B 134 -23.62 -8.69 38.57
CA SER B 134 -23.21 -7.59 37.68
C SER B 134 -21.81 -7.82 37.07
N SER B 135 -21.68 -7.51 35.77
CA SER B 135 -20.51 -7.85 34.97
C SER B 135 -19.24 -7.08 35.37
N SER B 136 -19.37 -5.81 35.78
CA SER B 136 -18.24 -4.97 36.22
C SER B 136 -17.58 -5.47 37.51
N VAL B 137 -18.37 -6.02 38.44
CA VAL B 137 -17.88 -6.72 39.62
C VAL B 137 -17.12 -8.01 39.23
N ALA B 138 -17.59 -8.70 38.18
CA ALA B 138 -16.95 -9.89 37.60
C ALA B 138 -15.66 -9.61 36.78
N ILE B 139 -15.24 -8.35 36.65
CA ILE B 139 -13.91 -7.99 36.13
C ILE B 139 -13.00 -7.59 37.32
N GLN B 140 -13.54 -6.79 38.24
CA GLN B 140 -12.80 -6.19 39.36
C GLN B 140 -12.65 -7.09 40.60
N VAL B 141 -13.27 -8.28 40.60
CA VAL B 141 -13.10 -9.31 41.64
C VAL B 141 -12.47 -10.60 41.05
N GLN B 142 -12.04 -10.54 39.78
CA GLN B 142 -11.26 -11.57 39.12
C GLN B 142 -9.84 -11.09 38.75
N ASN B 143 -9.56 -9.79 38.91
CA ASN B 143 -8.20 -9.24 39.12
C ASN B 143 -7.79 -9.28 40.61
N LEU B 144 -8.46 -10.13 41.41
CA LEU B 144 -8.16 -10.42 42.80
C LEU B 144 -8.19 -11.95 43.08
N LEU B 145 -8.67 -12.76 42.11
CA LEU B 145 -8.77 -14.23 42.21
C LEU B 145 -7.89 -14.98 41.20
N GLN B 146 -7.17 -14.27 40.30
CA GLN B 146 -6.02 -14.82 39.59
C GLN B 146 -4.86 -15.16 40.54
N LEU B 147 -4.62 -14.23 41.49
CA LEU B 147 -3.48 -14.18 42.40
C LEU B 147 -3.44 -15.32 43.44
N PHE B 148 -4.56 -16.07 43.57
CA PHE B 148 -4.72 -17.19 44.50
C PHE B 148 -5.12 -18.48 43.76
N ASP B 149 -5.32 -18.41 42.43
CA ASP B 149 -5.60 -19.53 41.54
C ASP B 149 -6.93 -20.24 41.89
N ILE B 150 -8.02 -19.46 41.98
CA ILE B 150 -9.34 -19.95 42.39
C ILE B 150 -10.34 -19.60 41.27
N PRO B 151 -10.93 -20.63 40.59
CA PRO B 151 -11.91 -20.43 39.50
C PRO B 151 -13.16 -19.66 39.92
N GLN B 152 -13.43 -18.56 39.20
CA GLN B 152 -14.74 -17.92 39.20
C GLN B 152 -15.64 -18.60 38.15
N ILE B 153 -16.89 -18.91 38.52
CA ILE B 153 -17.88 -19.50 37.62
C ILE B 153 -19.11 -18.57 37.61
N ALA B 154 -19.07 -17.56 36.73
CA ALA B 154 -20.15 -16.59 36.50
C ALA B 154 -21.45 -17.22 35.99
N TYR B 155 -22.60 -16.60 36.30
CA TYR B 155 -23.93 -17.07 35.91
C TYR B 155 -24.76 -15.99 35.20
N SER B 156 -24.15 -14.83 34.87
CA SER B 156 -24.87 -13.67 34.33
C SER B 156 -23.98 -12.69 33.55
N ALA B 157 -22.64 -12.82 33.62
CA ALA B 157 -21.68 -11.81 33.16
C ALA B 157 -21.53 -11.74 31.62
N THR B 158 -22.52 -11.13 30.96
CA THR B 158 -22.59 -10.89 29.52
C THR B 158 -21.69 -9.71 29.08
N SER B 159 -20.36 -9.89 29.19
CA SER B 159 -19.35 -8.99 28.64
C SER B 159 -18.56 -9.70 27.52
N ILE B 160 -18.10 -8.90 26.55
CA ILE B 160 -17.38 -9.39 25.38
C ILE B 160 -15.90 -9.76 25.67
N ASP B 161 -15.26 -9.00 26.58
CA ASP B 161 -13.81 -9.02 26.81
C ASP B 161 -13.41 -9.83 28.05
N LEU B 162 -14.35 -10.59 28.63
CA LEU B 162 -14.08 -11.55 29.70
C LEU B 162 -13.77 -12.94 29.10
N SER B 163 -13.26 -12.94 27.87
CA SER B 163 -12.87 -14.08 27.05
C SER B 163 -11.41 -13.98 26.55
N ASP B 164 -10.68 -12.92 26.94
CA ASP B 164 -9.23 -12.80 26.73
C ASP B 164 -8.49 -13.71 27.72
N LYS B 165 -8.00 -14.86 27.23
CA LYS B 165 -7.31 -15.86 28.04
C LYS B 165 -5.83 -15.51 28.36
N THR B 166 -5.46 -14.24 28.19
CA THR B 166 -4.18 -13.66 28.59
C THR B 166 -4.34 -12.84 29.90
N LEU B 167 -5.40 -12.02 30.00
CA LEU B 167 -5.73 -11.23 31.20
C LEU B 167 -6.70 -11.97 32.14
N TYR B 168 -7.51 -12.92 31.62
CA TYR B 168 -8.65 -13.49 32.32
C TYR B 168 -8.68 -15.00 32.12
N LYS B 169 -8.24 -15.75 33.15
CA LYS B 169 -7.94 -17.17 33.04
C LYS B 169 -8.76 -18.05 34.00
N TYR B 170 -9.00 -17.56 35.23
CA TYR B 170 -9.79 -18.23 36.27
C TYR B 170 -11.25 -17.75 36.22
N PHE B 171 -11.88 -17.94 35.05
CA PHE B 171 -13.16 -17.31 34.74
C PHE B 171 -13.92 -18.12 33.68
N LEU B 172 -14.83 -18.97 34.18
CA LEU B 172 -15.87 -19.67 33.42
C LEU B 172 -17.16 -18.86 33.52
N ARG B 173 -18.08 -19.07 32.57
CA ARG B 173 -19.46 -18.62 32.72
C ARG B 173 -20.45 -19.46 31.91
N VAL B 174 -21.53 -19.86 32.59
CA VAL B 174 -22.62 -20.68 32.05
C VAL B 174 -23.70 -19.85 31.31
N VAL B 175 -23.42 -18.58 31.00
CA VAL B 175 -24.27 -17.68 30.23
C VAL B 175 -23.58 -17.29 28.90
N PRO B 176 -24.34 -17.27 27.77
CA PRO B 176 -23.85 -16.85 26.44
C PRO B 176 -23.02 -15.55 26.38
N SER B 177 -21.98 -15.56 25.53
CA SER B 177 -21.22 -14.39 25.09
C SER B 177 -22.07 -13.43 24.24
N ASP B 178 -21.56 -12.21 24.03
CA ASP B 178 -22.23 -11.15 23.26
C ASP B 178 -21.91 -11.19 21.77
N THR B 179 -20.84 -11.89 21.35
CA THR B 179 -20.57 -12.20 19.95
C THR B 179 -21.56 -13.25 19.38
N LEU B 180 -22.09 -14.13 20.24
CA LEU B 180 -23.14 -15.10 19.91
C LEU B 180 -24.48 -14.42 19.60
N GLN B 181 -24.84 -13.41 20.42
CA GLN B 181 -26.02 -12.56 20.25
C GLN B 181 -25.90 -11.65 19.02
N ALA B 182 -24.69 -11.13 18.76
CA ALA B 182 -24.35 -10.34 17.57
C ALA B 182 -24.42 -11.16 16.27
N ARG B 183 -24.12 -12.47 16.35
CA ARG B 183 -24.31 -13.40 15.24
C ARG B 183 -25.79 -13.72 14.98
N ALA B 184 -26.60 -13.89 16.04
CA ALA B 184 -28.04 -14.11 15.95
C ALA B 184 -28.80 -12.91 15.36
N MET B 185 -28.36 -11.69 15.75
CA MET B 185 -28.78 -10.40 15.19
C MET B 185 -28.58 -10.30 13.68
N LEU B 186 -27.38 -10.67 13.22
CA LEU B 186 -27.04 -10.76 11.80
C LEU B 186 -27.85 -11.83 11.06
N ASP B 187 -28.09 -12.97 11.71
CA ASP B 187 -28.78 -14.13 11.14
C ASP B 187 -30.27 -13.86 10.84
N ILE B 188 -30.96 -13.06 11.69
CA ILE B 188 -32.33 -12.59 11.45
C ILE B 188 -32.44 -11.75 10.17
N VAL B 189 -31.56 -10.73 10.07
CA VAL B 189 -31.44 -9.79 8.96
C VAL B 189 -31.02 -10.48 7.64
N LYS B 190 -30.28 -11.59 7.74
CA LYS B 190 -29.82 -12.40 6.61
C LYS B 190 -30.84 -13.45 6.13
N ARG B 191 -31.92 -13.69 6.90
CA ARG B 191 -32.93 -14.68 6.55
C ARG B 191 -34.10 -14.05 5.78
N TYR B 192 -34.52 -12.84 6.17
CA TYR B 192 -35.47 -12.00 5.43
C TYR B 192 -34.86 -11.27 4.21
N ASN B 193 -33.54 -11.43 4.02
CA ASN B 193 -32.75 -10.91 2.90
C ASN B 193 -32.75 -9.36 2.86
N TRP B 194 -32.30 -8.77 3.98
CA TRP B 194 -32.05 -7.33 4.13
C TRP B 194 -30.51 -7.14 4.09
N THR B 195 -30.05 -6.05 3.48
CA THR B 195 -28.62 -5.83 3.22
C THR B 195 -28.14 -4.38 3.50
N TYR B 196 -29.04 -3.48 3.93
CA TYR B 196 -28.68 -2.12 4.36
C TYR B 196 -29.66 -1.66 5.44
N VAL B 197 -29.10 -1.26 6.59
CA VAL B 197 -29.81 -1.05 7.85
C VAL B 197 -29.00 -0.06 8.70
N SER B 198 -29.68 0.94 9.31
CA SER B 198 -29.07 1.86 10.26
C SER B 198 -28.79 1.17 11.61
N ALA B 199 -27.69 1.57 12.28
CA ALA B 199 -27.32 1.07 13.60
C ALA B 199 -27.56 2.14 14.65
N VAL B 200 -27.83 1.67 15.88
CA VAL B 200 -27.86 2.48 17.09
C VAL B 200 -27.31 1.61 18.23
N HIS B 201 -26.52 2.22 19.13
CA HIS B 201 -26.04 1.57 20.33
C HIS B 201 -25.84 2.59 21.45
N THR B 202 -26.22 2.19 22.68
CA THR B 202 -25.99 2.93 23.91
C THR B 202 -24.48 2.97 24.23
N GLU B 203 -23.94 4.19 24.40
CA GLU B 203 -22.55 4.41 24.78
C GLU B 203 -22.23 3.85 26.18
N GLY B 204 -21.01 3.32 26.31
CA GLY B 204 -20.61 2.45 27.41
C GLY B 204 -20.41 1.03 26.83
N ASN B 205 -19.77 0.16 27.63
CA ASN B 205 -19.25 -1.15 27.21
C ASN B 205 -20.24 -2.02 26.42
N TYR B 206 -21.47 -2.19 26.92
CA TYR B 206 -22.51 -3.05 26.33
C TYR B 206 -22.78 -2.80 24.83
N GLY B 207 -23.16 -1.56 24.48
CA GLY B 207 -23.59 -1.23 23.14
C GLY B 207 -22.39 -1.18 22.18
N GLU B 208 -21.26 -0.57 22.61
CA GLU B 208 -20.02 -0.48 21.84
C GLU B 208 -19.48 -1.85 21.42
N SER B 209 -19.38 -2.76 22.40
CA SER B 209 -18.92 -4.14 22.25
C SER B 209 -19.72 -4.94 21.21
N GLY B 210 -21.05 -5.00 21.41
CA GLY B 210 -21.94 -5.79 20.59
C GLY B 210 -22.16 -5.18 19.20
N MET B 211 -22.08 -3.84 19.07
CA MET B 211 -22.17 -3.15 17.78
C MET B 211 -20.89 -3.29 16.94
N ASP B 212 -19.69 -3.21 17.57
CA ASP B 212 -18.42 -3.53 16.91
C ASP B 212 -18.32 -4.99 16.44
N ALA B 213 -18.86 -5.94 17.23
CA ALA B 213 -19.03 -7.33 16.84
C ALA B 213 -19.95 -7.46 15.61
N PHE B 214 -21.14 -6.85 15.65
CA PHE B 214 -22.10 -6.86 14.55
C PHE B 214 -21.60 -6.16 13.26
N LYS B 215 -20.92 -5.01 13.39
CA LYS B 215 -20.29 -4.26 12.29
C LYS B 215 -19.21 -5.06 11.55
N GLU B 216 -18.39 -5.82 12.29
CA GLU B 216 -17.37 -6.73 11.76
C GLU B 216 -18.01 -7.90 10.99
N LEU B 217 -19.01 -8.55 11.62
CA LEU B 217 -19.76 -9.67 11.05
C LEU B 217 -20.50 -9.26 9.76
N ALA B 218 -21.07 -8.05 9.76
CA ALA B 218 -21.67 -7.38 8.61
C ALA B 218 -20.66 -7.13 7.47
N ALA B 219 -19.46 -6.62 7.81
CA ALA B 219 -18.41 -6.26 6.86
C ALA B 219 -17.84 -7.45 6.06
N GLN B 220 -17.64 -8.62 6.71
CA GLN B 220 -17.17 -9.84 6.05
C GLN B 220 -18.27 -10.52 5.23
N GLU B 221 -19.53 -10.41 5.68
CA GLU B 221 -20.71 -10.99 5.01
C GLU B 221 -21.15 -10.23 3.75
N GLY B 222 -20.93 -8.91 3.70
CA GLY B 222 -21.25 -8.07 2.54
C GLY B 222 -22.43 -7.12 2.79
N LEU B 223 -22.85 -6.89 4.06
CA LEU B 223 -23.77 -5.83 4.44
C LEU B 223 -23.10 -4.44 4.34
N CYS B 224 -23.92 -3.39 4.47
CA CYS B 224 -23.46 -2.01 4.62
C CYS B 224 -24.41 -1.31 5.59
N ILE B 225 -23.92 -1.04 6.80
CA ILE B 225 -24.65 -0.29 7.82
C ILE B 225 -24.81 1.16 7.36
N ALA B 226 -26.07 1.60 7.19
CA ALA B 226 -26.45 2.85 6.53
C ALA B 226 -25.95 4.11 7.23
N HIS B 227 -26.22 4.20 8.54
CA HIS B 227 -25.74 5.28 9.38
C HIS B 227 -25.77 4.82 10.84
N SER B 228 -24.61 4.86 11.49
CA SER B 228 -24.39 4.46 12.87
C SER B 228 -24.38 5.68 13.80
N ASP B 229 -25.55 6.33 13.98
CA ASP B 229 -25.77 7.46 14.90
C ASP B 229 -25.92 6.94 16.34
N LYS B 230 -24.85 6.30 16.85
CA LYS B 230 -24.75 5.83 18.22
C LYS B 230 -24.82 7.00 19.20
N ILE B 231 -25.64 6.82 20.24
CA ILE B 231 -26.12 7.90 21.09
C ILE B 231 -25.96 7.49 22.56
N TYR B 232 -25.99 8.51 23.44
CA TYR B 232 -25.97 8.32 24.89
C TYR B 232 -27.42 8.17 25.44
N SER B 233 -27.54 7.53 26.60
CA SER B 233 -28.80 7.22 27.28
C SER B 233 -29.49 8.44 27.94
N ASN B 234 -28.70 9.32 28.58
CA ASN B 234 -29.18 10.41 29.43
C ASN B 234 -28.86 11.79 28.80
N ALA B 235 -28.85 11.85 27.46
CA ALA B 235 -28.79 13.08 26.68
C ALA B 235 -30.17 13.76 26.60
N GLY B 236 -30.21 14.96 26.01
CA GLY B 236 -31.45 15.75 25.86
C GLY B 236 -32.43 15.06 24.91
N GLU B 237 -33.73 15.37 25.06
CA GLU B 237 -34.82 14.98 24.17
C GLU B 237 -34.66 15.53 22.75
N LYS B 238 -33.88 16.62 22.61
CA LYS B 238 -33.43 17.20 21.35
C LYS B 238 -32.28 16.40 20.68
N SER B 239 -31.54 15.59 21.45
CA SER B 239 -30.52 14.65 20.95
C SER B 239 -31.21 13.36 20.44
N PHE B 240 -32.26 12.90 21.15
CA PHE B 240 -33.17 11.86 20.67
C PHE B 240 -34.01 12.31 19.48
N ASP B 241 -34.33 13.62 19.39
CA ASP B 241 -34.93 14.23 18.21
C ASP B 241 -33.95 14.17 17.03
N ARG B 242 -32.68 14.57 17.24
CA ARG B 242 -31.60 14.51 16.24
C ARG B 242 -31.39 13.12 15.62
N LEU B 243 -31.61 12.04 16.40
CA LEU B 243 -31.66 10.67 15.88
C LEU B 243 -32.70 10.57 14.76
N LEU B 244 -33.97 10.87 15.08
CA LEU B 244 -35.08 10.90 14.12
C LEU B 244 -34.93 11.91 12.97
N ARG B 245 -34.29 13.07 13.22
CA ARG B 245 -33.97 14.04 12.18
C ARG B 245 -33.01 13.45 11.13
N LYS B 246 -32.02 12.65 11.56
CA LYS B 246 -31.17 11.88 10.66
C LYS B 246 -31.92 10.70 10.03
N LEU B 247 -32.72 9.94 10.80
CA LEU B 247 -33.45 8.75 10.31
C LEU B 247 -34.33 9.04 9.08
N ARG B 248 -34.81 10.29 8.97
CA ARG B 248 -35.58 10.83 7.85
C ARG B 248 -34.80 10.87 6.51
N GLU B 249 -33.47 10.98 6.54
CA GLU B 249 -32.59 10.66 5.42
C GLU B 249 -32.49 9.14 5.28
N ARG B 250 -32.74 8.64 4.06
CA ARG B 250 -32.77 7.21 3.71
C ARG B 250 -33.95 6.45 4.35
N LEU B 251 -35.01 7.18 4.73
CA LEU B 251 -36.29 6.64 5.18
C LEU B 251 -37.00 5.72 4.15
N PRO B 252 -36.91 5.98 2.82
CA PRO B 252 -37.36 5.00 1.82
C PRO B 252 -36.31 3.95 1.40
N LYS B 253 -35.04 4.05 1.87
CA LYS B 253 -33.91 3.29 1.34
C LYS B 253 -33.30 2.25 2.31
N ALA B 254 -32.97 2.68 3.53
CA ALA B 254 -32.34 1.85 4.55
C ALA B 254 -33.00 2.19 5.88
N ARG B 255 -34.21 1.66 6.06
CA ARG B 255 -35.17 2.15 7.03
C ARG B 255 -35.07 1.45 8.40
N VAL B 256 -34.86 0.12 8.41
CA VAL B 256 -34.78 -0.68 9.64
C VAL B 256 -33.58 -0.25 10.49
N VAL B 257 -33.81 -0.22 11.82
CA VAL B 257 -32.78 0.00 12.83
C VAL B 257 -32.45 -1.34 13.51
N VAL B 258 -31.16 -1.53 13.85
CA VAL B 258 -30.70 -2.57 14.77
C VAL B 258 -30.33 -1.84 16.07
N CYS B 259 -31.29 -1.85 17.01
CA CYS B 259 -31.20 -1.16 18.29
C CYS B 259 -30.48 -2.07 19.29
N PHE B 260 -29.17 -1.85 19.46
CA PHE B 260 -28.28 -2.63 20.32
C PHE B 260 -28.23 -2.05 21.75
N CYS B 261 -29.40 -1.67 22.28
CA CYS B 261 -29.49 -0.81 23.45
C CYS B 261 -30.20 -1.49 24.62
N GLU B 262 -29.97 -0.87 25.79
CA GLU B 262 -30.80 -0.95 26.99
C GLU B 262 -32.17 -0.28 26.71
N GLY B 263 -33.18 -0.65 27.50
CA GLY B 263 -34.57 -0.21 27.34
C GLY B 263 -34.82 1.31 27.49
N MET B 264 -33.97 2.07 28.22
CA MET B 264 -34.12 3.52 28.41
C MET B 264 -33.86 4.35 27.14
N THR B 265 -32.92 3.90 26.29
CA THR B 265 -32.66 4.50 24.99
C THR B 265 -33.80 4.23 23.99
N VAL B 266 -34.43 3.04 24.09
CA VAL B 266 -35.62 2.66 23.32
C VAL B 266 -36.86 3.46 23.75
N ARG B 267 -37.04 3.70 25.07
CA ARG B 267 -38.06 4.56 25.65
C ARG B 267 -37.96 6.00 25.09
N GLY B 268 -36.73 6.55 25.01
CA GLY B 268 -36.46 7.86 24.41
C GLY B 268 -36.73 7.87 22.90
N LEU B 269 -36.34 6.80 22.18
CA LEU B 269 -36.51 6.65 20.73
C LEU B 269 -37.97 6.47 20.29
N LEU B 270 -38.86 5.97 21.17
CA LEU B 270 -40.31 5.89 20.92
C LEU B 270 -41.06 7.12 21.44
N SER B 271 -40.51 7.85 22.44
CA SER B 271 -41.02 9.15 22.90
C SER B 271 -40.92 10.21 21.79
N ALA B 272 -39.76 10.22 21.11
CA ALA B 272 -39.47 11.07 19.96
C ALA B 272 -40.16 10.64 18.66
N MET B 273 -40.53 9.34 18.53
CA MET B 273 -41.29 8.81 17.39
C MET B 273 -42.77 9.21 17.46
N ARG B 274 -43.33 9.18 18.68
CA ARG B 274 -44.65 9.70 19.02
C ARG B 274 -44.73 11.24 18.91
N ARG B 275 -43.64 11.96 19.27
CA ARG B 275 -43.50 13.42 19.14
C ARG B 275 -43.74 13.91 17.72
N LEU B 276 -42.95 13.38 16.76
CA LEU B 276 -43.03 13.76 15.36
C LEU B 276 -44.28 13.21 14.66
N GLY B 277 -44.71 11.98 15.02
CA GLY B 277 -45.85 11.32 14.39
C GLY B 277 -45.41 10.66 13.07
N VAL B 278 -44.28 9.94 13.12
CA VAL B 278 -43.67 9.21 12.00
C VAL B 278 -43.82 7.68 12.27
N VAL B 279 -45.06 7.29 12.52
CA VAL B 279 -45.41 6.18 13.41
C VAL B 279 -44.93 4.77 13.00
N GLY B 280 -45.15 4.38 11.74
CA GLY B 280 -45.06 2.98 11.31
C GLY B 280 -44.17 2.80 10.08
N GLU B 281 -43.24 3.73 9.81
CA GLU B 281 -42.42 3.72 8.59
C GLU B 281 -41.42 2.55 8.55
N PHE B 282 -40.75 2.27 9.68
CA PHE B 282 -39.78 1.20 9.84
C PHE B 282 -40.00 0.44 11.14
N SER B 283 -39.60 -0.84 11.13
CA SER B 283 -39.54 -1.70 12.30
C SER B 283 -38.16 -1.62 12.96
N LEU B 284 -38.14 -1.91 14.27
CA LEU B 284 -36.95 -1.93 15.10
C LEU B 284 -36.76 -3.35 15.66
N ILE B 285 -35.59 -3.95 15.36
CA ILE B 285 -35.20 -5.26 15.86
C ILE B 285 -34.31 -5.07 17.11
N GLY B 286 -34.95 -5.25 18.28
CA GLY B 286 -34.39 -4.98 19.60
C GLY B 286 -33.37 -6.01 20.03
N SER B 287 -32.50 -5.61 20.96
CA SER B 287 -31.47 -6.44 21.59
C SER B 287 -31.92 -6.91 22.98
N ASP B 288 -31.07 -7.69 23.67
CA ASP B 288 -31.30 -8.31 24.99
C ASP B 288 -31.71 -7.33 26.11
N GLY B 289 -31.34 -6.04 25.99
CA GLY B 289 -31.78 -4.98 26.88
C GLY B 289 -33.28 -4.65 26.75
N TRP B 290 -33.92 -4.95 25.60
CA TRP B 290 -35.35 -4.77 25.34
C TRP B 290 -35.89 -6.00 24.60
N ALA B 291 -36.39 -6.99 25.39
CA ALA B 291 -36.99 -8.19 24.84
C ALA B 291 -38.22 -8.65 25.65
N ASP B 292 -38.11 -8.59 26.98
CA ASP B 292 -39.22 -8.83 27.92
C ASP B 292 -39.39 -7.60 28.84
N ARG B 293 -38.80 -6.46 28.44
CA ARG B 293 -39.09 -5.15 29.05
C ARG B 293 -40.40 -4.63 28.46
N ASP B 294 -41.46 -4.71 29.28
CA ASP B 294 -42.78 -4.17 28.98
C ASP B 294 -42.92 -2.77 29.58
N GLU B 295 -42.29 -2.53 30.74
CA GLU B 295 -42.21 -1.26 31.46
C GLU B 295 -41.72 -0.09 30.60
N VAL B 296 -40.80 -0.37 29.67
CA VAL B 296 -40.17 0.59 28.76
C VAL B 296 -41.06 0.96 27.55
N ILE B 297 -42.18 0.23 27.36
CA ILE B 297 -43.13 0.42 26.28
C ILE B 297 -44.52 0.85 26.81
N GLU B 298 -44.70 0.98 28.14
CA GLU B 298 -45.94 1.48 28.77
C GLU B 298 -46.22 2.94 28.36
N GLY B 299 -47.13 3.10 27.38
CA GLY B 299 -47.57 4.37 26.82
C GLY B 299 -47.08 4.59 25.38
N TYR B 300 -46.17 3.77 24.83
CA TYR B 300 -45.62 3.91 23.47
C TYR B 300 -45.84 2.67 22.59
N GLU B 301 -46.90 1.88 22.89
CA GLU B 301 -47.26 0.63 22.20
C GLU B 301 -47.57 0.80 20.71
N VAL B 302 -48.16 1.94 20.34
CA VAL B 302 -48.51 2.31 18.97
C VAL B 302 -47.30 2.44 18.01
N GLU B 303 -46.09 2.68 18.59
CA GLU B 303 -44.83 2.78 17.88
C GLU B 303 -44.07 1.43 17.81
N ALA B 304 -44.48 0.43 18.61
CA ALA B 304 -43.71 -0.79 18.87
C ALA B 304 -44.11 -2.01 18.03
N ASN B 305 -45.34 -2.04 17.48
CA ASN B 305 -45.91 -3.20 16.76
C ASN B 305 -45.07 -3.61 15.53
N GLY B 306 -44.81 -4.92 15.43
CA GLY B 306 -44.07 -5.55 14.34
C GLY B 306 -42.56 -5.66 14.65
N GLY B 307 -42.09 -5.09 15.78
CA GLY B 307 -40.69 -5.10 16.19
C GLY B 307 -40.34 -6.46 16.80
N ILE B 308 -39.36 -7.14 16.18
CA ILE B 308 -38.71 -8.36 16.70
C ILE B 308 -37.76 -7.99 17.85
N THR B 309 -37.44 -8.96 18.72
CA THR B 309 -36.47 -8.81 19.79
C THR B 309 -35.57 -10.06 19.86
N ILE B 310 -34.75 -10.17 20.92
CA ILE B 310 -33.96 -11.37 21.21
C ILE B 310 -33.66 -11.41 22.72
N LYS B 311 -33.86 -12.58 23.33
CA LYS B 311 -33.64 -12.84 24.76
C LYS B 311 -32.84 -14.13 24.94
N LEU B 312 -32.26 -14.27 26.14
CA LEU B 312 -31.73 -15.54 26.63
C LEU B 312 -32.87 -16.53 26.95
N GLN B 313 -32.60 -17.82 26.76
CA GLN B 313 -33.52 -18.91 27.08
C GLN B 313 -33.08 -19.52 28.42
N SER B 314 -33.72 -19.09 29.51
CA SER B 314 -33.48 -19.61 30.86
C SER B 314 -34.81 -20.18 31.39
N PRO B 315 -34.99 -21.52 31.30
CA PRO B 315 -36.24 -22.18 31.71
C PRO B 315 -36.56 -22.06 33.20
N GLU B 316 -37.87 -22.02 33.51
CA GLU B 316 -38.41 -22.13 34.87
C GLU B 316 -38.09 -23.53 35.45
N VAL B 317 -37.52 -23.55 36.66
CA VAL B 317 -37.22 -24.77 37.41
C VAL B 317 -38.33 -24.98 38.45
N ARG B 318 -39.07 -26.08 38.32
CA ARG B 318 -40.16 -26.45 39.22
C ARG B 318 -39.69 -26.93 40.60
N SER B 319 -38.58 -27.70 40.64
CA SER B 319 -38.00 -28.32 41.83
C SER B 319 -37.63 -27.31 42.93
N PHE B 320 -37.17 -26.11 42.53
CA PHE B 320 -36.90 -25.00 43.45
C PHE B 320 -38.20 -24.38 43.99
N ASP B 321 -39.14 -24.04 43.10
CA ASP B 321 -40.40 -23.36 43.42
C ASP B 321 -41.27 -24.10 44.44
N ASP B 322 -41.35 -25.44 44.33
CA ASP B 322 -42.08 -26.26 45.30
C ASP B 322 -41.42 -26.23 46.69
N TYR B 323 -40.09 -26.40 46.75
CA TYR B 323 -39.26 -26.33 47.96
C TYR B 323 -39.34 -24.97 48.68
N PHE B 324 -39.15 -23.88 47.92
CA PHE B 324 -39.05 -22.54 48.47
C PHE B 324 -40.38 -21.98 48.99
N LEU B 325 -41.46 -22.16 48.22
CA LEU B 325 -42.78 -21.64 48.58
C LEU B 325 -43.45 -22.36 49.78
N LYS B 326 -42.93 -23.53 50.18
CA LYS B 326 -43.38 -24.24 51.38
C LYS B 326 -42.54 -23.91 52.65
N LEU B 327 -41.58 -22.98 52.56
CA LEU B 327 -40.69 -22.59 53.65
C LEU B 327 -41.44 -21.88 54.80
N ARG B 328 -40.82 -21.85 55.98
CA ARG B 328 -41.32 -21.19 57.17
C ARG B 328 -40.21 -20.33 57.79
N LEU B 329 -40.62 -19.24 58.46
CA LEU B 329 -39.73 -18.32 59.17
C LEU B 329 -39.05 -18.93 60.43
N ASP B 330 -39.54 -20.08 60.90
CA ASP B 330 -39.04 -20.80 62.08
C ASP B 330 -38.16 -22.03 61.75
N THR B 331 -38.06 -22.47 60.49
CA THR B 331 -37.31 -23.69 60.11
C THR B 331 -35.91 -23.40 59.55
N ASN B 332 -35.75 -22.33 58.75
CA ASN B 332 -34.50 -22.03 58.05
C ASN B 332 -33.54 -21.25 58.98
N THR B 333 -32.69 -21.99 59.69
CA THR B 333 -31.66 -21.49 60.60
C THR B 333 -30.32 -21.22 59.89
N ARG B 334 -30.13 -21.82 58.70
CA ARG B 334 -28.91 -21.74 57.87
C ARG B 334 -28.87 -20.48 56.98
N ASN B 335 -29.81 -19.54 57.15
CA ASN B 335 -29.97 -18.37 56.28
C ASN B 335 -30.27 -17.13 57.15
N PRO B 336 -29.25 -16.26 57.39
CA PRO B 336 -29.45 -14.83 57.73
C PRO B 336 -30.04 -14.03 56.55
N TRP B 337 -30.43 -12.77 56.79
CA TRP B 337 -31.22 -11.90 55.89
C TRP B 337 -32.68 -12.37 55.74
N PHE B 338 -32.92 -13.70 55.77
CA PHE B 338 -34.20 -14.40 55.74
C PHE B 338 -35.12 -14.27 56.99
N PRO B 339 -34.59 -14.16 58.24
CA PRO B 339 -35.46 -13.81 59.38
C PRO B 339 -35.86 -12.33 59.38
N GLU B 340 -35.24 -11.54 58.46
CA GLU B 340 -35.39 -10.10 58.30
C GLU B 340 -35.87 -9.70 56.88
N PHE B 341 -36.25 -10.66 56.01
CA PHE B 341 -36.83 -10.39 54.68
C PHE B 341 -38.36 -10.46 54.73
N TRP B 342 -38.92 -11.09 55.79
CA TRP B 342 -40.35 -11.29 56.01
C TRP B 342 -41.09 -9.95 56.02
N GLN B 343 -40.51 -8.95 56.70
CA GLN B 343 -40.99 -7.58 56.77
C GLN B 343 -40.95 -6.84 55.43
N HIS B 344 -39.90 -7.09 54.62
CA HIS B 344 -39.76 -6.53 53.26
C HIS B 344 -40.88 -7.02 52.32
N ARG B 345 -41.01 -8.35 52.16
CA ARG B 345 -41.95 -8.96 51.23
C ARG B 345 -43.42 -8.75 51.65
N PHE B 346 -43.69 -8.76 52.96
CA PHE B 346 -45.05 -8.81 53.50
C PHE B 346 -45.52 -7.50 54.12
N GLN B 347 -44.69 -6.44 54.14
CA GLN B 347 -45.04 -5.09 54.62
C GLN B 347 -45.50 -5.06 56.11
N CYS B 348 -44.99 -6.03 56.89
CA CYS B 348 -45.34 -6.25 58.29
C CYS B 348 -44.13 -5.96 59.19
N ARG B 349 -44.34 -5.90 60.50
CA ARG B 349 -43.29 -5.69 61.50
C ARG B 349 -43.65 -6.47 62.74
N LEU B 350 -42.75 -7.37 63.17
CA LEU B 350 -42.93 -8.22 64.34
C LEU B 350 -41.93 -7.80 65.43
N PRO B 351 -42.40 -7.54 66.67
CA PRO B 351 -41.50 -7.35 67.82
C PRO B 351 -40.76 -8.62 68.27
N GLY B 352 -41.29 -9.80 67.88
CA GLY B 352 -40.80 -11.13 68.26
C GLY B 352 -39.38 -11.41 67.73
N HIS B 353 -39.07 -10.97 66.50
CA HIS B 353 -37.71 -10.98 65.95
C HIS B 353 -36.97 -9.70 66.35
N LEU B 354 -35.67 -9.84 66.59
CA LEU B 354 -34.75 -8.74 66.88
C LEU B 354 -34.30 -8.06 65.57
N LEU B 355 -33.90 -6.78 65.68
CA LEU B 355 -33.42 -5.93 64.59
C LEU B 355 -34.49 -5.65 63.51
N GLU B 356 -35.72 -5.37 63.98
CA GLU B 356 -36.86 -5.05 63.15
C GLU B 356 -36.84 -3.57 62.70
N ASN B 357 -37.12 -3.36 61.40
CA ASN B 357 -37.35 -2.05 60.78
C ASN B 357 -38.62 -1.36 61.35
N PRO B 358 -38.62 -0.02 61.50
CA PRO B 358 -39.73 0.68 62.16
C PRO B 358 -40.92 1.05 61.25
N ASN B 359 -40.69 1.14 59.92
CA ASN B 359 -41.59 1.75 58.93
C ASN B 359 -42.92 1.04 58.67
N PHE B 360 -43.10 -0.20 59.17
CA PHE B 360 -44.37 -0.93 59.07
C PHE B 360 -44.93 -1.10 60.48
N LYS B 361 -46.27 -1.12 60.59
CA LYS B 361 -46.96 -1.23 61.88
C LYS B 361 -48.23 -2.08 61.80
N ARG B 362 -48.15 -3.18 61.03
CA ARG B 362 -49.11 -4.28 61.05
C ARG B 362 -48.32 -5.54 61.42
N ILE B 363 -48.76 -6.22 62.50
CA ILE B 363 -47.99 -7.29 63.13
C ILE B 363 -47.97 -8.57 62.28
N CYS B 364 -46.76 -9.12 62.05
CA CYS B 364 -46.55 -10.37 61.30
C CYS B 364 -47.06 -11.59 62.08
N THR B 365 -47.17 -12.73 61.37
CA THR B 365 -47.32 -14.06 61.96
C THR B 365 -46.26 -14.99 61.34
N GLY B 366 -46.09 -16.18 61.94
CA GLY B 366 -45.19 -17.21 61.42
C GLY B 366 -45.81 -17.89 60.20
N ASN B 367 -47.10 -18.26 60.32
CA ASN B 367 -47.92 -18.90 59.28
C ASN B 367 -48.48 -17.88 58.28
N GLU B 368 -47.62 -17.46 57.32
CA GLU B 368 -48.01 -16.60 56.21
C GLU B 368 -47.75 -17.32 54.88
N SER B 369 -48.65 -17.07 53.92
CA SER B 369 -48.49 -17.41 52.51
C SER B 369 -47.31 -16.67 51.89
N LEU B 370 -46.55 -17.39 51.06
CA LEU B 370 -45.30 -16.94 50.44
C LEU B 370 -45.46 -16.83 48.91
N GLU B 371 -46.64 -17.16 48.37
CA GLU B 371 -46.99 -17.18 46.95
C GLU B 371 -47.61 -15.85 46.48
N GLU B 372 -47.45 -14.78 47.29
CA GLU B 372 -47.92 -13.40 47.11
C GLU B 372 -47.34 -12.75 45.82
N ASN B 373 -47.90 -13.13 44.66
CA ASN B 373 -47.40 -12.78 43.32
C ASN B 373 -45.97 -13.33 43.08
N TYR B 374 -45.67 -14.54 43.60
CA TYR B 374 -44.37 -15.18 43.40
C TYR B 374 -44.13 -15.48 41.91
N VAL B 375 -43.08 -14.84 41.38
CA VAL B 375 -42.53 -15.11 40.07
C VAL B 375 -41.10 -15.62 40.32
N GLN B 376 -40.77 -16.80 39.76
CA GLN B 376 -39.40 -17.30 39.80
C GLN B 376 -38.50 -16.44 38.92
N ASP B 377 -37.27 -16.20 39.41
CA ASP B 377 -36.19 -15.47 38.75
C ASP B 377 -35.92 -15.97 37.33
N SER B 378 -35.46 -15.03 36.49
CA SER B 378 -34.93 -15.30 35.15
C SER B 378 -33.60 -16.09 35.18
N LYS B 379 -32.94 -16.21 36.34
CA LYS B 379 -31.61 -16.81 36.46
C LYS B 379 -31.56 -17.97 37.47
N MET B 380 -32.71 -18.51 37.91
CA MET B 380 -32.76 -19.63 38.84
C MET B 380 -32.38 -20.98 38.21
N GLY B 381 -32.47 -21.07 36.88
CA GLY B 381 -31.94 -22.17 36.08
C GLY B 381 -30.45 -21.96 35.75
N PHE B 382 -29.85 -20.79 36.04
CA PHE B 382 -28.44 -20.48 35.81
C PHE B 382 -27.56 -20.62 37.06
N VAL B 383 -28.14 -20.55 38.27
CA VAL B 383 -27.43 -20.82 39.52
C VAL B 383 -27.13 -22.34 39.68
N ILE B 384 -28.17 -23.16 39.45
CA ILE B 384 -28.14 -24.60 39.70
C ILE B 384 -27.42 -25.38 38.58
N ASN B 385 -27.30 -24.78 37.39
CA ASN B 385 -26.40 -25.22 36.31
C ASN B 385 -24.92 -24.95 36.66
N ALA B 386 -24.61 -23.78 37.24
CA ALA B 386 -23.25 -23.36 37.61
C ALA B 386 -22.61 -24.18 38.73
N ILE B 387 -23.39 -24.48 39.79
CA ILE B 387 -22.92 -25.30 40.92
C ILE B 387 -22.67 -26.76 40.51
N TYR B 388 -23.48 -27.29 39.59
CA TYR B 388 -23.31 -28.63 39.05
C TYR B 388 -22.14 -28.75 38.07
N ALA B 389 -21.80 -27.69 37.32
CA ALA B 389 -20.53 -27.61 36.60
C ALA B 389 -19.29 -27.80 37.51
N MET B 390 -19.38 -27.32 38.76
CA MET B 390 -18.38 -27.57 39.80
C MET B 390 -18.43 -29.01 40.34
N ALA B 391 -19.61 -29.50 40.73
CA ALA B 391 -19.79 -30.84 41.31
C ALA B 391 -19.45 -32.00 40.36
N HIS B 392 -19.50 -31.77 39.03
CA HIS B 392 -19.02 -32.69 37.99
C HIS B 392 -17.51 -32.57 37.76
N GLY B 393 -16.97 -31.34 37.86
CA GLY B 393 -15.54 -31.04 37.72
C GLY B 393 -14.72 -31.48 38.95
N LEU B 394 -15.38 -31.80 40.08
CA LEU B 394 -14.78 -32.44 41.26
C LEU B 394 -14.96 -33.96 41.22
N GLN B 395 -15.98 -34.47 40.49
CA GLN B 395 -16.15 -35.90 40.21
C GLN B 395 -15.14 -36.38 39.13
N ASN B 396 -14.45 -35.45 38.46
CA ASN B 396 -13.23 -35.67 37.69
C ASN B 396 -12.00 -35.73 38.62
N MET B 397 -11.86 -34.78 39.55
CA MET B 397 -10.69 -34.66 40.44
C MET B 397 -10.56 -35.83 41.43
N HIS B 398 -11.69 -36.21 42.08
CA HIS B 398 -11.79 -37.34 43.00
C HIS B 398 -11.62 -38.72 42.31
N HIS B 399 -11.71 -38.76 40.98
CA HIS B 399 -11.48 -39.94 40.14
C HIS B 399 -10.03 -40.02 39.63
N ALA B 400 -9.44 -38.87 39.26
CA ALA B 400 -8.19 -38.78 38.51
C ALA B 400 -6.97 -38.39 39.37
N LEU B 401 -7.14 -38.22 40.68
CA LEU B 401 -6.05 -38.07 41.66
C LEU B 401 -6.16 -39.10 42.79
N CYS B 402 -7.39 -39.50 43.13
CA CYS B 402 -7.70 -40.43 44.23
C CYS B 402 -8.51 -41.65 43.72
N PRO B 403 -8.01 -42.43 42.72
CA PRO B 403 -8.76 -43.53 42.11
C PRO B 403 -9.01 -44.69 43.09
N GLY B 404 -10.29 -45.08 43.23
CA GLY B 404 -10.72 -46.17 44.12
C GLY B 404 -10.58 -45.77 45.59
N HIS B 405 -11.00 -44.53 45.94
CA HIS B 405 -10.96 -44.00 47.30
C HIS B 405 -12.33 -43.41 47.66
N VAL B 406 -12.62 -43.39 48.98
CA VAL B 406 -13.85 -42.89 49.58
C VAL B 406 -13.49 -41.72 50.52
N GLY B 407 -14.05 -40.53 50.21
CA GLY B 407 -13.66 -39.26 50.81
C GLY B 407 -12.35 -38.74 50.17
N LEU B 408 -11.92 -37.54 50.59
CA LEU B 408 -10.68 -36.89 50.17
C LEU B 408 -9.46 -37.73 50.61
N CYS B 409 -8.63 -38.17 49.64
CA CYS B 409 -7.44 -38.98 49.88
C CYS B 409 -6.28 -38.18 50.52
N ASP B 410 -5.08 -38.76 50.54
CA ASP B 410 -3.83 -38.19 51.08
C ASP B 410 -3.48 -36.82 50.46
N ALA B 411 -3.41 -36.81 49.11
CA ALA B 411 -3.33 -35.62 48.27
C ALA B 411 -4.71 -34.93 48.16
N MET B 412 -4.83 -33.91 47.27
CA MET B 412 -6.09 -33.23 46.95
C MET B 412 -6.66 -32.45 48.16
N LYS B 413 -5.79 -32.02 49.09
CA LYS B 413 -6.18 -31.61 50.44
C LYS B 413 -4.98 -30.93 51.13
N PRO B 414 -4.98 -29.59 51.32
CA PRO B 414 -5.87 -28.56 50.71
C PRO B 414 -5.98 -28.60 49.18
N ILE B 415 -7.20 -28.40 48.68
CA ILE B 415 -7.57 -28.52 47.27
C ILE B 415 -6.87 -27.45 46.40
N ASP B 416 -6.33 -27.91 45.26
CA ASP B 416 -5.45 -27.20 44.34
C ASP B 416 -6.19 -26.14 43.48
N GLY B 417 -5.40 -25.37 42.70
CA GLY B 417 -5.90 -24.30 41.85
C GLY B 417 -5.94 -24.74 40.38
N SER B 418 -4.75 -24.88 39.76
CA SER B 418 -4.58 -25.10 38.33
C SER B 418 -4.97 -26.51 37.83
N LYS B 419 -5.22 -27.46 38.75
CA LYS B 419 -5.75 -28.79 38.44
C LYS B 419 -7.28 -28.81 38.52
N LEU B 420 -7.85 -27.97 39.41
CA LEU B 420 -9.29 -27.72 39.50
C LEU B 420 -9.80 -27.09 38.20
N LEU B 421 -9.14 -26.01 37.75
CA LEU B 421 -9.45 -25.28 36.53
C LEU B 421 -9.31 -26.14 35.24
N ASP B 422 -8.41 -27.14 35.23
CA ASP B 422 -8.21 -28.04 34.09
C ASP B 422 -9.16 -29.25 34.12
N PHE B 423 -9.88 -29.48 35.22
CA PHE B 423 -10.96 -30.47 35.29
C PHE B 423 -12.35 -29.83 35.11
N LEU B 424 -12.49 -28.52 35.42
CA LEU B 424 -13.70 -27.73 35.15
C LEU B 424 -13.89 -27.43 33.65
N ILE B 425 -12.80 -27.09 32.94
CA ILE B 425 -12.85 -26.70 31.53
C ILE B 425 -13.26 -27.86 30.59
N LYS B 426 -13.11 -29.12 31.05
CA LYS B 426 -13.66 -30.32 30.43
C LYS B 426 -14.74 -30.98 31.33
N SER B 427 -15.54 -30.17 32.04
CA SER B 427 -16.75 -30.66 32.71
C SER B 427 -17.97 -30.38 31.81
N SER B 428 -18.85 -31.38 31.74
CA SER B 428 -20.08 -31.36 30.98
C SER B 428 -20.97 -32.49 31.49
N PHE B 429 -22.23 -32.14 31.79
CA PHE B 429 -23.29 -33.08 32.15
C PHE B 429 -24.59 -32.26 32.15
N ILE B 430 -25.69 -32.92 31.76
CA ILE B 430 -27.00 -32.30 31.57
C ILE B 430 -27.48 -31.52 32.82
N GLY B 431 -28.11 -30.37 32.57
CA GLY B 431 -28.57 -29.43 33.58
C GLY B 431 -29.86 -29.91 34.26
N VAL B 432 -30.59 -28.95 34.84
CA VAL B 432 -31.88 -29.21 35.51
C VAL B 432 -33.05 -29.19 34.52
N SER B 433 -32.86 -28.55 33.34
CA SER B 433 -33.90 -28.27 32.36
C SER B 433 -33.65 -28.98 31.01
N GLY B 434 -33.00 -30.15 31.06
CA GLY B 434 -32.75 -31.04 29.91
C GLY B 434 -31.63 -30.57 28.97
N GLU B 435 -31.19 -29.30 29.07
CA GLU B 435 -30.11 -28.73 28.28
C GLU B 435 -28.76 -28.91 28.98
N GLU B 436 -27.73 -29.08 28.14
CA GLU B 436 -26.35 -29.39 28.51
C GLU B 436 -25.57 -28.10 28.84
N VAL B 437 -24.93 -28.09 30.02
CA VAL B 437 -23.83 -27.16 30.31
C VAL B 437 -22.54 -27.80 29.78
N TRP B 438 -21.73 -26.99 29.07
CA TRP B 438 -20.47 -27.41 28.51
C TRP B 438 -19.71 -26.14 28.10
N PHE B 439 -18.42 -26.11 28.46
CA PHE B 439 -17.54 -24.99 28.18
C PHE B 439 -16.63 -25.41 27.02
N ASP B 440 -16.51 -24.53 26.02
CA ASP B 440 -15.36 -24.51 25.11
C ASP B 440 -14.18 -23.81 25.83
N GLU B 441 -13.03 -23.69 25.13
CA GLU B 441 -11.74 -23.26 25.68
C GLU B 441 -11.64 -21.84 26.26
N LYS B 442 -12.70 -21.03 26.15
CA LYS B 442 -12.73 -19.63 26.60
C LYS B 442 -13.83 -19.34 27.63
N GLY B 443 -14.42 -20.39 28.22
CA GLY B 443 -15.39 -20.29 29.31
C GLY B 443 -16.75 -19.79 28.84
N ASP B 444 -17.07 -19.97 27.55
CA ASP B 444 -18.31 -19.52 26.92
C ASP B 444 -19.28 -20.71 26.84
N ALA B 445 -20.46 -20.55 27.46
CA ALA B 445 -21.58 -21.47 27.36
C ALA B 445 -22.23 -21.46 25.96
N PRO B 446 -23.09 -22.47 25.66
CA PRO B 446 -23.78 -22.55 24.36
C PRO B 446 -24.79 -21.42 24.13
N GLY B 447 -24.85 -20.93 22.90
CA GLY B 447 -25.82 -19.94 22.47
C GLY B 447 -27.12 -20.67 22.11
N ARG B 448 -28.12 -20.55 23.00
CA ARG B 448 -29.49 -21.02 22.80
C ARG B 448 -30.41 -19.86 23.16
N TYR B 449 -30.90 -19.17 22.12
CA TYR B 449 -31.65 -17.94 22.20
C TYR B 449 -33.09 -18.16 21.72
N ASP B 450 -34.03 -17.55 22.45
CA ASP B 450 -35.40 -17.34 21.97
C ASP B 450 -35.47 -16.04 21.16
N ILE B 451 -36.64 -15.86 20.54
CA ILE B 451 -37.04 -14.62 19.87
C ILE B 451 -38.45 -14.27 20.40
N MET B 452 -38.77 -12.97 20.41
CA MET B 452 -40.13 -12.47 20.62
C MET B 452 -40.46 -11.43 19.53
N ASN B 453 -41.73 -10.97 19.54
CA ASN B 453 -42.17 -9.80 18.80
C ASN B 453 -43.48 -9.28 19.42
N LEU B 454 -43.58 -7.95 19.57
CA LEU B 454 -44.82 -7.28 19.97
C LEU B 454 -45.83 -7.39 18.82
N GLN B 455 -47.04 -7.88 19.13
CA GLN B 455 -48.12 -7.97 18.16
C GLN B 455 -49.49 -8.05 18.84
N TYR B 456 -50.51 -7.85 17.99
CA TYR B 456 -51.91 -7.67 18.34
C TYR B 456 -52.60 -9.05 18.37
N THR B 457 -52.93 -9.53 19.58
CA THR B 457 -53.46 -10.89 19.81
C THR B 457 -54.99 -10.91 19.93
N GLU B 458 -55.56 -9.95 20.66
CA GLU B 458 -56.99 -9.72 20.85
C GLU B 458 -57.26 -8.21 20.83
N ALA B 459 -58.47 -7.80 21.21
CA ALA B 459 -58.92 -6.40 21.25
C ALA B 459 -58.03 -5.51 22.14
N ASN B 460 -57.21 -4.66 21.50
CA ASN B 460 -56.22 -3.76 22.12
C ASN B 460 -55.20 -4.52 22.97
N ARG B 461 -54.40 -5.40 22.33
CA ARG B 461 -53.49 -6.27 23.06
C ARG B 461 -52.13 -6.45 22.37
N TYR B 462 -51.28 -5.42 22.53
CA TYR B 462 -49.86 -5.47 22.21
C TYR B 462 -49.12 -6.23 23.32
N ASP B 463 -48.71 -7.47 23.02
CA ASP B 463 -47.89 -8.34 23.86
C ASP B 463 -46.93 -9.16 22.99
N TYR B 464 -45.87 -9.65 23.64
CA TYR B 464 -44.88 -10.56 23.07
C TYR B 464 -45.47 -11.94 22.82
N VAL B 465 -45.08 -12.53 21.68
CA VAL B 465 -45.41 -13.90 21.30
C VAL B 465 -44.12 -14.54 20.77
N HIS B 466 -43.83 -15.76 21.25
CA HIS B 466 -42.71 -16.59 20.78
C HIS B 466 -42.95 -17.05 19.34
N VAL B 467 -41.97 -16.80 18.47
CA VAL B 467 -42.06 -17.02 17.02
C VAL B 467 -40.87 -17.85 16.48
N GLY B 468 -40.28 -18.69 17.35
CA GLY B 468 -39.21 -19.60 16.99
C GLY B 468 -37.96 -19.33 17.83
N THR B 469 -36.86 -20.00 17.47
CA THR B 469 -35.63 -20.07 18.24
C THR B 469 -34.39 -19.95 17.34
N TRP B 470 -33.26 -19.62 17.96
CA TRP B 470 -31.92 -19.65 17.38
C TRP B 470 -31.09 -20.58 18.28
N HIS B 471 -30.58 -21.67 17.70
CA HIS B 471 -29.80 -22.70 18.39
C HIS B 471 -28.50 -22.94 17.63
N GLU B 472 -27.36 -22.52 18.21
CA GLU B 472 -26.00 -22.84 17.75
C GLU B 472 -25.70 -22.41 16.29
N GLY B 473 -26.34 -21.32 15.83
CA GLY B 473 -26.20 -20.81 14.46
C GLY B 473 -27.35 -21.26 13.54
N VAL B 474 -28.12 -22.31 13.90
CA VAL B 474 -29.36 -22.68 13.21
C VAL B 474 -30.48 -21.76 13.67
N LEU B 475 -31.09 -21.04 12.72
CA LEU B 475 -32.25 -20.18 12.97
C LEU B 475 -33.54 -20.90 12.53
N ASN B 476 -34.55 -20.82 13.38
CA ASN B 476 -35.73 -21.68 13.38
C ASN B 476 -36.99 -20.83 13.64
N ILE B 477 -37.15 -19.74 12.89
CA ILE B 477 -38.38 -18.93 12.87
C ILE B 477 -39.48 -19.65 12.07
N ASP B 478 -40.75 -19.48 12.47
CA ASP B 478 -41.91 -19.83 11.64
C ASP B 478 -42.68 -18.52 11.37
N ASP B 479 -42.83 -18.18 10.08
CA ASP B 479 -43.37 -16.89 9.64
C ASP B 479 -44.86 -16.67 9.92
N TYR B 480 -45.63 -17.75 10.12
CA TYR B 480 -47.08 -17.71 10.31
C TYR B 480 -47.54 -17.26 11.71
N LYS B 481 -46.58 -16.88 12.57
CA LYS B 481 -46.82 -16.21 13.85
C LYS B 481 -46.12 -14.84 13.92
N ILE B 482 -45.42 -14.38 12.87
CA ILE B 482 -44.65 -13.14 12.88
C ILE B 482 -45.23 -12.13 11.87
N GLN B 483 -45.25 -10.85 12.30
CA GLN B 483 -45.37 -9.62 11.51
C GLN B 483 -46.74 -9.36 10.82
N MET B 484 -47.48 -10.42 10.46
CA MET B 484 -48.83 -10.42 9.87
C MET B 484 -48.99 -9.50 8.64
N ASN B 485 -47.97 -9.47 7.77
CA ASN B 485 -47.91 -8.59 6.62
C ASN B 485 -47.02 -9.24 5.54
N LYS B 486 -47.53 -9.25 4.29
CA LYS B 486 -46.92 -9.93 3.15
C LYS B 486 -45.69 -9.20 2.60
N SER B 487 -45.82 -7.90 2.34
CA SER B 487 -44.70 -7.11 1.84
C SER B 487 -44.00 -6.41 3.00
N GLY B 488 -44.75 -5.63 3.76
CA GLY B 488 -44.23 -4.91 4.90
C GLY B 488 -42.97 -4.11 4.59
N VAL B 489 -41.93 -4.33 5.37
CA VAL B 489 -40.66 -3.64 5.18
C VAL B 489 -40.02 -4.04 3.85
N VAL B 490 -39.86 -3.06 2.96
CA VAL B 490 -39.26 -3.30 1.66
C VAL B 490 -37.76 -3.60 1.77
N ARG B 491 -37.23 -4.30 0.78
CA ARG B 491 -35.81 -4.65 0.77
C ARG B 491 -34.95 -3.40 0.93
N SER B 492 -34.57 -3.11 2.17
CA SER B 492 -33.75 -1.95 2.48
C SER B 492 -32.36 -2.05 1.89
N VAL B 493 -32.26 -1.93 0.57
CA VAL B 493 -30.99 -2.00 -0.11
C VAL B 493 -30.81 -0.62 -0.76
N CYS B 494 -29.61 -0.03 -0.56
CA CYS B 494 -29.21 1.31 -0.98
C CYS B 494 -29.33 1.61 -2.50
N SER B 495 -29.50 0.56 -3.31
CA SER B 495 -30.13 0.57 -4.64
C SER B 495 -30.99 -0.71 -4.72
N GLU B 496 -31.98 -0.76 -5.63
CA GLU B 496 -32.68 -2.02 -5.94
C GLU B 496 -31.75 -3.08 -6.60
N PRO B 497 -32.18 -4.37 -6.68
CA PRO B 497 -31.42 -5.43 -7.38
C PRO B 497 -31.37 -5.17 -8.89
N CYS B 498 -30.42 -4.31 -9.24
CA CYS B 498 -30.13 -3.67 -10.50
C CYS B 498 -29.70 -4.63 -11.63
N LEU B 499 -29.50 -5.92 -11.30
CA LEU B 499 -29.17 -6.98 -12.24
C LEU B 499 -30.40 -7.30 -13.10
N LYS B 500 -30.33 -6.88 -14.37
CA LYS B 500 -31.30 -7.21 -15.41
C LYS B 500 -30.51 -7.82 -16.58
N GLY B 501 -31.11 -7.82 -17.77
CA GLY B 501 -30.45 -8.22 -19.01
C GLY B 501 -29.44 -7.14 -19.41
N GLN B 502 -28.17 -7.40 -19.10
CA GLN B 502 -26.98 -6.77 -19.69
C GLN B 502 -26.82 -5.30 -19.34
N ILE B 503 -26.66 -5.11 -18.03
CA ILE B 503 -26.63 -3.82 -17.35
C ILE B 503 -25.21 -3.58 -16.84
N LYS B 504 -24.67 -2.38 -17.17
CA LYS B 504 -23.41 -1.89 -16.63
C LYS B 504 -23.55 -1.55 -15.15
N VAL B 505 -22.48 -1.87 -14.44
CA VAL B 505 -22.39 -1.66 -13.02
C VAL B 505 -21.17 -0.75 -12.81
N ILE B 506 -21.44 0.48 -12.34
CA ILE B 506 -20.42 1.41 -11.86
C ILE B 506 -19.89 1.04 -10.45
N ARG B 507 -20.48 -0.02 -9.85
CA ARG B 507 -20.27 -0.55 -8.50
C ARG B 507 -20.82 0.36 -7.38
N LYS B 508 -21.01 1.66 -7.67
CA LYS B 508 -21.34 2.77 -6.77
C LYS B 508 -20.40 2.72 -5.55
N GLY B 509 -19.12 3.04 -5.80
CA GLY B 509 -17.92 2.77 -4.98
C GLY B 509 -18.04 2.96 -3.45
N GLU B 510 -19.01 3.75 -2.98
CA GLU B 510 -19.43 3.93 -1.59
C GLU B 510 -19.85 2.61 -0.89
N VAL B 511 -20.31 1.62 -1.67
CA VAL B 511 -20.61 0.24 -1.27
C VAL B 511 -20.87 -0.62 -2.52
N SER B 512 -20.21 -1.79 -2.58
CA SER B 512 -20.28 -2.74 -3.68
C SER B 512 -21.69 -3.30 -3.98
N CYS B 513 -22.34 -3.89 -2.96
CA CYS B 513 -23.61 -4.62 -3.07
C CYS B 513 -24.81 -3.75 -3.52
N CYS B 514 -24.79 -2.46 -3.15
CA CYS B 514 -25.83 -1.49 -3.49
C CYS B 514 -25.42 -0.67 -4.72
N TRP B 515 -24.91 -1.33 -5.78
CA TRP B 515 -24.48 -0.65 -7.00
C TRP B 515 -25.63 0.02 -7.75
N ILE B 516 -25.38 1.21 -8.29
CA ILE B 516 -26.29 1.86 -9.23
C ILE B 516 -26.12 1.22 -10.61
N CYS B 517 -27.24 0.70 -11.14
CA CYS B 517 -27.37 0.25 -12.52
C CYS B 517 -27.23 1.41 -13.50
N THR B 518 -26.48 1.15 -14.57
CA THR B 518 -26.30 2.05 -15.70
C THR B 518 -26.36 1.18 -16.97
N ALA B 519 -26.65 1.81 -18.12
CA ALA B 519 -26.76 1.09 -19.38
C ALA B 519 -25.36 0.80 -19.96
N CYS B 520 -25.09 -0.47 -20.30
CA CYS B 520 -23.93 -0.88 -21.12
C CYS B 520 -23.97 -0.18 -22.47
N LYS B 521 -22.81 0.36 -22.90
CA LYS B 521 -22.59 0.90 -24.23
C LYS B 521 -22.83 -0.18 -25.31
N GLU B 522 -23.11 0.27 -26.55
CA GLU B 522 -23.18 -0.56 -27.75
C GLU B 522 -21.98 -1.50 -27.99
N ASN B 523 -20.77 -1.08 -27.56
CA ASN B 523 -19.54 -1.86 -27.67
C ASN B 523 -19.14 -2.54 -26.34
N GLU B 524 -19.74 -2.15 -25.19
CA GLU B 524 -19.40 -2.77 -23.91
C GLU B 524 -20.05 -4.14 -23.67
N TYR B 525 -19.36 -4.95 -22.86
CA TYR B 525 -19.77 -6.27 -22.39
C TYR B 525 -19.27 -6.48 -20.95
N VAL B 526 -20.00 -7.30 -20.19
CA VAL B 526 -19.64 -7.70 -18.83
C VAL B 526 -18.69 -8.92 -18.82
N GLN B 527 -17.38 -8.66 -18.73
CA GLN B 527 -16.32 -9.63 -18.36
C GLN B 527 -16.59 -10.14 -16.94
N ASP B 528 -16.95 -9.18 -16.08
CA ASP B 528 -17.56 -9.32 -14.78
C ASP B 528 -18.87 -8.53 -14.89
N GLU B 529 -19.96 -9.00 -14.25
CA GLU B 529 -21.21 -8.25 -14.05
C GLU B 529 -20.94 -6.83 -13.53
N PHE B 530 -20.07 -6.76 -12.50
CA PHE B 530 -19.66 -5.55 -11.80
C PHE B 530 -18.80 -4.56 -12.60
N THR B 531 -18.39 -4.90 -13.84
CA THR B 531 -17.74 -3.98 -14.78
C THR B 531 -18.10 -4.37 -16.22
N CYS B 532 -18.97 -3.59 -16.85
CA CYS B 532 -19.16 -3.60 -18.31
C CYS B 532 -18.07 -2.73 -18.93
N LYS B 533 -17.29 -3.29 -19.87
CA LYS B 533 -16.15 -2.65 -20.54
C LYS B 533 -16.12 -3.06 -22.02
N ALA B 534 -15.54 -2.17 -22.85
CA ALA B 534 -15.55 -2.21 -24.31
C ALA B 534 -14.96 -3.49 -24.92
N CYS B 535 -15.56 -3.93 -26.03
CA CYS B 535 -15.04 -4.98 -26.89
C CYS B 535 -14.01 -4.45 -27.89
N ASP B 536 -13.40 -5.40 -28.60
CA ASP B 536 -12.52 -5.22 -29.74
C ASP B 536 -13.27 -4.60 -30.94
N LEU B 537 -12.55 -3.81 -31.76
CA LEU B 537 -13.05 -3.17 -32.98
C LEU B 537 -13.37 -4.21 -34.07
N GLY B 538 -14.55 -4.08 -34.71
CA GLY B 538 -15.06 -5.05 -35.69
C GLY B 538 -15.67 -6.29 -35.02
N TRP B 539 -15.53 -6.41 -33.69
CA TRP B 539 -16.03 -7.51 -32.88
C TRP B 539 -16.99 -6.93 -31.86
N TRP B 540 -18.24 -6.66 -32.28
CA TRP B 540 -19.32 -6.19 -31.40
C TRP B 540 -19.55 -7.16 -30.21
N PRO B 541 -19.93 -6.64 -29.04
CA PRO B 541 -20.17 -7.45 -27.84
C PRO B 541 -21.37 -8.38 -28.03
N ASN B 542 -21.10 -9.69 -28.16
CA ASN B 542 -22.08 -10.75 -28.40
C ASN B 542 -23.28 -10.73 -27.44
N ALA B 543 -24.35 -11.46 -27.82
CA ALA B 543 -25.52 -11.69 -26.98
C ALA B 543 -25.17 -12.21 -25.57
N ASP B 544 -25.81 -11.62 -24.55
CA ASP B 544 -25.58 -11.89 -23.12
C ASP B 544 -24.20 -11.36 -22.63
N LEU B 545 -23.52 -10.52 -23.43
CA LEU B 545 -22.26 -9.84 -23.14
C LEU B 545 -21.13 -10.78 -22.65
N THR B 546 -21.09 -12.00 -23.20
CA THR B 546 -20.17 -13.08 -22.84
C THR B 546 -18.78 -13.00 -23.52
N GLY B 547 -18.41 -11.83 -24.06
CA GLY B 547 -17.22 -11.67 -24.89
C GLY B 547 -17.55 -10.76 -26.07
N CYS B 548 -16.79 -10.95 -27.14
CA CYS B 548 -16.82 -10.18 -28.39
C CYS B 548 -16.97 -11.17 -29.55
N GLU B 549 -17.68 -10.76 -30.62
CA GLU B 549 -18.04 -11.64 -31.74
C GLU B 549 -17.76 -10.96 -33.09
N PRO B 550 -17.00 -11.64 -34.00
CA PRO B 550 -16.87 -11.21 -35.39
C PRO B 550 -18.15 -11.48 -36.21
N ILE B 551 -18.28 -10.77 -37.34
CA ILE B 551 -19.48 -10.72 -38.16
C ILE B 551 -19.24 -11.21 -39.61
N PRO B 552 -20.32 -11.55 -40.35
CA PRO B 552 -20.24 -11.98 -41.77
C PRO B 552 -19.59 -10.95 -42.73
N VAL B 553 -19.04 -11.50 -43.82
CA VAL B 553 -18.18 -10.78 -44.76
C VAL B 553 -18.94 -10.50 -46.08
N ARG B 554 -18.67 -9.32 -46.68
CA ARG B 554 -19.15 -8.91 -48.00
C ARG B 554 -18.15 -9.33 -49.09
N TYR B 555 -18.36 -10.54 -49.61
CA TYR B 555 -17.75 -11.07 -50.83
C TYR B 555 -18.76 -12.00 -51.49
N LEU B 556 -18.66 -12.13 -52.82
CA LEU B 556 -19.59 -12.94 -53.61
C LEU B 556 -18.80 -13.64 -54.72
N GLU B 557 -18.65 -14.97 -54.59
CA GLU B 557 -18.05 -15.83 -55.62
C GLU B 557 -19.05 -16.13 -56.75
N TRP B 558 -20.14 -16.80 -56.37
CA TRP B 558 -21.28 -17.02 -57.25
C TRP B 558 -22.07 -15.70 -57.40
N SER B 559 -22.82 -15.59 -58.50
CA SER B 559 -23.40 -14.35 -58.97
C SER B 559 -24.64 -13.92 -58.14
N ASN B 560 -24.63 -12.66 -57.68
CA ASN B 560 -25.77 -11.89 -57.18
C ASN B 560 -26.41 -11.13 -58.35
N ILE B 561 -27.51 -10.39 -58.14
CA ILE B 561 -28.12 -9.54 -59.17
C ILE B 561 -27.19 -8.40 -59.64
N GLU B 562 -26.44 -7.81 -58.69
CA GLU B 562 -25.38 -6.83 -58.90
C GLU B 562 -24.14 -7.40 -59.63
N SER B 563 -23.93 -8.72 -59.56
CA SER B 563 -22.90 -9.44 -60.31
C SER B 563 -23.43 -10.02 -61.63
N ILE B 564 -24.76 -10.27 -61.75
CA ILE B 564 -25.44 -10.73 -62.97
C ILE B 564 -25.32 -9.69 -64.09
N ILE B 565 -25.41 -8.40 -63.73
CA ILE B 565 -25.12 -7.31 -64.65
C ILE B 565 -23.64 -7.28 -65.08
N ALA B 566 -22.69 -7.51 -64.15
CA ALA B 566 -21.25 -7.48 -64.40
C ALA B 566 -20.74 -8.63 -65.28
N ILE B 567 -21.23 -9.86 -65.02
CA ILE B 567 -20.93 -11.05 -65.83
C ILE B 567 -21.63 -10.99 -67.20
N ALA B 568 -22.81 -10.35 -67.29
CA ALA B 568 -23.49 -10.08 -68.56
C ALA B 568 -22.68 -9.10 -69.44
N PHE B 569 -22.08 -8.06 -68.83
CA PHE B 569 -21.19 -7.09 -69.50
C PHE B 569 -19.90 -7.76 -70.00
N SER B 570 -19.35 -8.68 -69.18
CA SER B 570 -18.18 -9.51 -69.51
C SER B 570 -18.43 -10.43 -70.71
N CYS B 571 -19.59 -11.10 -70.73
CA CYS B 571 -19.97 -12.09 -71.74
C CYS B 571 -20.47 -11.46 -73.05
N LEU B 572 -21.23 -10.35 -72.99
CA LEU B 572 -21.62 -9.58 -74.19
C LEU B 572 -20.41 -8.91 -74.84
N GLY B 573 -19.42 -8.52 -74.02
CA GLY B 573 -18.12 -8.01 -74.44
C GLY B 573 -17.35 -9.05 -75.27
N ILE B 574 -17.36 -10.32 -74.84
CA ILE B 574 -16.81 -11.44 -75.60
C ILE B 574 -17.57 -11.67 -76.91
N LEU B 575 -18.91 -11.69 -76.88
CA LEU B 575 -19.74 -11.91 -78.07
C LEU B 575 -19.60 -10.82 -79.14
N VAL B 576 -19.54 -9.53 -78.76
CA VAL B 576 -19.30 -8.44 -79.71
C VAL B 576 -17.89 -8.47 -80.32
N THR B 577 -16.87 -8.98 -79.60
CA THR B 577 -15.56 -9.28 -80.19
C THR B 577 -15.64 -10.42 -81.22
N LEU B 578 -16.49 -11.44 -81.02
CA LEU B 578 -16.75 -12.47 -82.03
C LEU B 578 -17.48 -11.92 -83.28
N PHE B 579 -18.36 -10.92 -83.10
CA PHE B 579 -18.98 -10.19 -84.21
C PHE B 579 -18.02 -9.32 -85.01
N VAL B 580 -17.10 -8.58 -84.34
CA VAL B 580 -16.11 -7.77 -85.07
C VAL B 580 -15.06 -8.65 -85.78
N THR B 581 -14.71 -9.85 -85.25
CA THR B 581 -13.92 -10.85 -85.99
C THR B 581 -14.68 -11.43 -87.21
N LEU B 582 -16.01 -11.62 -87.14
CA LEU B 582 -16.82 -12.06 -88.28
C LEU B 582 -16.76 -11.09 -89.48
N ILE B 583 -16.69 -9.78 -89.20
CA ILE B 583 -16.54 -8.73 -90.21
C ILE B 583 -15.05 -8.40 -90.50
N PHE B 584 -14.10 -9.05 -89.81
CA PHE B 584 -12.66 -8.77 -89.89
C PHE B 584 -11.79 -9.93 -90.43
N VAL B 585 -11.78 -11.08 -89.72
CA VAL B 585 -10.89 -12.20 -90.03
C VAL B 585 -11.50 -13.19 -91.04
N LEU B 586 -12.83 -13.41 -90.96
CA LEU B 586 -13.58 -14.17 -91.96
C LEU B 586 -13.78 -13.35 -93.25
N TYR B 587 -13.94 -12.03 -93.11
CA TYR B 587 -14.08 -11.08 -94.21
C TYR B 587 -12.74 -10.35 -94.40
N ARG B 588 -11.84 -10.94 -95.20
CA ARG B 588 -10.51 -10.40 -95.50
C ARG B 588 -10.50 -9.30 -96.57
N ASP B 589 -11.68 -8.89 -97.09
CA ASP B 589 -11.84 -7.79 -98.06
C ASP B 589 -11.87 -6.41 -97.37
N THR B 590 -10.87 -6.20 -96.50
CA THR B 590 -10.55 -4.98 -95.77
C THR B 590 -9.42 -4.26 -96.56
N PRO B 591 -9.51 -2.93 -96.80
CA PRO B 591 -8.42 -2.17 -97.45
C PRO B 591 -7.10 -2.13 -96.66
N VAL B 592 -7.17 -1.76 -95.38
CA VAL B 592 -6.01 -1.56 -94.50
C VAL B 592 -5.29 -2.88 -94.18
N VAL B 593 -6.02 -3.86 -93.63
CA VAL B 593 -5.47 -5.18 -93.36
C VAL B 593 -5.42 -6.03 -94.65
N LYS B 594 -4.46 -6.97 -94.68
CA LYS B 594 -4.00 -7.73 -95.85
C LYS B 594 -3.01 -6.93 -96.72
N SER B 595 -2.89 -5.59 -96.49
CA SER B 595 -1.72 -4.79 -96.84
C SER B 595 -0.82 -4.65 -95.60
N SER B 596 -1.43 -4.34 -94.44
CA SER B 596 -0.81 -4.35 -93.12
C SER B 596 -1.06 -5.70 -92.41
N SER B 597 -0.37 -5.91 -91.28
CA SER B 597 -0.47 -7.13 -90.47
C SER B 597 -1.86 -7.29 -89.84
N ARG B 598 -2.46 -8.48 -90.05
CA ARG B 598 -3.74 -8.89 -89.44
C ARG B 598 -3.64 -9.11 -87.92
N GLU B 599 -2.44 -9.45 -87.44
CA GLU B 599 -2.15 -9.80 -86.05
C GLU B 599 -2.13 -8.60 -85.10
N LEU B 600 -1.85 -7.39 -85.63
CA LEU B 600 -1.87 -6.15 -84.86
C LEU B 600 -3.30 -5.62 -84.63
N CYS B 601 -4.20 -5.85 -85.60
CA CYS B 601 -5.63 -5.57 -85.43
C CYS B 601 -6.31 -6.65 -84.56
N TYR B 602 -5.77 -7.88 -84.57
CA TYR B 602 -6.23 -9.00 -83.75
C TYR B 602 -5.76 -8.94 -82.29
N ILE B 603 -4.54 -8.43 -82.03
CA ILE B 603 -3.98 -8.33 -80.69
C ILE B 603 -4.69 -7.27 -79.81
N ILE B 604 -5.53 -6.42 -80.43
CA ILE B 604 -6.52 -5.60 -79.73
C ILE B 604 -7.50 -6.48 -78.96
N LEU B 605 -8.18 -7.38 -79.68
CA LEU B 605 -9.15 -8.33 -79.15
C LEU B 605 -8.48 -9.32 -78.17
N ALA B 606 -7.28 -9.82 -78.51
CA ALA B 606 -6.46 -10.69 -77.66
C ALA B 606 -6.07 -10.06 -76.32
N GLY B 607 -5.79 -8.74 -76.33
CA GLY B 607 -5.38 -7.99 -75.16
C GLY B 607 -6.59 -7.65 -74.28
N ILE B 608 -7.67 -7.11 -74.87
CA ILE B 608 -8.88 -6.73 -74.14
C ILE B 608 -9.72 -7.94 -73.68
N PHE B 609 -9.48 -9.16 -74.20
CA PHE B 609 -10.12 -10.41 -73.75
C PHE B 609 -10.09 -10.58 -72.21
N LEU B 610 -8.89 -10.42 -71.64
CA LEU B 610 -8.66 -10.44 -70.20
C LEU B 610 -9.24 -9.20 -69.49
N GLY B 611 -9.23 -8.02 -70.15
CA GLY B 611 -9.80 -6.77 -69.65
C GLY B 611 -11.33 -6.87 -69.44
N TYR B 612 -12.04 -7.47 -70.40
CA TYR B 612 -13.48 -7.81 -70.31
C TYR B 612 -13.75 -9.01 -69.38
N VAL B 613 -12.75 -9.85 -69.08
CA VAL B 613 -12.82 -10.92 -68.08
C VAL B 613 -12.52 -10.43 -66.65
N CYS B 614 -12.03 -9.17 -66.48
CA CYS B 614 -11.83 -8.54 -65.17
C CYS B 614 -13.08 -8.63 -64.28
N PRO B 615 -14.27 -8.13 -64.70
CA PRO B 615 -15.52 -8.24 -63.90
C PRO B 615 -15.96 -9.66 -63.50
N PHE B 616 -15.61 -10.68 -64.30
CA PHE B 616 -15.98 -12.08 -64.04
C PHE B 616 -15.32 -12.70 -62.79
N THR B 617 -14.02 -12.46 -62.60
CA THR B 617 -13.22 -13.03 -61.51
C THR B 617 -12.66 -11.96 -60.54
N LEU B 618 -13.09 -10.68 -60.71
CA LEU B 618 -12.83 -9.57 -59.79
C LEU B 618 -13.82 -9.60 -58.63
N ILE B 619 -15.11 -9.70 -58.97
CA ILE B 619 -16.21 -9.79 -58.01
C ILE B 619 -16.33 -11.28 -57.64
N ALA B 620 -15.47 -11.70 -56.70
CA ALA B 620 -15.15 -13.09 -56.39
C ALA B 620 -14.87 -13.28 -54.90
N LYS B 621 -14.63 -14.53 -54.48
CA LYS B 621 -14.08 -14.83 -53.15
C LYS B 621 -12.57 -14.54 -53.10
N PRO B 622 -12.08 -13.95 -51.97
CA PRO B 622 -10.65 -13.96 -51.64
C PRO B 622 -10.13 -15.36 -51.25
N THR B 623 -9.45 -16.03 -52.19
CA THR B 623 -8.64 -17.24 -51.98
C THR B 623 -7.27 -17.01 -52.62
N THR B 624 -6.21 -17.68 -52.14
CA THR B 624 -4.84 -17.49 -52.61
C THR B 624 -4.62 -17.59 -54.14
N THR B 625 -5.42 -18.40 -54.87
CA THR B 625 -5.37 -18.49 -56.33
C THR B 625 -6.35 -17.54 -57.04
N SER B 626 -7.55 -17.32 -56.48
CA SER B 626 -8.61 -16.50 -57.11
C SER B 626 -8.43 -14.99 -56.86
N CYS B 627 -7.93 -14.63 -55.66
CA CYS B 627 -7.53 -13.28 -55.28
C CYS B 627 -6.14 -12.93 -55.85
N TYR B 628 -5.29 -13.94 -56.11
CA TYR B 628 -4.09 -13.81 -56.96
C TYR B 628 -4.45 -13.53 -58.42
N LEU B 629 -5.43 -14.28 -58.96
CA LEU B 629 -5.98 -14.03 -60.28
C LEU B 629 -6.59 -12.63 -60.38
N GLN B 630 -7.22 -12.12 -59.30
CA GLN B 630 -7.67 -10.73 -59.17
C GLN B 630 -6.54 -9.70 -59.05
N ARG B 631 -5.36 -10.06 -58.49
CA ARG B 631 -4.15 -9.22 -58.60
C ARG B 631 -3.58 -9.20 -60.01
N LEU B 632 -3.74 -10.31 -60.76
CA LEU B 632 -3.53 -10.34 -62.20
C LEU B 632 -4.58 -9.47 -62.92
N LEU B 633 -5.83 -9.35 -62.42
CA LEU B 633 -6.84 -8.46 -63.00
C LEU B 633 -6.49 -6.97 -62.85
N VAL B 634 -6.01 -6.58 -61.65
CA VAL B 634 -5.59 -5.21 -61.34
C VAL B 634 -4.25 -4.84 -62.01
N GLY B 635 -3.36 -5.83 -62.20
CA GLY B 635 -1.98 -5.64 -62.63
C GLY B 635 -1.78 -5.99 -64.11
N LEU B 636 -1.85 -7.29 -64.41
CA LEU B 636 -1.35 -7.92 -65.64
C LEU B 636 -2.39 -8.01 -66.78
N SER B 637 -3.66 -8.18 -66.44
CA SER B 637 -4.82 -8.20 -67.33
C SER B 637 -5.14 -6.80 -67.85
N SER B 638 -5.06 -5.81 -66.93
CA SER B 638 -5.12 -4.39 -67.24
C SER B 638 -3.91 -3.93 -68.07
N ALA B 639 -2.72 -4.52 -67.78
CA ALA B 639 -1.52 -4.36 -68.61
C ALA B 639 -1.70 -4.93 -70.02
N MET B 640 -2.41 -6.07 -70.17
CA MET B 640 -2.68 -6.69 -71.47
C MET B 640 -3.78 -5.96 -72.27
N CYS B 641 -4.81 -5.44 -71.59
CA CYS B 641 -5.88 -4.63 -72.20
C CYS B 641 -5.40 -3.24 -72.67
N TYR B 642 -4.30 -2.74 -72.08
CA TYR B 642 -3.57 -1.57 -72.56
C TYR B 642 -2.37 -1.94 -73.45
N SER B 643 -1.95 -3.22 -73.47
CA SER B 643 -0.98 -3.75 -74.44
C SER B 643 -1.58 -3.75 -75.85
N ALA B 644 -2.91 -3.99 -75.93
CA ALA B 644 -3.76 -3.75 -77.09
C ALA B 644 -3.65 -2.30 -77.60
N LEU B 645 -3.97 -1.31 -76.75
CA LEU B 645 -3.95 0.11 -77.10
C LEU B 645 -2.57 0.63 -77.57
N VAL B 646 -1.49 0.25 -76.86
CA VAL B 646 -0.13 0.67 -77.22
C VAL B 646 0.38 0.01 -78.51
N THR B 647 0.01 -1.24 -78.83
CA THR B 647 0.38 -1.82 -80.13
C THR B 647 -0.25 -1.06 -81.30
N LYS B 648 -1.57 -0.75 -81.22
CA LYS B 648 -2.35 -0.13 -82.28
C LYS B 648 -2.06 1.37 -82.50
N THR B 649 -1.64 2.08 -81.46
CA THR B 649 -1.33 3.52 -81.57
C THR B 649 0.18 3.78 -81.65
N ASN B 650 1.01 3.00 -80.93
CA ASN B 650 2.48 3.13 -80.97
C ASN B 650 3.12 2.53 -82.23
N ARG B 651 2.39 1.69 -83.00
CA ARG B 651 2.84 1.26 -84.33
C ARG B 651 2.91 2.44 -85.30
N ILE B 652 1.82 3.21 -85.43
CA ILE B 652 1.83 4.44 -86.22
C ILE B 652 2.68 5.56 -85.58
N ALA B 653 2.87 5.56 -84.25
CA ALA B 653 3.72 6.52 -83.55
C ALA B 653 5.21 6.33 -83.87
N ARG B 654 5.68 5.06 -83.86
CA ARG B 654 7.06 4.70 -84.21
C ARG B 654 7.31 4.80 -85.72
N ILE B 655 6.28 4.50 -86.54
CA ILE B 655 6.29 4.76 -87.98
C ILE B 655 6.27 6.26 -88.30
N LEU B 656 5.63 7.10 -87.46
CA LEU B 656 5.68 8.57 -87.51
C LEU B 656 7.12 9.07 -87.36
N ALA B 657 7.80 8.63 -86.29
CA ALA B 657 9.20 8.93 -85.99
C ALA B 657 10.22 8.39 -87.02
N GLY B 658 9.83 7.37 -87.80
CA GLY B 658 10.70 6.71 -88.76
C GLY B 658 10.36 7.06 -90.22
N SER B 659 9.20 7.66 -90.51
CA SER B 659 8.78 8.05 -91.86
C SER B 659 9.08 9.53 -92.12
N LYS B 660 8.61 10.04 -93.26
CA LYS B 660 8.76 11.43 -93.68
C LYS B 660 7.98 12.45 -92.81
N LYS B 661 6.90 12.00 -92.17
CA LYS B 661 5.96 12.85 -91.42
C LYS B 661 6.55 13.42 -90.11
N LYS B 662 7.57 12.76 -89.54
CA LYS B 662 8.35 13.26 -88.40
C LYS B 662 9.72 12.58 -88.44
N ILE B 663 10.79 13.37 -88.24
CA ILE B 663 12.17 12.89 -88.33
C ILE B 663 12.87 13.02 -86.96
N CYS B 664 13.67 12.01 -86.63
CA CYS B 664 14.49 11.90 -85.44
C CYS B 664 15.96 11.62 -85.81
N THR B 665 16.83 11.60 -84.79
CA THR B 665 18.29 11.52 -84.93
C THR B 665 18.85 10.15 -85.40
N ARG B 666 18.14 9.05 -85.14
CA ARG B 666 18.51 7.69 -85.56
C ARG B 666 17.39 7.07 -86.42
N LYS B 667 17.57 5.78 -86.77
CA LYS B 667 16.58 4.97 -87.48
C LYS B 667 16.16 3.78 -86.59
N PRO B 668 15.23 3.99 -85.63
CA PRO B 668 14.72 2.90 -84.78
C PRO B 668 13.56 2.13 -85.45
N ARG B 669 13.83 1.47 -86.60
CA ARG B 669 12.89 0.55 -87.23
C ARG B 669 13.63 -0.31 -88.26
N PHE B 670 13.23 -1.58 -88.31
CA PHE B 670 13.70 -2.56 -89.29
C PHE B 670 12.89 -2.50 -90.60
N MET B 671 13.27 -3.37 -91.54
CA MET B 671 12.78 -3.44 -92.92
C MET B 671 11.44 -4.20 -93.11
N SER B 672 10.84 -4.74 -92.04
CA SER B 672 9.64 -5.58 -92.11
C SER B 672 8.68 -5.29 -90.95
N ALA B 673 7.39 -5.56 -91.19
CA ALA B 673 6.29 -5.45 -90.23
C ALA B 673 6.27 -6.57 -89.17
N TRP B 674 6.84 -7.76 -89.47
CA TRP B 674 7.04 -8.83 -88.47
C TRP B 674 8.10 -8.47 -87.42
N ALA B 675 9.07 -7.62 -87.78
CA ALA B 675 9.99 -6.99 -86.84
C ALA B 675 9.31 -5.90 -86.01
N GLN B 676 8.34 -5.17 -86.59
CA GLN B 676 7.54 -4.17 -85.90
C GLN B 676 6.54 -4.77 -84.89
N VAL B 677 6.12 -6.03 -85.10
CA VAL B 677 5.28 -6.78 -84.17
C VAL B 677 6.03 -7.14 -82.88
N ILE B 678 7.26 -7.66 -82.99
CA ILE B 678 8.10 -7.95 -81.81
C ILE B 678 8.63 -6.67 -81.13
N ILE B 679 8.79 -5.56 -81.88
CA ILE B 679 9.08 -4.22 -81.35
C ILE B 679 7.91 -3.66 -80.51
N ALA B 680 6.66 -3.87 -80.98
CA ALA B 680 5.46 -3.56 -80.22
C ALA B 680 5.33 -4.43 -78.96
N SER B 681 5.77 -5.71 -79.07
CA SER B 681 5.87 -6.66 -77.97
C SER B 681 6.93 -6.32 -76.91
N ILE B 682 7.90 -5.42 -77.21
CA ILE B 682 8.80 -4.85 -76.21
C ILE B 682 8.01 -3.97 -75.22
N LEU B 683 7.07 -3.15 -75.74
CA LEU B 683 6.18 -2.32 -74.93
C LEU B 683 5.14 -3.14 -74.14
N ILE B 684 4.67 -4.26 -74.71
CA ILE B 684 3.83 -5.25 -74.02
C ILE B 684 4.60 -5.91 -72.85
N SER B 685 5.89 -6.24 -73.10
CA SER B 685 6.79 -6.90 -72.15
C SER B 685 7.15 -6.02 -70.93
N VAL B 686 7.48 -4.73 -71.14
CA VAL B 686 7.80 -3.81 -70.04
C VAL B 686 6.57 -3.44 -69.20
N GLN B 687 5.37 -3.41 -69.82
CA GLN B 687 4.09 -3.17 -69.14
C GLN B 687 3.73 -4.34 -68.21
N LEU B 688 3.98 -5.57 -68.68
CA LEU B 688 3.89 -6.80 -67.91
C LEU B 688 4.94 -6.88 -66.79
N THR B 689 6.21 -6.60 -67.11
CA THR B 689 7.34 -6.78 -66.19
C THR B 689 7.29 -5.84 -64.97
N LEU B 690 6.86 -4.57 -65.17
CA LEU B 690 6.67 -3.56 -64.14
C LEU B 690 5.84 -4.04 -62.94
N VAL B 691 4.69 -4.66 -63.22
CA VAL B 691 3.76 -5.18 -62.23
C VAL B 691 4.14 -6.59 -61.73
N VAL B 692 4.89 -7.37 -62.54
CA VAL B 692 5.43 -8.68 -62.16
C VAL B 692 6.58 -8.60 -61.14
N THR B 693 7.32 -7.47 -61.06
CA THR B 693 8.30 -7.24 -59.99
C THR B 693 7.67 -7.17 -58.58
N LEU B 694 6.38 -6.80 -58.49
CA LEU B 694 5.66 -6.66 -57.22
C LEU B 694 5.06 -7.99 -56.73
N ILE B 695 4.70 -8.92 -57.64
CA ILE B 695 4.02 -10.17 -57.29
C ILE B 695 4.91 -11.16 -56.50
N ILE B 696 6.24 -11.08 -56.69
CA ILE B 696 7.23 -11.85 -55.94
C ILE B 696 7.55 -11.27 -54.55
N MET B 697 7.28 -9.96 -54.34
CA MET B 697 7.48 -9.27 -53.06
C MET B 697 6.28 -9.47 -52.13
N GLU B 698 5.07 -9.16 -52.62
CA GLU B 698 3.82 -9.40 -51.91
C GLU B 698 3.07 -10.57 -52.58
N PRO B 699 3.10 -11.78 -51.98
CA PRO B 699 2.06 -12.78 -52.28
C PRO B 699 0.69 -12.28 -51.75
N PRO B 700 -0.39 -12.44 -52.54
CA PRO B 700 -1.70 -11.85 -52.20
C PRO B 700 -2.40 -12.58 -51.05
N MET B 701 -2.40 -11.93 -49.89
CA MET B 701 -3.01 -12.44 -48.66
C MET B 701 -4.30 -11.66 -48.37
N PRO B 702 -5.39 -12.38 -48.00
CA PRO B 702 -6.68 -11.74 -47.66
C PRO B 702 -6.62 -11.00 -46.32
N ILE B 703 -6.65 -9.66 -46.37
CA ILE B 703 -6.66 -8.80 -45.19
C ILE B 703 -8.10 -8.51 -44.74
N LEU B 704 -8.37 -8.74 -43.44
CA LEU B 704 -9.64 -8.42 -42.79
C LEU B 704 -9.59 -6.95 -42.32
N SER B 705 -9.50 -6.03 -43.30
CA SER B 705 -9.55 -4.59 -43.12
C SER B 705 -11.00 -4.18 -42.78
N TYR B 706 -11.26 -3.89 -41.50
CA TYR B 706 -12.57 -3.57 -40.96
C TYR B 706 -12.90 -2.06 -41.19
N PRO B 707 -13.78 -1.71 -42.16
CA PRO B 707 -14.16 -0.30 -42.37
C PRO B 707 -15.08 0.29 -41.28
N SER B 708 -15.69 -0.57 -40.45
CA SER B 708 -16.50 -0.20 -39.30
C SER B 708 -16.56 -1.35 -38.30
N ILE B 709 -17.22 -1.13 -37.16
CA ILE B 709 -17.56 -2.18 -36.20
C ILE B 709 -18.66 -3.13 -36.71
N LYS B 710 -19.48 -2.69 -37.68
CA LYS B 710 -20.61 -3.43 -38.25
C LYS B 710 -20.36 -3.88 -39.72
N GLU B 711 -19.09 -3.94 -40.14
CA GLU B 711 -18.68 -4.42 -41.47
C GLU B 711 -17.21 -4.86 -41.40
N VAL B 712 -16.88 -6.03 -41.98
CA VAL B 712 -15.51 -6.58 -42.02
C VAL B 712 -14.92 -6.61 -43.44
N TYR B 713 -15.80 -6.72 -44.46
CA TYR B 713 -15.59 -6.27 -45.83
C TYR B 713 -14.62 -7.07 -46.73
N LEU B 714 -13.50 -7.55 -46.15
CA LEU B 714 -12.45 -8.40 -46.72
C LEU B 714 -12.06 -8.06 -48.17
N ILE B 715 -11.25 -7.01 -48.32
CA ILE B 715 -10.54 -6.72 -49.56
C ILE B 715 -9.25 -7.58 -49.56
N CYS B 716 -8.99 -8.33 -50.64
CA CYS B 716 -7.69 -8.98 -50.92
C CYS B 716 -6.56 -7.93 -51.00
N ASN B 717 -5.29 -8.34 -50.82
CA ASN B 717 -4.08 -7.50 -50.86
C ASN B 717 -4.12 -6.36 -51.91
N THR B 718 -4.52 -5.16 -51.48
CA THR B 718 -4.72 -3.99 -52.33
C THR B 718 -4.34 -2.72 -51.56
N SER B 719 -3.87 -1.70 -52.30
CA SER B 719 -3.54 -0.37 -51.79
C SER B 719 -3.65 0.64 -52.95
N ASN B 720 -3.35 1.92 -52.67
CA ASN B 720 -3.14 2.94 -53.70
C ASN B 720 -1.93 2.60 -54.58
N LEU B 721 -0.83 2.08 -54.00
CA LEU B 721 0.31 1.53 -54.75
C LEU B 721 -0.09 0.31 -55.62
N GLY B 722 -0.93 -0.57 -55.06
CA GLY B 722 -1.38 -1.81 -55.70
C GLY B 722 -2.24 -1.55 -56.95
N VAL B 723 -3.04 -0.47 -56.98
CA VAL B 723 -3.89 -0.12 -58.12
C VAL B 723 -3.19 0.82 -59.13
N VAL B 724 -2.27 1.70 -58.69
CA VAL B 724 -1.50 2.59 -59.58
C VAL B 724 -0.20 1.95 -60.10
N ALA B 725 0.06 0.67 -59.75
CA ALA B 725 1.22 -0.09 -60.21
C ALA B 725 1.38 -0.16 -61.75
N PRO B 726 0.28 -0.41 -62.54
CA PRO B 726 0.33 -0.30 -64.00
C PRO B 726 0.17 1.13 -64.53
N LEU B 727 -0.49 2.02 -63.76
CA LEU B 727 -0.83 3.40 -64.13
C LEU B 727 0.41 4.27 -64.44
N GLY B 728 1.52 4.01 -63.73
CA GLY B 728 2.80 4.69 -63.89
C GLY B 728 3.39 4.52 -65.29
N TYR B 729 3.18 3.36 -65.94
CA TYR B 729 3.58 3.14 -67.34
C TYR B 729 2.42 3.32 -68.32
N ASN B 730 1.15 3.21 -67.91
CA ASN B 730 0.01 3.55 -68.77
C ASN B 730 0.05 5.04 -69.17
N GLY B 731 0.43 5.91 -68.22
CA GLY B 731 0.62 7.34 -68.39
C GLY B 731 1.71 7.68 -69.41
N LEU B 732 2.83 6.94 -69.43
CA LEU B 732 3.92 7.16 -70.41
C LEU B 732 3.60 6.58 -71.79
N LEU B 733 2.88 5.43 -71.86
CA LEU B 733 2.45 4.83 -73.12
C LEU B 733 1.44 5.71 -73.85
N ILE B 734 0.42 6.21 -73.12
CA ILE B 734 -0.59 7.12 -73.67
C ILE B 734 0.02 8.46 -74.10
N MET B 735 0.97 9.02 -73.32
CA MET B 735 1.63 10.29 -73.64
C MET B 735 2.60 10.20 -74.84
N SER B 736 3.32 9.08 -74.99
CA SER B 736 4.20 8.85 -76.16
C SER B 736 3.42 8.73 -77.46
N CYS B 737 2.31 7.96 -77.42
CA CYS B 737 1.40 7.76 -78.54
C CYS B 737 0.51 8.99 -78.81
N THR B 738 0.32 9.88 -77.80
CA THR B 738 -0.34 11.18 -77.96
C THR B 738 0.58 12.20 -78.62
N TYR B 739 1.87 12.25 -78.26
CA TYR B 739 2.85 13.17 -78.86
C TYR B 739 3.09 12.92 -80.36
N TYR B 740 3.03 11.64 -80.76
CA TYR B 740 3.12 11.19 -82.14
C TYR B 740 1.72 10.91 -82.76
N ALA B 741 0.63 11.36 -82.10
CA ALA B 741 -0.73 11.37 -82.67
C ALA B 741 -1.48 12.68 -82.39
N PHE B 742 -0.76 13.75 -81.99
CA PHE B 742 -1.34 15.00 -81.52
C PHE B 742 -2.01 15.78 -82.66
N LYS B 743 -1.28 15.89 -83.79
CA LYS B 743 -1.76 16.48 -85.03
C LYS B 743 -1.75 15.47 -86.19
N THR B 744 -1.45 14.19 -85.92
CA THR B 744 -1.67 13.09 -86.86
C THR B 744 -3.17 12.85 -87.15
N ARG B 745 -4.05 13.31 -86.25
CA ARG B 745 -5.49 13.44 -86.45
C ARG B 745 -5.86 14.25 -87.71
N ASN B 746 -5.15 15.37 -87.93
CA ASN B 746 -5.39 16.29 -89.05
C ASN B 746 -4.86 15.75 -90.39
N VAL B 747 -3.93 14.79 -90.35
CA VAL B 747 -3.36 14.15 -91.53
C VAL B 747 -4.41 13.22 -92.17
N PRO B 748 -4.57 13.29 -93.51
CA PRO B 748 -5.48 12.39 -94.24
C PRO B 748 -5.00 10.93 -94.21
N ALA B 749 -5.46 10.18 -93.19
CA ALA B 749 -5.34 8.73 -93.09
C ALA B 749 -6.23 8.03 -94.12
N ASN B 750 -6.21 6.67 -94.12
CA ASN B 750 -6.96 5.78 -95.01
C ASN B 750 -8.44 6.20 -95.22
N PHE B 751 -9.11 6.59 -94.13
CA PHE B 751 -10.38 7.30 -94.14
C PHE B 751 -10.49 8.11 -92.82
N ASN B 752 -9.45 8.93 -92.54
CA ASN B 752 -9.39 9.81 -91.35
C ASN B 752 -9.34 9.03 -90.01
N GLU B 753 -8.86 7.78 -90.03
CA GLU B 753 -8.79 6.88 -88.87
C GLU B 753 -7.79 7.30 -87.78
N ALA B 754 -6.81 8.16 -88.12
CA ALA B 754 -5.93 8.79 -87.15
C ALA B 754 -6.66 9.76 -86.21
N LYS B 755 -7.71 10.43 -86.73
CA LYS B 755 -8.57 11.33 -85.96
C LYS B 755 -9.55 10.56 -85.08
N TYR B 756 -10.03 9.40 -85.55
CA TYR B 756 -10.78 8.43 -84.75
C TYR B 756 -9.95 7.94 -83.55
N ILE B 757 -8.69 7.52 -83.78
CA ILE B 757 -7.76 7.06 -82.74
C ILE B 757 -7.46 8.16 -81.71
N ALA B 758 -7.22 9.40 -82.19
CA ALA B 758 -7.00 10.59 -81.36
C ALA B 758 -8.21 10.96 -80.48
N PHE B 759 -9.43 10.73 -80.98
CA PHE B 759 -10.66 10.94 -80.22
C PHE B 759 -10.95 9.82 -79.22
N THR B 760 -10.65 8.56 -79.57
CA THR B 760 -10.80 7.42 -78.65
C THR B 760 -9.84 7.50 -77.45
N MET B 761 -8.57 7.87 -77.68
CA MET B 761 -7.61 8.08 -76.59
C MET B 761 -7.98 9.28 -75.70
N TYR B 762 -8.53 10.35 -76.30
CA TYR B 762 -8.91 11.58 -75.60
C TYR B 762 -10.09 11.37 -74.63
N THR B 763 -11.10 10.59 -75.06
CA THR B 763 -12.25 10.23 -74.24
C THR B 763 -11.90 9.21 -73.14
N THR B 764 -11.07 8.19 -73.44
CA THR B 764 -10.68 7.15 -72.48
C THR B 764 -9.68 7.64 -71.41
N CYS B 765 -8.72 8.51 -71.77
CA CYS B 765 -7.67 8.96 -70.86
C CYS B 765 -8.23 9.74 -69.65
N ILE B 766 -9.08 10.75 -69.91
CA ILE B 766 -9.64 11.66 -68.90
C ILE B 766 -10.56 10.98 -67.87
N ILE B 767 -11.39 10.01 -68.30
CA ILE B 767 -12.23 9.22 -67.41
C ILE B 767 -11.42 8.18 -66.61
N TRP B 768 -10.27 7.74 -67.14
CA TRP B 768 -9.35 6.84 -66.46
C TRP B 768 -8.50 7.54 -65.39
N LEU B 769 -8.28 8.86 -65.53
CA LEU B 769 -7.75 9.71 -64.47
C LEU B 769 -8.83 9.96 -63.39
N ALA B 770 -10.06 10.28 -63.83
CA ALA B 770 -11.23 10.56 -62.97
C ALA B 770 -11.82 9.33 -62.27
N PHE B 771 -11.25 8.14 -62.49
CA PHE B 771 -11.51 6.93 -61.71
C PHE B 771 -11.09 7.08 -60.23
N VAL B 772 -9.85 7.54 -59.99
CA VAL B 772 -9.24 7.53 -58.67
C VAL B 772 -9.82 8.47 -57.59
N PRO B 773 -10.42 9.66 -57.92
CA PRO B 773 -11.23 10.40 -56.93
C PRO B 773 -12.54 9.69 -56.52
N ILE B 774 -13.13 8.89 -57.42
CA ILE B 774 -14.30 8.06 -57.13
C ILE B 774 -13.92 6.80 -56.33
N TYR B 775 -12.74 6.21 -56.59
CA TYR B 775 -12.15 5.13 -55.79
C TYR B 775 -11.87 5.54 -54.33
N PHE B 776 -11.56 6.83 -54.12
CA PHE B 776 -11.30 7.39 -52.79
C PHE B 776 -12.59 7.81 -52.07
N GLY B 777 -13.57 8.36 -52.82
CA GLY B 777 -14.85 8.83 -52.29
C GLY B 777 -15.78 7.66 -51.98
N SER B 778 -16.10 6.84 -53.00
CA SER B 778 -16.90 5.62 -52.87
C SER B 778 -16.03 4.46 -52.40
N ASN B 779 -16.56 3.69 -51.42
CA ASN B 779 -15.83 2.60 -50.77
C ASN B 779 -15.90 1.27 -51.53
N TYR B 780 -16.97 1.01 -52.32
CA TYR B 780 -17.13 -0.23 -53.08
C TYR B 780 -16.31 -0.23 -54.38
N LYS B 781 -14.98 -0.24 -54.19
CA LYS B 781 -13.91 -0.24 -55.18
C LYS B 781 -14.02 -1.35 -56.24
N ILE B 782 -14.55 -2.51 -55.85
CA ILE B 782 -14.75 -3.67 -56.72
C ILE B 782 -15.75 -3.37 -57.86
N ILE B 783 -16.85 -2.67 -57.53
CA ILE B 783 -17.81 -2.17 -58.51
C ILE B 783 -17.21 -1.03 -59.35
N THR B 784 -16.47 -0.08 -58.73
CA THR B 784 -15.86 1.05 -59.44
C THR B 784 -14.87 0.60 -60.53
N THR B 785 -13.96 -0.35 -60.22
CA THR B 785 -12.94 -0.85 -61.13
C THR B 785 -13.55 -1.67 -62.30
N CYS B 786 -14.52 -2.56 -62.01
CA CYS B 786 -15.20 -3.38 -63.02
C CYS B 786 -16.11 -2.55 -63.95
N PHE B 787 -16.82 -1.57 -63.38
CA PHE B 787 -17.74 -0.71 -64.10
C PHE B 787 -16.99 0.33 -64.95
N ALA B 788 -15.94 0.95 -64.39
CA ALA B 788 -15.07 1.88 -65.10
C ALA B 788 -14.31 1.23 -66.25
N VAL B 789 -13.73 0.02 -66.04
CA VAL B 789 -13.00 -0.69 -67.11
C VAL B 789 -13.94 -1.11 -68.27
N SER B 790 -15.21 -1.44 -67.96
CA SER B 790 -16.27 -1.70 -68.93
C SER B 790 -16.62 -0.45 -69.77
N LEU B 791 -16.66 0.73 -69.13
CA LEU B 791 -16.90 2.03 -69.76
C LEU B 791 -15.74 2.51 -70.64
N SER B 792 -14.49 2.15 -70.30
CA SER B 792 -13.30 2.55 -71.04
C SER B 792 -13.03 1.67 -72.27
N VAL B 793 -13.37 0.37 -72.20
CA VAL B 793 -13.17 -0.58 -73.31
C VAL B 793 -14.31 -0.57 -74.36
N THR B 794 -15.53 -0.16 -73.98
CA THR B 794 -16.68 -0.11 -74.89
C THR B 794 -16.56 1.00 -75.95
N VAL B 795 -16.05 2.19 -75.56
CA VAL B 795 -15.84 3.33 -76.46
C VAL B 795 -14.70 3.10 -77.49
N ALA B 796 -13.69 2.30 -77.12
CA ALA B 796 -12.61 1.89 -78.02
C ALA B 796 -13.12 1.01 -79.18
N LEU B 797 -14.09 0.12 -78.91
CA LEU B 797 -14.78 -0.68 -79.93
C LEU B 797 -15.79 0.18 -80.71
N GLY B 798 -16.59 0.98 -79.99
CA GLY B 798 -17.68 1.81 -80.52
C GLY B 798 -17.22 2.93 -81.47
N CYS B 799 -15.94 3.32 -81.44
CA CYS B 799 -15.39 4.47 -82.16
C CYS B 799 -14.15 4.10 -83.01
N MET B 800 -13.73 2.83 -83.03
CA MET B 800 -12.72 2.32 -83.98
C MET B 800 -13.25 1.17 -84.82
N PHE B 801 -13.80 0.14 -84.17
CA PHE B 801 -14.22 -1.10 -84.82
C PHE B 801 -15.55 -0.97 -85.55
N THR B 802 -16.52 -0.22 -85.00
CA THR B 802 -17.78 0.05 -85.70
C THR B 802 -17.64 0.96 -86.94
N PRO B 803 -16.82 2.05 -86.94
CA PRO B 803 -16.51 2.74 -88.21
C PRO B 803 -15.63 1.93 -89.18
N LYS B 804 -14.74 1.04 -88.68
CA LYS B 804 -14.00 0.09 -89.50
C LYS B 804 -14.94 -0.84 -90.29
N MET B 805 -15.90 -1.47 -89.59
CA MET B 805 -16.95 -2.31 -90.16
C MET B 805 -17.86 -1.58 -91.16
N TYR B 806 -18.28 -0.34 -90.84
CA TYR B 806 -19.23 0.44 -91.63
C TYR B 806 -18.63 1.05 -92.91
N ILE B 807 -17.34 1.41 -92.90
CA ILE B 807 -16.63 1.92 -94.07
C ILE B 807 -16.24 0.78 -95.03
N ILE B 808 -15.80 -0.35 -94.46
CA ILE B 808 -15.28 -1.50 -95.20
C ILE B 808 -16.37 -2.32 -95.93
N ILE B 809 -17.58 -2.42 -95.35
CA ILE B 809 -18.72 -3.16 -95.93
C ILE B 809 -19.32 -2.39 -97.10
#